data_8IAD
#
_entry.id   8IAD
#
_cell.length_a   1.00
_cell.length_b   1.00
_cell.length_c   1.00
_cell.angle_alpha   90.00
_cell.angle_beta   90.00
_cell.angle_gamma   90.00
#
_symmetry.space_group_name_H-M   'P 1'
#
loop_
_entity.id
_entity.type
_entity.pdbx_description
1 polymer 'Chloride channel protein CLC-a'
2 non-polymer "ADENOSINE-5'-TRIPHOSPHATE"
3 non-polymer 'MAGNESIUM ION'
4 non-polymer 'NITRATE ION'
5 non-polymer '[(2R)-2-octanoyloxy-3-[oxidanyl-[(1R,2R,3S,4R,5R,6S)-2,3,6-tris(oxidanyl)-4,5-diphosphonooxy-cyclohexyl]oxy-phosphoryl]oxy-propyl] octanoate'
#
_entity_poly.entity_id   1
_entity_poly.type   'polypeptide(L)'
_entity_poly.pdbx_seq_one_letter_code
;MDEDGNLQISNSNYNGEEEGEDPENNTLNQPLLKRHRTLSSTPLALVGAKVSHIESLDYEINENDLFKHDWRSRSKAQVF
QYIFLKWTLACLVGLFTGLIATLINLAVENIAGYKLLAVGYYIAQDRFWTGLMVFTGANLGLTLVATVLVVYFAPTAAGP
GIPEIKAYLNGIDTPNMFGFTTMMVKIVGSIGAVAAGLDLGKEGPLVHIGSCIASLLGQGGPDNHRIKWRWLRYFNNDRD
RRDLITCGSASGVCAAFRSPVGGVLFALEEVATWWRSALLWRTFFSTAVVVVVLRAFIEICNSGKCGLFGSGGLIMFDVS
HVEVRYHAADIIPVTLIGVFGGILGSLYNHLLHKVLRLYNLINQKGKIHKVLLSLGVSLFTSVCLFGLPFLAECKPCDPS
IDEICPTNGRSGNFKQFNCPNGYYNDLSTLLLTTNDDAVRNIFSSNTPNEFGMVSLWIFFGLYCILGLITFGIATPSGLF
LPIILMGSAYGRMLGTAMGSYTNIDQGLYAVLGAASLMAGSMRMTVSLCVIFLELTNNLLLLPITMFVLLIAKTVGDSFN
LSIYEIILHLKGLPFLEANPEPWMRNLTVGELNDAKPPVVTLNGVEKVANIVDVLRNTTHNAFPVLDGADQNTGTELHGL
ILRAHLVKVLKKRWFLNEKRRTEEWEVREKFTPVELAEREDNFDDVAITSSEMQLYVDLHPLTNTTPYTVVQSMSVAKAL
VLFRSVGLRHLLVVPKIQASGMSPVIGILTRQDLRAYNILQAFPHLDKHKSGKAR
;
_entity_poly.pdbx_strand_id   A,B
#
# COMPACT_ATOMS: atom_id res chain seq x y z
N ILE A 54 -4.14 12.05 -28.05
CA ILE A 54 -4.82 11.15 -27.12
C ILE A 54 -5.19 11.91 -25.83
N GLU A 55 -6.47 11.95 -25.53
CA GLU A 55 -7.00 12.86 -24.52
C GLU A 55 -6.78 12.31 -23.12
N SER A 56 -7.41 12.94 -22.12
CA SER A 56 -7.29 12.55 -20.74
C SER A 56 -8.68 12.34 -20.16
N LEU A 57 -8.76 12.03 -18.88
CA LEU A 57 -10.03 11.71 -18.25
C LEU A 57 -10.41 12.77 -17.22
N ASP A 58 -11.71 12.89 -16.99
CA ASP A 58 -12.27 13.93 -16.12
C ASP A 58 -12.44 13.36 -14.72
N TYR A 59 -11.42 13.52 -13.89
CA TYR A 59 -11.50 13.10 -12.50
C TYR A 59 -12.07 14.15 -11.59
N GLU A 60 -11.97 15.42 -11.95
CA GLU A 60 -12.31 16.52 -11.04
C GLU A 60 -13.82 16.60 -10.86
N ILE A 61 -14.24 16.64 -9.61
CA ILE A 61 -15.66 16.64 -9.25
C ILE A 61 -16.25 18.00 -9.52
N ASN A 62 -17.42 18.02 -10.15
CA ASN A 62 -18.21 19.24 -10.27
C ASN A 62 -19.12 19.35 -9.05
N GLU A 63 -19.14 20.52 -8.42
CA GLU A 63 -19.83 20.69 -7.16
C GLU A 63 -21.22 21.31 -7.32
N ASN A 64 -21.73 21.37 -8.53
CA ASN A 64 -23.06 21.92 -8.75
C ASN A 64 -24.12 20.90 -8.34
N ASP A 65 -25.31 21.41 -8.04
CA ASP A 65 -26.39 20.55 -7.60
C ASP A 65 -26.98 19.79 -8.78
N LEU A 66 -26.88 20.35 -9.97
CA LEU A 66 -27.49 19.73 -11.16
C LEU A 66 -26.79 18.45 -11.56
N PHE A 67 -25.49 18.33 -11.31
CA PHE A 67 -24.76 17.17 -11.79
C PHE A 67 -24.89 15.98 -10.87
N LYS A 68 -25.00 16.21 -9.56
CA LYS A 68 -25.06 15.16 -8.52
C LYS A 68 -23.85 14.22 -8.58
N HIS A 69 -22.66 14.82 -8.63
CA HIS A 69 -21.45 14.03 -8.74
C HIS A 69 -21.03 13.43 -7.39
N ASP A 70 -21.14 14.20 -6.31
CA ASP A 70 -20.86 13.66 -4.99
C ASP A 70 -22.00 12.76 -4.59
N TRP A 71 -21.72 11.46 -4.45
CA TRP A 71 -22.75 10.45 -4.24
C TRP A 71 -23.38 10.52 -2.86
N ARG A 72 -22.71 11.13 -1.89
CA ARG A 72 -23.30 11.29 -0.56
C ARG A 72 -24.43 12.30 -0.55
N SER A 73 -24.45 13.22 -1.51
CA SER A 73 -25.45 14.28 -1.55
C SER A 73 -26.72 13.86 -2.30
N ARG A 74 -26.90 12.58 -2.56
CA ARG A 74 -28.12 12.08 -3.18
C ARG A 74 -29.14 11.82 -2.08
N SER A 75 -30.24 11.14 -2.42
CA SER A 75 -31.22 10.77 -1.43
C SER A 75 -30.71 9.59 -0.59
N LYS A 76 -31.55 9.12 0.34
CA LYS A 76 -31.13 8.00 1.16
C LYS A 76 -31.30 6.67 0.42
N ALA A 77 -32.36 6.55 -0.37
CA ALA A 77 -32.54 5.36 -1.20
C ALA A 77 -31.44 5.26 -2.25
N GLN A 78 -31.05 6.39 -2.83
CA GLN A 78 -30.01 6.37 -3.85
C GLN A 78 -28.64 6.11 -3.26
N VAL A 79 -28.37 6.56 -2.05
CA VAL A 79 -27.07 6.24 -1.46
C VAL A 79 -27.06 4.79 -0.98
N PHE A 80 -28.22 4.23 -0.63
CA PHE A 80 -28.30 2.80 -0.33
C PHE A 80 -28.02 1.97 -1.59
N GLN A 81 -28.64 2.35 -2.70
CA GLN A 81 -28.45 1.62 -3.95
C GLN A 81 -27.02 1.74 -4.45
N TYR A 82 -26.40 2.91 -4.28
CA TYR A 82 -25.02 3.07 -4.72
C TYR A 82 -24.06 2.28 -3.84
N ILE A 83 -24.26 2.29 -2.52
CA ILE A 83 -23.37 1.56 -1.65
C ILE A 83 -23.60 0.05 -1.72
N PHE A 84 -24.74 -0.39 -2.26
CA PHE A 84 -24.93 -1.80 -2.53
C PHE A 84 -24.32 -2.21 -3.86
N LEU A 85 -24.47 -1.38 -4.90
CA LEU A 85 -23.95 -1.73 -6.21
C LEU A 85 -22.44 -1.65 -6.27
N LYS A 86 -21.83 -0.76 -5.48
CA LYS A 86 -20.38 -0.65 -5.47
C LYS A 86 -19.70 -1.89 -4.92
N TRP A 87 -20.39 -2.65 -4.07
CA TRP A 87 -19.87 -3.92 -3.58
C TRP A 87 -20.34 -5.10 -4.40
N THR A 88 -21.53 -5.02 -5.00
CA THR A 88 -21.98 -6.09 -5.89
C THR A 88 -21.09 -6.18 -7.12
N LEU A 89 -20.65 -5.05 -7.65
CA LEU A 89 -19.74 -5.09 -8.80
C LEU A 89 -18.35 -5.57 -8.39
N ALA A 90 -17.90 -5.25 -7.18
CA ALA A 90 -16.62 -5.76 -6.72
C ALA A 90 -16.68 -7.24 -6.37
N CYS A 91 -17.87 -7.76 -6.11
CA CYS A 91 -18.06 -9.20 -6.01
C CYS A 91 -18.04 -9.86 -7.38
N LEU A 92 -18.77 -9.27 -8.34
CA LEU A 92 -18.93 -9.90 -9.64
C LEU A 92 -17.65 -9.83 -10.47
N VAL A 93 -16.83 -8.79 -10.28
CA VAL A 93 -15.53 -8.73 -10.93
C VAL A 93 -14.66 -9.89 -10.49
N GLY A 94 -14.67 -10.17 -9.19
CA GLY A 94 -13.88 -11.29 -8.68
C GLY A 94 -14.45 -12.63 -9.10
N LEU A 95 -15.77 -12.76 -9.10
CA LEU A 95 -16.41 -14.02 -9.48
C LEU A 95 -16.15 -14.35 -10.94
N PHE A 96 -16.30 -13.36 -11.82
CA PHE A 96 -16.11 -13.61 -13.24
C PHE A 96 -14.64 -13.71 -13.61
N THR A 97 -13.73 -13.01 -12.92
CA THR A 97 -12.32 -13.21 -13.21
C THR A 97 -11.85 -14.58 -12.75
N GLY A 98 -12.40 -15.07 -11.63
CA GLY A 98 -12.08 -16.43 -11.22
C GLY A 98 -12.60 -17.48 -12.18
N LEU A 99 -13.85 -17.30 -12.64
CA LEU A 99 -14.43 -18.25 -13.58
C LEU A 99 -13.72 -18.23 -14.93
N ILE A 100 -13.32 -17.04 -15.40
CA ILE A 100 -12.69 -16.98 -16.70
C ILE A 100 -11.23 -17.43 -16.63
N ALA A 101 -10.52 -17.17 -15.53
CA ALA A 101 -9.18 -17.71 -15.39
C ALA A 101 -9.18 -19.22 -15.20
N THR A 102 -10.21 -19.77 -14.55
CA THR A 102 -10.26 -21.22 -14.48
C THR A 102 -10.72 -21.85 -15.78
N LEU A 103 -11.46 -21.12 -16.62
CA LEU A 103 -11.75 -21.62 -17.96
C LEU A 103 -10.51 -21.62 -18.83
N ILE A 104 -9.69 -20.56 -18.72
CA ILE A 104 -8.41 -20.51 -19.42
C ILE A 104 -7.51 -21.65 -18.96
N ASN A 105 -7.44 -21.90 -17.65
CA ASN A 105 -6.60 -22.98 -17.16
C ASN A 105 -7.10 -24.36 -17.57
N LEU A 106 -8.43 -24.56 -17.57
CA LEU A 106 -8.98 -25.84 -17.99
C LEU A 106 -8.69 -26.10 -19.46
N ALA A 107 -8.93 -25.11 -20.32
CA ALA A 107 -8.72 -25.30 -21.75
C ALA A 107 -7.23 -25.42 -22.09
N VAL A 108 -6.38 -24.65 -21.41
CA VAL A 108 -4.95 -24.70 -21.70
C VAL A 108 -4.36 -26.03 -21.24
N GLU A 109 -4.76 -26.52 -20.06
CA GLU A 109 -4.22 -27.78 -19.59
C GLU A 109 -4.73 -28.95 -20.42
N ASN A 110 -6.00 -28.90 -20.87
CA ASN A 110 -6.49 -29.97 -21.74
C ASN A 110 -5.81 -29.97 -23.11
N ILE A 111 -5.63 -28.79 -23.71
CA ILE A 111 -5.04 -28.71 -25.05
C ILE A 111 -3.57 -29.08 -25.00
N ALA A 112 -2.82 -28.52 -24.05
CA ALA A 112 -1.40 -28.85 -23.95
C ALA A 112 -1.19 -30.29 -23.47
N GLY A 113 -2.11 -30.84 -22.67
CA GLY A 113 -1.97 -32.22 -22.24
C GLY A 113 -2.22 -33.20 -23.36
N TYR A 114 -3.28 -32.98 -24.13
CA TYR A 114 -3.53 -33.88 -25.26
C TYR A 114 -2.64 -33.58 -26.46
N LYS A 115 -1.86 -32.50 -26.42
CA LYS A 115 -0.81 -32.36 -27.41
C LYS A 115 0.46 -33.08 -26.95
N LEU A 116 0.80 -32.98 -25.67
CA LEU A 116 2.02 -33.62 -25.19
C LEU A 116 1.86 -35.12 -25.07
N LEU A 117 0.64 -35.62 -24.86
CA LEU A 117 0.42 -37.06 -24.90
C LEU A 117 0.56 -37.59 -26.32
N ALA A 118 0.06 -36.83 -27.31
CA ALA A 118 0.23 -37.24 -28.70
C ALA A 118 1.68 -37.14 -29.14
N VAL A 119 2.45 -36.25 -28.52
CA VAL A 119 3.89 -36.23 -28.79
C VAL A 119 4.58 -37.42 -28.14
N GLY A 120 4.23 -37.72 -26.88
CA GLY A 120 4.89 -38.79 -26.16
C GLY A 120 4.55 -40.17 -26.67
N TYR A 121 3.39 -40.32 -27.31
CA TYR A 121 3.04 -41.60 -27.93
C TYR A 121 3.95 -41.92 -29.11
N TYR A 122 4.42 -40.91 -29.84
CA TYR A 122 5.39 -41.13 -30.89
C TYR A 122 6.82 -41.07 -30.40
N ILE A 123 7.06 -40.46 -29.25
CA ILE A 123 8.37 -40.56 -28.60
C ILE A 123 8.62 -41.98 -28.13
N ALA A 124 7.61 -42.62 -27.52
CA ALA A 124 7.79 -43.95 -26.97
C ALA A 124 7.96 -45.02 -28.04
N GLN A 125 7.52 -44.77 -29.26
CA GLN A 125 7.69 -45.71 -30.36
C GLN A 125 8.95 -45.44 -31.16
N ASP A 126 9.87 -44.63 -30.61
CA ASP A 126 11.16 -44.27 -31.23
C ASP A 126 10.99 -43.63 -32.60
N ARG A 127 9.94 -42.81 -32.75
CA ARG A 127 9.69 -42.07 -33.97
C ARG A 127 9.81 -40.59 -33.61
N PHE A 128 11.02 -40.06 -33.76
CA PHE A 128 11.29 -38.68 -33.35
C PHE A 128 10.78 -37.67 -34.38
N TRP A 129 10.87 -37.99 -35.66
CA TRP A 129 10.46 -37.05 -36.69
C TRP A 129 8.95 -36.90 -36.75
N THR A 130 8.21 -37.97 -36.49
CA THR A 130 6.75 -37.89 -36.44
C THR A 130 6.31 -37.04 -35.26
N GLY A 131 6.98 -37.19 -34.12
CA GLY A 131 6.68 -36.35 -32.98
C GLY A 131 7.03 -34.89 -33.22
N LEU A 132 8.12 -34.65 -33.97
CA LEU A 132 8.47 -33.27 -34.31
C LEU A 132 7.44 -32.64 -35.24
N MET A 133 6.94 -33.42 -36.21
CA MET A 133 5.92 -32.90 -37.11
C MET A 133 4.61 -32.63 -36.37
N VAL A 134 4.24 -33.50 -35.43
CA VAL A 134 3.01 -33.28 -34.66
C VAL A 134 3.16 -32.07 -33.75
N PHE A 135 4.34 -31.92 -33.13
CA PHE A 135 4.59 -30.78 -32.23
C PHE A 135 4.57 -29.46 -32.99
N THR A 136 5.30 -29.38 -34.10
CA THR A 136 5.37 -28.16 -34.88
C THR A 136 4.02 -27.83 -35.53
N GLY A 137 3.29 -28.86 -35.97
CA GLY A 137 2.00 -28.61 -36.58
C GLY A 137 0.95 -28.12 -35.59
N ALA A 138 0.92 -28.71 -34.39
CA ALA A 138 -0.05 -28.26 -33.40
C ALA A 138 0.30 -26.87 -32.88
N ASN A 139 1.58 -26.59 -32.68
CA ASN A 139 2.00 -25.25 -32.28
C ASN A 139 1.69 -24.22 -33.36
N LEU A 140 1.87 -24.59 -34.62
CA LEU A 140 1.63 -23.66 -35.72
C LEU A 140 0.14 -23.39 -35.88
N GLY A 141 -0.69 -24.41 -35.69
CA GLY A 141 -2.13 -24.20 -35.77
C GLY A 141 -2.66 -23.33 -34.65
N LEU A 142 -2.20 -23.58 -33.42
CA LEU A 142 -2.67 -22.78 -32.29
C LEU A 142 -2.16 -21.35 -32.37
N THR A 143 -0.91 -21.15 -32.80
CA THR A 143 -0.40 -19.80 -32.95
C THR A 143 -1.05 -19.09 -34.12
N LEU A 144 -1.42 -19.82 -35.17
CA LEU A 144 -2.10 -19.22 -36.31
C LEU A 144 -3.47 -18.70 -35.90
N VAL A 145 -4.23 -19.49 -35.13
CA VAL A 145 -5.52 -19.01 -34.64
C VAL A 145 -5.34 -17.82 -33.70
N ALA A 146 -4.41 -17.94 -32.76
CA ALA A 146 -4.23 -16.91 -31.74
C ALA A 146 -3.63 -15.63 -32.28
N THR A 147 -3.02 -15.64 -33.47
CA THR A 147 -2.60 -14.37 -34.03
C THR A 147 -3.51 -13.87 -35.15
N VAL A 148 -4.28 -14.74 -35.80
CA VAL A 148 -5.25 -14.27 -36.79
C VAL A 148 -6.36 -13.50 -36.10
N LEU A 149 -6.83 -14.02 -34.96
CA LEU A 149 -7.88 -13.33 -34.21
C LEU A 149 -7.42 -11.94 -33.74
N VAL A 150 -6.15 -11.84 -33.33
CA VAL A 150 -5.65 -10.57 -32.83
C VAL A 150 -5.44 -9.58 -33.95
N VAL A 151 -4.73 -9.97 -35.02
CA VAL A 151 -4.44 -8.99 -36.06
C VAL A 151 -5.64 -8.67 -36.93
N TYR A 152 -6.73 -9.44 -36.89
CA TYR A 152 -7.86 -9.12 -37.73
C TYR A 152 -9.12 -8.78 -36.97
N PHE A 153 -9.13 -8.85 -35.63
CA PHE A 153 -10.37 -8.54 -34.95
C PHE A 153 -10.21 -7.55 -33.80
N ALA A 154 -9.04 -7.55 -33.16
CA ALA A 154 -8.74 -6.53 -32.17
C ALA A 154 -7.24 -6.37 -32.01
N PRO A 155 -6.60 -5.49 -32.79
CA PRO A 155 -5.13 -5.40 -32.76
C PRO A 155 -4.55 -4.77 -31.51
N THR A 156 -5.41 -4.44 -30.55
CA THR A 156 -4.95 -3.87 -29.29
C THR A 156 -4.80 -4.95 -28.25
N ALA A 157 -5.17 -6.17 -28.59
CA ALA A 157 -5.04 -7.29 -27.66
C ALA A 157 -3.62 -7.83 -27.59
N ALA A 158 -2.78 -7.47 -28.54
CA ALA A 158 -1.42 -7.90 -28.49
C ALA A 158 -0.76 -7.40 -27.25
N GLY A 159 0.38 -7.96 -26.92
CA GLY A 159 1.12 -7.48 -25.78
C GLY A 159 0.44 -7.80 -24.48
N PRO A 160 1.10 -7.47 -23.35
CA PRO A 160 0.51 -7.86 -22.07
C PRO A 160 -0.81 -7.16 -21.79
N GLY A 161 -0.78 -5.88 -21.45
CA GLY A 161 -1.99 -5.16 -21.11
C GLY A 161 -1.69 -4.28 -19.94
N ILE A 162 -0.64 -4.57 -19.20
CA ILE A 162 -0.33 -3.78 -18.05
C ILE A 162 0.24 -2.41 -18.47
N PRO A 163 1.21 -2.39 -19.38
CA PRO A 163 1.76 -1.07 -19.70
C PRO A 163 0.72 -0.08 -20.21
N GLU A 164 -0.53 -0.47 -20.33
CA GLU A 164 -1.59 0.43 -20.77
C GLU A 164 -2.52 0.70 -19.61
N ILE A 165 -2.95 -0.34 -18.92
CA ILE A 165 -3.73 -0.12 -17.72
C ILE A 165 -2.94 0.72 -16.73
N LYS A 166 -1.60 0.68 -16.81
CA LYS A 166 -0.79 1.59 -16.03
C LYS A 166 -0.97 3.03 -16.48
N ALA A 167 -1.33 3.24 -17.74
CA ALA A 167 -1.57 4.57 -18.27
C ALA A 167 -3.04 4.96 -18.24
N TYR A 168 -3.97 4.01 -18.24
CA TYR A 168 -5.36 4.37 -18.06
C TYR A 168 -5.61 4.84 -16.64
N LEU A 169 -4.94 4.24 -15.67
CA LEU A 169 -5.15 4.64 -14.29
C LEU A 169 -4.36 5.89 -13.94
N ASN A 170 -3.50 6.38 -14.82
CA ASN A 170 -2.87 7.67 -14.70
C ASN A 170 -3.66 8.77 -15.39
N GLY A 171 -4.84 8.45 -15.91
CA GLY A 171 -5.70 9.45 -16.50
C GLY A 171 -5.72 9.48 -18.00
N ILE A 172 -4.79 8.82 -18.68
CA ILE A 172 -4.72 8.86 -20.14
C ILE A 172 -5.81 7.97 -20.71
N ASP A 173 -6.71 8.56 -21.49
CA ASP A 173 -7.82 7.83 -22.09
C ASP A 173 -7.29 7.04 -23.28
N THR A 174 -6.77 5.86 -22.99
CA THR A 174 -6.34 4.96 -24.05
C THR A 174 -7.56 4.37 -24.73
N PRO A 175 -7.68 4.48 -26.06
CA PRO A 175 -8.93 4.13 -26.73
C PRO A 175 -9.01 2.66 -27.12
N ASN A 176 -10.26 2.17 -27.11
CA ASN A 176 -10.63 0.81 -27.53
C ASN A 176 -9.87 -0.26 -26.75
N MET A 177 -9.69 -0.03 -25.46
CA MET A 177 -8.87 -0.92 -24.65
C MET A 177 -9.67 -1.91 -23.83
N PHE A 178 -10.85 -1.54 -23.37
CA PHE A 178 -11.62 -2.41 -22.51
C PHE A 178 -12.95 -2.76 -23.14
N GLY A 179 -12.93 -3.11 -24.42
CA GLY A 179 -14.14 -3.47 -25.13
C GLY A 179 -14.62 -4.86 -24.77
N PHE A 180 -15.49 -5.40 -25.61
CA PHE A 180 -15.92 -6.77 -25.43
C PHE A 180 -15.21 -7.73 -26.37
N THR A 181 -14.98 -7.33 -27.62
CA THR A 181 -14.23 -8.20 -28.53
C THR A 181 -12.77 -8.26 -28.17
N THR A 182 -12.22 -7.19 -27.57
CA THR A 182 -10.85 -7.25 -27.10
C THR A 182 -10.70 -8.24 -25.96
N MET A 183 -11.70 -8.33 -25.08
CA MET A 183 -11.67 -9.33 -24.02
C MET A 183 -11.76 -10.75 -24.58
N MET A 184 -12.68 -10.98 -25.52
CA MET A 184 -12.88 -12.33 -26.05
C MET A 184 -11.69 -12.80 -26.86
N VAL A 185 -11.12 -11.94 -27.71
CA VAL A 185 -9.93 -12.38 -28.42
C VAL A 185 -8.71 -12.37 -27.51
N LYS A 186 -8.72 -11.67 -26.38
CA LYS A 186 -7.63 -11.82 -25.43
C LYS A 186 -7.70 -13.18 -24.76
N ILE A 187 -8.91 -13.65 -24.43
CA ILE A 187 -9.10 -14.97 -23.84
C ILE A 187 -8.66 -16.06 -24.81
N VAL A 188 -9.21 -16.04 -26.03
CA VAL A 188 -8.92 -17.12 -26.99
C VAL A 188 -7.48 -17.04 -27.49
N GLY A 189 -6.94 -15.83 -27.65
CA GLY A 189 -5.55 -15.70 -28.02
C GLY A 189 -4.61 -16.13 -26.91
N SER A 190 -5.00 -15.92 -25.64
CA SER A 190 -4.15 -16.38 -24.54
C SER A 190 -4.15 -17.90 -24.46
N ILE A 191 -5.31 -18.52 -24.66
CA ILE A 191 -5.40 -19.99 -24.70
C ILE A 191 -4.55 -20.55 -25.82
N GLY A 192 -4.78 -20.08 -27.05
CA GLY A 192 -4.05 -20.59 -28.19
C GLY A 192 -2.61 -20.15 -28.28
N ALA A 193 -2.19 -19.20 -27.47
CA ALA A 193 -0.80 -18.76 -27.49
C ALA A 193 0.04 -19.41 -26.41
N VAL A 194 -0.53 -19.68 -25.23
CA VAL A 194 0.27 -20.35 -24.22
C VAL A 194 0.12 -21.87 -24.31
N ALA A 195 -0.92 -22.37 -25.01
CA ALA A 195 -0.99 -23.79 -25.27
C ALA A 195 -0.20 -24.20 -26.49
N ALA A 196 0.50 -23.27 -27.15
CA ALA A 196 1.37 -23.57 -28.26
C ALA A 196 2.83 -23.59 -27.85
N GLY A 197 3.11 -23.59 -26.55
CA GLY A 197 4.47 -23.70 -26.08
C GLY A 197 5.32 -22.47 -26.30
N LEU A 198 4.71 -21.32 -26.55
CA LEU A 198 5.48 -20.11 -26.75
C LEU A 198 5.99 -19.58 -25.41
N ASP A 199 7.03 -18.75 -25.45
CA ASP A 199 7.59 -18.21 -24.22
C ASP A 199 6.79 -17.03 -23.73
N LEU A 200 5.49 -17.20 -23.59
CA LEU A 200 4.65 -16.14 -23.07
C LEU A 200 4.05 -16.63 -21.77
N GLY A 201 2.89 -16.10 -21.41
CA GLY A 201 2.24 -16.54 -20.20
C GLY A 201 0.89 -15.92 -19.99
N LYS A 202 -0.01 -16.64 -19.34
CA LYS A 202 -1.32 -16.10 -19.03
C LYS A 202 -1.21 -15.23 -17.81
N GLU A 203 0.01 -14.89 -17.43
CA GLU A 203 0.22 -14.05 -16.28
C GLU A 203 -0.19 -12.63 -16.60
N GLY A 204 0.31 -12.11 -17.71
CA GLY A 204 -0.04 -10.78 -18.13
C GLY A 204 -1.47 -10.65 -18.63
N PRO A 205 -1.81 -11.37 -19.71
CA PRO A 205 -3.17 -11.13 -20.21
C PRO A 205 -4.27 -11.24 -19.17
N LEU A 206 -4.06 -11.88 -18.03
CA LEU A 206 -5.14 -11.93 -17.06
C LEU A 206 -5.42 -10.59 -16.38
N VAL A 207 -4.44 -9.69 -16.35
CA VAL A 207 -4.68 -8.33 -15.87
C VAL A 207 -5.62 -7.59 -16.82
N HIS A 208 -5.38 -7.70 -18.12
CA HIS A 208 -6.24 -7.05 -19.09
C HIS A 208 -7.62 -7.70 -19.15
N ILE A 209 -7.71 -9.01 -18.95
CA ILE A 209 -9.02 -9.64 -18.94
C ILE A 209 -9.81 -9.23 -17.68
N GLY A 210 -9.12 -9.07 -16.55
CA GLY A 210 -9.80 -8.57 -15.36
C GLY A 210 -10.29 -7.15 -15.52
N SER A 211 -9.50 -6.30 -16.18
CA SER A 211 -9.92 -4.92 -16.41
C SER A 211 -11.10 -4.85 -17.39
N CYS A 212 -11.09 -5.67 -18.43
CA CYS A 212 -12.23 -5.69 -19.35
C CYS A 212 -13.49 -6.23 -18.69
N ILE A 213 -13.37 -7.23 -17.81
CA ILE A 213 -14.52 -7.72 -17.08
C ILE A 213 -15.08 -6.62 -16.18
N ALA A 214 -14.19 -5.84 -15.57
CA ALA A 214 -14.62 -4.76 -14.70
C ALA A 214 -15.32 -3.65 -15.47
N SER A 215 -14.78 -3.25 -16.62
CA SER A 215 -15.44 -2.20 -17.39
C SER A 215 -16.73 -2.65 -18.05
N LEU A 216 -16.83 -3.90 -18.50
CA LEU A 216 -18.08 -4.39 -19.05
C LEU A 216 -19.14 -4.56 -17.98
N LEU A 217 -18.73 -4.80 -16.73
CA LEU A 217 -19.70 -4.78 -15.64
C LEU A 217 -20.07 -3.35 -15.27
N GLY A 218 -19.14 -2.41 -15.43
CA GLY A 218 -19.42 -1.03 -15.08
C GLY A 218 -20.42 -0.37 -16.01
N GLN A 219 -20.19 -0.49 -17.31
CA GLN A 219 -21.13 0.12 -18.25
C GLN A 219 -22.32 -0.78 -18.57
N GLY A 220 -22.44 -1.93 -17.93
CA GLY A 220 -23.63 -2.75 -18.06
C GLY A 220 -23.72 -3.55 -19.34
N GLY A 221 -22.63 -4.16 -19.76
CA GLY A 221 -22.61 -4.95 -20.95
C GLY A 221 -21.63 -4.44 -21.99
N PRO A 222 -21.75 -4.92 -23.22
CA PRO A 222 -20.86 -4.45 -24.30
C PRO A 222 -21.18 -3.02 -24.70
N ASP A 223 -20.31 -2.47 -25.56
CA ASP A 223 -20.37 -1.05 -25.89
C ASP A 223 -21.58 -0.65 -26.72
N ASN A 224 -22.29 -1.60 -27.33
CA ASN A 224 -23.50 -1.29 -28.06
C ASN A 224 -24.67 -2.18 -27.65
N HIS A 225 -24.50 -2.99 -26.61
CA HIS A 225 -25.57 -3.84 -26.10
C HIS A 225 -25.73 -3.65 -24.61
N ARG A 226 -25.74 -2.41 -24.16
CA ARG A 226 -25.89 -2.10 -22.74
C ARG A 226 -27.30 -2.39 -22.29
N ILE A 227 -27.44 -2.94 -21.09
CA ILE A 227 -28.76 -3.08 -20.50
C ILE A 227 -29.19 -1.72 -19.96
N LYS A 228 -30.50 -1.45 -20.03
CA LYS A 228 -31.00 -0.14 -19.62
C LYS A 228 -31.51 -0.19 -18.18
N TRP A 229 -30.62 -0.62 -17.29
CA TRP A 229 -30.88 -0.60 -15.86
C TRP A 229 -30.50 0.77 -15.32
N ARG A 230 -31.43 1.42 -14.62
CA ARG A 230 -31.18 2.78 -14.17
C ARG A 230 -30.19 2.82 -13.02
N TRP A 231 -30.08 1.76 -12.23
CA TRP A 231 -29.21 1.75 -11.07
C TRP A 231 -27.73 1.69 -11.44
N LEU A 232 -27.41 1.49 -12.71
CA LEU A 232 -26.04 1.60 -13.20
C LEU A 232 -25.73 2.99 -13.70
N ARG A 233 -26.60 3.97 -13.46
CA ARG A 233 -26.30 5.33 -13.85
C ARG A 233 -25.30 6.00 -12.92
N TYR A 234 -25.04 5.43 -11.75
CA TYR A 234 -24.12 6.04 -10.81
C TYR A 234 -22.67 5.76 -11.16
N PHE A 235 -22.42 4.77 -12.02
CA PHE A 235 -21.07 4.36 -12.37
C PHE A 235 -20.64 4.87 -13.73
N ASN A 236 -21.34 5.88 -14.24
CA ASN A 236 -21.01 6.50 -15.51
C ASN A 236 -19.89 7.51 -15.40
N ASN A 237 -19.37 7.76 -14.20
CA ASN A 237 -18.35 8.77 -13.99
C ASN A 237 -17.00 8.24 -14.44
N ASP A 238 -15.95 9.02 -14.21
CA ASP A 238 -14.60 8.58 -14.52
C ASP A 238 -13.80 8.25 -13.28
N ARG A 239 -14.37 8.44 -12.09
CA ARG A 239 -13.74 8.00 -10.86
C ARG A 239 -14.17 6.59 -10.51
N ASP A 240 -15.44 6.26 -10.76
CA ASP A 240 -15.91 4.90 -10.56
C ASP A 240 -15.30 3.94 -11.56
N ARG A 241 -15.02 4.40 -12.78
CA ARG A 241 -14.31 3.55 -13.74
C ARG A 241 -12.89 3.27 -13.30
N ARG A 242 -12.21 4.27 -12.73
CA ARG A 242 -10.85 4.05 -12.24
C ARG A 242 -10.85 3.10 -11.05
N ASP A 243 -11.85 3.22 -10.17
CA ASP A 243 -11.97 2.29 -9.05
C ASP A 243 -12.26 0.87 -9.53
N LEU A 244 -13.19 0.72 -10.48
CA LEU A 244 -13.54 -0.60 -10.99
C LEU A 244 -12.37 -1.25 -11.73
N ILE A 245 -11.63 -0.46 -12.50
CA ILE A 245 -10.52 -1.02 -13.23
C ILE A 245 -9.35 -1.36 -12.31
N THR A 246 -9.22 -0.65 -11.18
CA THR A 246 -8.22 -1.07 -10.20
C THR A 246 -8.62 -2.38 -9.53
N CYS A 247 -9.91 -2.54 -9.21
CA CYS A 247 -10.40 -3.81 -8.70
C CYS A 247 -10.19 -4.94 -9.71
N GLY A 248 -10.43 -4.66 -10.99
CA GLY A 248 -10.26 -5.68 -12.01
C GLY A 248 -8.80 -6.02 -12.28
N SER A 249 -7.90 -5.05 -12.14
CA SER A 249 -6.48 -5.32 -12.36
C SER A 249 -5.90 -6.15 -11.22
N ALA A 250 -6.26 -5.81 -9.97
CA ALA A 250 -5.81 -6.66 -8.86
C ALA A 250 -6.49 -8.01 -8.88
N SER A 251 -7.74 -8.06 -9.32
CA SER A 251 -8.45 -9.31 -9.57
C SER A 251 -7.71 -10.17 -10.59
N GLY A 252 -7.14 -9.55 -11.62
CA GLY A 252 -6.42 -10.30 -12.62
C GLY A 252 -5.08 -10.81 -12.13
N VAL A 253 -4.37 -10.01 -11.34
CA VAL A 253 -3.07 -10.47 -10.83
C VAL A 253 -3.26 -11.59 -9.82
N CYS A 254 -4.31 -11.50 -9.00
CA CYS A 254 -4.63 -12.59 -8.09
C CYS A 254 -5.14 -13.83 -8.82
N ALA A 255 -5.82 -13.67 -9.95
CA ALA A 255 -6.20 -14.85 -10.72
C ALA A 255 -5.02 -15.47 -11.44
N ALA A 256 -4.01 -14.66 -11.75
CA ALA A 256 -2.85 -15.18 -12.44
C ALA A 256 -1.94 -15.96 -11.49
N PHE A 257 -1.61 -15.39 -10.34
CA PHE A 257 -0.61 -15.99 -9.48
C PHE A 257 -1.19 -16.75 -8.29
N ARG A 258 -2.52 -16.79 -8.14
CA ARG A 258 -3.23 -17.35 -6.98
C ARG A 258 -2.71 -16.75 -5.68
N SER A 259 -2.59 -15.43 -5.66
CA SER A 259 -2.05 -14.69 -4.53
C SER A 259 -2.90 -13.45 -4.31
N PRO A 260 -3.72 -13.40 -3.26
CA PRO A 260 -4.60 -12.24 -3.06
C PRO A 260 -3.90 -10.92 -2.76
N VAL A 261 -3.15 -10.85 -1.67
CA VAL A 261 -2.56 -9.56 -1.32
C VAL A 261 -1.33 -9.25 -2.15
N GLY A 262 -0.77 -10.23 -2.86
CA GLY A 262 0.17 -9.92 -3.91
C GLY A 262 -0.46 -9.14 -5.04
N GLY A 263 -1.70 -9.48 -5.39
CA GLY A 263 -2.41 -8.73 -6.40
C GLY A 263 -2.86 -7.36 -5.91
N VAL A 264 -3.26 -7.29 -4.63
CA VAL A 264 -3.61 -6.00 -4.02
C VAL A 264 -2.40 -5.07 -4.00
N LEU A 265 -1.24 -5.58 -3.61
CA LEU A 265 -0.03 -4.76 -3.62
C LEU A 265 0.44 -4.47 -5.04
N PHE A 266 0.12 -5.32 -6.01
CA PHE A 266 0.48 -5.01 -7.39
C PHE A 266 -0.33 -3.85 -7.92
N ALA A 267 -1.64 -3.85 -7.63
CA ALA A 267 -2.44 -2.69 -8.00
C ALA A 267 -2.11 -1.46 -7.15
N LEU A 268 -1.54 -1.65 -5.97
CA LEU A 268 -1.18 -0.51 -5.13
C LEU A 268 0.11 0.15 -5.60
N GLU A 269 1.13 -0.65 -5.87
CA GLU A 269 2.46 -0.12 -6.09
C GLU A 269 2.70 0.29 -7.54
N GLU A 270 2.37 -0.57 -8.50
CA GLU A 270 2.75 -0.33 -9.88
C GLU A 270 1.62 0.23 -10.74
N VAL A 271 0.46 -0.43 -10.75
CA VAL A 271 -0.55 -0.12 -11.75
C VAL A 271 -1.29 1.18 -11.40
N ALA A 272 -1.96 1.22 -10.27
CA ALA A 272 -2.70 2.44 -9.96
C ALA A 272 -1.75 3.50 -9.39
N THR A 273 -2.24 4.74 -9.36
CA THR A 273 -1.47 5.85 -8.87
C THR A 273 -2.22 6.76 -7.92
N TRP A 274 -3.54 6.68 -7.84
CA TRP A 274 -4.33 7.42 -6.86
C TRP A 274 -5.00 6.38 -5.98
N TRP A 275 -4.33 6.04 -4.89
CA TRP A 275 -4.82 5.03 -3.98
C TRP A 275 -5.68 5.67 -2.89
N ARG A 276 -6.76 4.99 -2.55
CA ARG A 276 -7.71 5.45 -1.55
C ARG A 276 -7.95 4.31 -0.57
N SER A 277 -8.12 4.65 0.70
CA SER A 277 -8.32 3.59 1.69
C SER A 277 -9.70 2.94 1.57
N ALA A 278 -10.67 3.62 0.96
CA ALA A 278 -11.94 2.96 0.68
C ALA A 278 -11.87 2.08 -0.55
N LEU A 279 -10.82 2.23 -1.36
CA LEU A 279 -10.56 1.35 -2.49
C LEU A 279 -9.79 0.11 -2.09
N LEU A 280 -8.98 0.22 -1.02
CA LEU A 280 -8.22 -0.90 -0.48
C LEU A 280 -9.11 -1.97 0.14
N TRP A 281 -10.39 -1.69 0.36
CA TRP A 281 -11.32 -2.66 0.93
C TRP A 281 -12.16 -3.37 -0.12
N ARG A 282 -12.22 -2.86 -1.34
CA ARG A 282 -12.96 -3.53 -2.41
C ARG A 282 -12.05 -4.36 -3.30
N THR A 283 -10.85 -3.86 -3.56
CA THR A 283 -9.78 -4.66 -4.15
C THR A 283 -9.51 -5.92 -3.33
N PHE A 284 -9.52 -5.76 -2.01
CA PHE A 284 -9.45 -6.85 -1.03
C PHE A 284 -10.52 -7.90 -1.26
N PHE A 285 -11.78 -7.45 -1.32
CA PHE A 285 -12.91 -8.34 -1.51
C PHE A 285 -12.85 -9.05 -2.86
N SER A 286 -12.42 -8.35 -3.91
CA SER A 286 -12.40 -8.94 -5.23
C SER A 286 -11.31 -9.99 -5.36
N THR A 287 -10.12 -9.73 -4.82
CA THR A 287 -9.10 -10.79 -4.84
C THR A 287 -9.47 -11.95 -3.93
N ALA A 288 -10.22 -11.69 -2.86
CA ALA A 288 -10.71 -12.77 -2.01
C ALA A 288 -11.65 -13.71 -2.78
N VAL A 289 -12.63 -13.14 -3.49
CA VAL A 289 -13.56 -13.98 -4.25
C VAL A 289 -12.86 -14.66 -5.41
N VAL A 290 -11.82 -14.04 -5.97
CA VAL A 290 -11.04 -14.68 -7.04
C VAL A 290 -10.36 -15.93 -6.53
N VAL A 291 -9.64 -15.84 -5.42
CA VAL A 291 -8.87 -16.99 -5.01
C VAL A 291 -9.77 -18.07 -4.40
N VAL A 292 -10.94 -17.68 -3.86
CA VAL A 292 -11.92 -18.66 -3.43
C VAL A 292 -12.49 -19.43 -4.62
N VAL A 293 -12.83 -18.73 -5.69
CA VAL A 293 -13.41 -19.39 -6.86
C VAL A 293 -12.38 -20.25 -7.57
N LEU A 294 -11.13 -19.79 -7.62
CA LEU A 294 -10.06 -20.57 -8.24
C LEU A 294 -9.77 -21.84 -7.46
N ARG A 295 -9.68 -21.76 -6.13
CA ARG A 295 -9.38 -22.96 -5.36
C ARG A 295 -10.59 -23.90 -5.30
N ALA A 296 -11.80 -23.36 -5.34
CA ALA A 296 -12.97 -24.23 -5.38
C ALA A 296 -13.09 -24.95 -6.71
N PHE A 297 -12.73 -24.31 -7.82
CA PHE A 297 -12.80 -25.01 -9.09
C PHE A 297 -11.55 -25.85 -9.37
N ILE A 298 -10.50 -25.71 -8.57
CA ILE A 298 -9.48 -26.74 -8.55
C ILE A 298 -10.00 -27.96 -7.78
N GLU A 299 -10.65 -27.74 -6.64
CA GLU A 299 -11.11 -28.85 -5.81
C GLU A 299 -12.28 -29.61 -6.42
N ILE A 300 -13.12 -28.94 -7.21
CA ILE A 300 -14.22 -29.65 -7.87
C ILE A 300 -13.68 -30.54 -8.98
N CYS A 301 -12.66 -30.06 -9.70
CA CYS A 301 -12.05 -30.82 -10.78
C CYS A 301 -10.95 -31.76 -10.30
N ASN A 302 -10.97 -32.17 -9.04
CA ASN A 302 -10.10 -33.27 -8.62
C ASN A 302 -10.65 -34.60 -9.13
N SER A 303 -9.78 -35.61 -9.06
CA SER A 303 -10.05 -37.00 -9.47
C SER A 303 -10.43 -37.11 -10.94
N GLY A 304 -9.98 -36.17 -11.78
CA GLY A 304 -10.16 -36.27 -13.20
C GLY A 304 -11.59 -36.13 -13.70
N LYS A 305 -12.44 -35.42 -12.96
CA LYS A 305 -13.80 -35.18 -13.43
C LYS A 305 -13.85 -34.19 -14.58
N CYS A 306 -12.80 -33.38 -14.74
CA CYS A 306 -12.67 -32.43 -15.84
C CYS A 306 -11.52 -32.80 -16.76
N GLY A 307 -11.29 -34.09 -16.95
CA GLY A 307 -10.18 -34.56 -17.74
C GLY A 307 -8.87 -34.38 -17.00
N LEU A 308 -8.05 -33.46 -17.49
CA LEU A 308 -6.88 -32.98 -16.78
C LEU A 308 -7.30 -31.78 -15.93
N PHE A 309 -6.35 -30.95 -15.48
CA PHE A 309 -6.62 -29.77 -14.65
C PHE A 309 -7.23 -30.15 -13.30
N GLY A 310 -6.39 -30.55 -12.35
CA GLY A 310 -6.86 -31.05 -11.08
C GLY A 310 -5.89 -32.04 -10.47
N SER A 311 -4.78 -32.27 -11.16
CA SER A 311 -3.65 -32.98 -10.60
C SER A 311 -2.50 -32.04 -10.25
N GLY A 312 -2.82 -30.81 -9.85
CA GLY A 312 -1.79 -29.82 -9.64
C GLY A 312 -1.68 -29.23 -8.25
N GLY A 313 -2.78 -29.20 -7.51
CA GLY A 313 -2.77 -28.64 -6.18
C GLY A 313 -3.33 -27.24 -6.12
N LEU A 314 -3.22 -26.65 -4.93
CA LEU A 314 -3.79 -25.31 -4.69
C LEU A 314 -2.75 -24.21 -4.92
N ILE A 315 -1.67 -24.24 -4.16
CA ILE A 315 -0.56 -23.31 -4.38
C ILE A 315 0.27 -23.81 -5.54
N MET A 316 0.76 -22.89 -6.37
CA MET A 316 1.32 -23.31 -7.66
C MET A 316 2.69 -23.95 -7.52
N PHE A 317 3.71 -23.17 -7.16
CA PHE A 317 5.07 -23.66 -7.14
C PHE A 317 5.51 -23.91 -5.70
N ASP A 318 4.85 -24.88 -5.07
CA ASP A 318 5.02 -25.16 -3.65
C ASP A 318 6.42 -25.71 -3.39
N VAL A 319 7.22 -24.97 -2.64
CA VAL A 319 8.55 -25.43 -2.24
C VAL A 319 8.66 -25.21 -0.73
N SER A 320 7.55 -25.38 -0.02
CA SER A 320 7.54 -25.12 1.41
C SER A 320 8.00 -26.31 2.25
N HIS A 321 9.14 -26.91 1.92
CA HIS A 321 9.64 -28.05 2.68
C HIS A 321 11.15 -28.04 2.81
N VAL A 322 11.78 -26.86 2.78
CA VAL A 322 13.22 -26.77 2.62
C VAL A 322 13.91 -26.34 3.90
N GLU A 323 13.23 -25.51 4.72
CA GLU A 323 13.74 -24.90 5.96
C GLU A 323 15.12 -24.25 5.75
N VAL A 324 15.06 -23.15 4.99
CA VAL A 324 16.25 -22.34 4.70
C VAL A 324 16.89 -21.80 5.98
N ARG A 325 18.22 -21.91 6.06
CA ARG A 325 19.00 -21.41 7.19
C ARG A 325 19.80 -20.17 6.78
N TYR A 326 20.48 -19.59 7.76
CA TYR A 326 21.11 -18.28 7.62
C TYR A 326 22.61 -18.33 7.84
N HIS A 327 23.30 -19.26 7.17
CA HIS A 327 24.74 -19.39 7.31
C HIS A 327 25.45 -18.11 6.83
N ALA A 328 26.62 -17.85 7.40
CA ALA A 328 27.36 -16.63 7.12
C ALA A 328 28.28 -16.75 5.91
N ALA A 329 28.45 -17.93 5.35
CA ALA A 329 29.15 -18.09 4.09
C ALA A 329 28.22 -18.03 2.90
N ASP A 330 26.95 -17.72 3.13
CA ASP A 330 25.95 -17.55 2.08
C ASP A 330 25.44 -16.12 2.06
N ILE A 331 26.37 -15.18 2.24
CA ILE A 331 26.13 -13.78 1.95
C ILE A 331 26.73 -13.39 0.61
N ILE A 332 27.90 -13.94 0.28
CA ILE A 332 28.53 -13.72 -1.02
C ILE A 332 27.69 -14.24 -2.18
N PRO A 333 27.16 -15.48 -2.19
CA PRO A 333 26.35 -15.88 -3.36
C PRO A 333 24.98 -15.24 -3.43
N VAL A 334 24.39 -14.81 -2.32
CA VAL A 334 23.09 -14.13 -2.42
C VAL A 334 23.25 -12.73 -3.01
N THR A 335 24.29 -12.01 -2.60
CA THR A 335 24.58 -10.76 -3.28
C THR A 335 25.07 -10.95 -4.71
N LEU A 336 25.66 -12.10 -5.03
CA LEU A 336 26.00 -12.34 -6.43
C LEU A 336 24.74 -12.60 -7.25
N ILE A 337 23.75 -13.27 -6.67
CA ILE A 337 22.46 -13.44 -7.34
C ILE A 337 21.79 -12.08 -7.55
N GLY A 338 21.90 -11.19 -6.57
CA GLY A 338 21.33 -9.87 -6.72
C GLY A 338 22.06 -9.00 -7.74
N VAL A 339 23.39 -9.03 -7.73
CA VAL A 339 24.17 -8.21 -8.65
C VAL A 339 23.99 -8.69 -10.08
N PHE A 340 24.03 -10.01 -10.30
CA PHE A 340 23.84 -10.53 -11.64
C PHE A 340 22.40 -10.38 -12.10
N GLY A 341 21.43 -10.38 -11.19
CA GLY A 341 20.07 -10.12 -11.60
C GLY A 341 19.85 -8.67 -11.99
N GLY A 342 20.52 -7.75 -11.31
CA GLY A 342 20.46 -6.36 -11.73
C GLY A 342 21.11 -6.13 -13.08
N ILE A 343 22.28 -6.73 -13.31
CA ILE A 343 22.97 -6.55 -14.58
C ILE A 343 22.21 -7.22 -15.72
N LEU A 344 21.66 -8.41 -15.50
CA LEU A 344 20.94 -9.08 -16.57
C LEU A 344 19.56 -8.46 -16.79
N GLY A 345 18.94 -7.88 -15.78
CA GLY A 345 17.70 -7.16 -16.02
C GLY A 345 17.93 -5.87 -16.77
N SER A 346 19.03 -5.17 -16.48
CA SER A 346 19.39 -3.97 -17.22
C SER A 346 19.68 -4.30 -18.68
N LEU A 347 20.47 -5.35 -18.92
CA LEU A 347 20.80 -5.74 -20.28
C LEU A 347 19.59 -6.29 -21.02
N TYR A 348 18.68 -6.95 -20.32
CA TYR A 348 17.48 -7.47 -20.96
C TYR A 348 16.52 -6.36 -21.34
N ASN A 349 16.41 -5.31 -20.50
CA ASN A 349 15.62 -4.16 -20.87
C ASN A 349 16.24 -3.43 -22.05
N HIS A 350 17.56 -3.28 -22.05
CA HIS A 350 18.25 -2.57 -23.11
C HIS A 350 18.16 -3.32 -24.44
N LEU A 351 18.06 -4.64 -24.41
CA LEU A 351 17.90 -5.37 -25.66
C LEU A 351 16.44 -5.52 -26.08
N LEU A 352 15.51 -5.62 -25.14
CA LEU A 352 14.10 -5.68 -25.52
C LEU A 352 13.61 -4.36 -26.05
N HIS A 353 14.24 -3.25 -25.64
CA HIS A 353 13.94 -1.95 -26.24
C HIS A 353 14.29 -1.93 -27.72
N LYS A 354 15.47 -2.47 -28.08
CA LYS A 354 15.88 -2.51 -29.47
C LYS A 354 15.04 -3.49 -30.27
N VAL A 355 14.63 -4.60 -29.65
CA VAL A 355 13.82 -5.58 -30.36
C VAL A 355 12.42 -5.03 -30.63
N LEU A 356 11.83 -4.31 -29.68
CA LEU A 356 10.54 -3.70 -29.93
C LEU A 356 10.62 -2.54 -30.92
N ARG A 357 11.75 -1.81 -30.92
CA ARG A 357 11.97 -0.82 -31.97
C ARG A 357 12.05 -1.45 -33.34
N LEU A 358 12.64 -2.64 -33.44
CA LEU A 358 12.65 -3.35 -34.72
C LEU A 358 11.26 -3.84 -35.09
N TYR A 359 10.51 -4.36 -34.12
CA TYR A 359 9.18 -4.91 -34.40
C TYR A 359 8.18 -3.83 -34.76
N ASN A 360 8.43 -2.57 -34.38
CA ASN A 360 7.56 -1.49 -34.85
C ASN A 360 7.67 -1.25 -36.34
N LEU A 361 8.77 -1.65 -36.97
CA LEU A 361 8.87 -1.54 -38.42
C LEU A 361 8.07 -2.63 -39.11
N ILE A 362 8.11 -3.85 -38.57
CA ILE A 362 7.42 -4.95 -39.22
C ILE A 362 5.92 -4.86 -39.02
N ASN A 363 5.47 -4.21 -37.94
CA ASN A 363 4.04 -4.12 -37.68
C ASN A 363 3.34 -3.14 -38.60
N GLN A 364 4.07 -2.25 -39.26
CA GLN A 364 3.48 -1.25 -40.14
C GLN A 364 3.52 -1.66 -41.60
N LYS A 365 4.12 -2.79 -41.93
CA LYS A 365 4.20 -3.26 -43.30
C LYS A 365 2.99 -4.08 -43.72
N GLY A 366 1.95 -4.12 -42.91
CA GLY A 366 0.71 -4.79 -43.27
C GLY A 366 0.22 -5.71 -42.19
N LYS A 367 -0.97 -6.25 -42.42
CA LYS A 367 -1.58 -7.21 -41.52
C LYS A 367 -1.17 -8.64 -41.81
N ILE A 368 -0.30 -8.87 -42.80
CA ILE A 368 0.19 -10.21 -43.07
C ILE A 368 1.63 -10.38 -42.60
N HIS A 369 2.38 -9.29 -42.42
CA HIS A 369 3.72 -9.40 -41.87
C HIS A 369 3.67 -9.71 -40.38
N LYS A 370 2.61 -9.27 -39.71
CA LYS A 370 2.38 -9.66 -38.32
C LYS A 370 2.15 -11.16 -38.19
N VAL A 371 1.33 -11.73 -39.09
CA VAL A 371 1.04 -13.16 -39.03
C VAL A 371 2.27 -13.97 -39.41
N LEU A 372 3.06 -13.49 -40.37
CA LEU A 372 4.28 -14.19 -40.72
C LEU A 372 5.31 -14.12 -39.60
N LEU A 373 5.37 -13.00 -38.88
CA LEU A 373 6.28 -12.89 -37.75
C LEU A 373 5.87 -13.80 -36.60
N SER A 374 4.56 -13.87 -36.33
CA SER A 374 4.07 -14.75 -35.27
C SER A 374 4.29 -16.23 -35.61
N LEU A 375 4.03 -16.62 -36.85
CA LEU A 375 4.26 -18.00 -37.24
C LEU A 375 5.75 -18.34 -37.30
N GLY A 376 6.60 -17.38 -37.68
CA GLY A 376 8.03 -17.65 -37.67
C GLY A 376 8.59 -17.79 -36.27
N VAL A 377 8.07 -17.00 -35.32
CA VAL A 377 8.48 -17.13 -33.93
C VAL A 377 8.02 -18.45 -33.36
N SER A 378 6.79 -18.89 -33.67
CA SER A 378 6.31 -20.17 -33.18
C SER A 378 7.07 -21.34 -33.80
N LEU A 379 7.46 -21.22 -35.07
CA LEU A 379 8.23 -22.26 -35.72
C LEU A 379 9.63 -22.38 -35.12
N PHE A 380 10.29 -21.25 -34.88
CA PHE A 380 11.62 -21.27 -34.28
C PHE A 380 11.57 -21.80 -32.85
N THR A 381 10.50 -21.43 -32.12
CA THR A 381 10.31 -21.93 -30.76
C THR A 381 10.16 -23.44 -30.74
N SER A 382 9.30 -23.99 -31.60
CA SER A 382 9.05 -25.42 -31.58
C SER A 382 10.25 -26.22 -32.08
N VAL A 383 10.95 -25.71 -33.09
CA VAL A 383 12.14 -26.39 -33.60
C VAL A 383 13.23 -26.42 -32.55
N CYS A 384 13.40 -25.32 -31.79
CA CYS A 384 14.39 -25.33 -30.72
C CYS A 384 13.97 -26.24 -29.56
N LEU A 385 12.70 -26.13 -29.12
CA LEU A 385 12.22 -26.93 -27.98
C LEU A 385 12.17 -28.42 -28.28
N PHE A 386 12.19 -28.83 -29.55
CA PHE A 386 12.34 -30.26 -29.82
C PHE A 386 13.76 -30.67 -30.19
N GLY A 387 14.55 -29.80 -30.80
CA GLY A 387 15.84 -30.22 -31.30
C GLY A 387 17.00 -30.00 -30.36
N LEU A 388 16.86 -29.05 -29.45
CA LEU A 388 17.90 -28.80 -28.45
C LEU A 388 18.16 -29.91 -27.44
N PRO A 389 17.18 -30.68 -26.93
CA PRO A 389 17.54 -31.75 -25.97
C PRO A 389 18.32 -32.92 -26.56
N PHE A 390 18.53 -32.97 -27.87
CA PHE A 390 19.38 -34.00 -28.45
C PHE A 390 20.86 -33.65 -28.37
N LEU A 391 21.21 -32.53 -27.73
CA LEU A 391 22.60 -32.17 -27.54
C LEU A 391 23.12 -32.54 -26.16
N ALA A 392 22.28 -32.53 -25.14
CA ALA A 392 22.71 -32.88 -23.80
C ALA A 392 22.77 -34.39 -23.64
N GLU A 393 23.89 -34.88 -23.12
CA GLU A 393 24.04 -36.30 -22.89
C GLU A 393 23.20 -36.74 -21.70
N CYS A 394 22.89 -38.04 -21.66
CA CYS A 394 22.04 -38.58 -20.61
C CYS A 394 22.88 -38.86 -19.37
N LYS A 395 22.39 -38.42 -18.21
CA LYS A 395 23.06 -38.73 -16.97
C LYS A 395 22.23 -39.73 -16.17
N PRO A 396 22.86 -40.66 -15.46
CA PRO A 396 22.11 -41.72 -14.78
C PRO A 396 21.41 -41.23 -13.53
N CYS A 397 20.46 -42.04 -13.07
CA CYS A 397 19.68 -41.71 -11.90
C CYS A 397 20.51 -41.82 -10.63
N ASP A 398 20.04 -41.14 -9.59
CA ASP A 398 20.62 -41.21 -8.27
C ASP A 398 19.55 -41.59 -7.25
N PRO A 399 19.79 -42.60 -6.40
CA PRO A 399 18.78 -43.00 -5.43
C PRO A 399 18.68 -42.09 -4.23
N SER A 400 19.56 -41.12 -4.07
CA SER A 400 19.52 -40.21 -2.94
C SER A 400 18.52 -39.08 -3.14
N ILE A 401 17.89 -38.98 -4.30
CA ILE A 401 16.99 -37.87 -4.58
C ILE A 401 15.57 -38.19 -4.12
N ASP A 402 15.21 -39.48 -4.11
CA ASP A 402 14.00 -40.14 -3.60
C ASP A 402 12.79 -39.91 -4.53
N GLU A 403 12.87 -39.01 -5.50
CA GLU A 403 11.79 -38.88 -6.46
C GLU A 403 11.96 -39.91 -7.58
N ILE A 404 10.85 -40.21 -8.25
CA ILE A 404 10.81 -41.28 -9.24
C ILE A 404 11.49 -40.79 -10.51
N CYS A 405 12.63 -41.39 -10.84
CA CYS A 405 13.31 -41.06 -12.08
C CYS A 405 13.59 -42.34 -12.87
N PRO A 406 13.44 -42.30 -14.20
CA PRO A 406 12.85 -41.23 -14.99
C PRO A 406 11.33 -41.29 -14.99
N THR A 407 10.68 -40.33 -15.65
CA THR A 407 9.23 -40.28 -15.72
C THR A 407 8.79 -40.05 -17.15
N ASN A 408 7.73 -40.74 -17.57
CA ASN A 408 7.18 -40.60 -18.90
C ASN A 408 5.75 -40.09 -18.77
N GLY A 409 5.48 -38.94 -19.39
CA GLY A 409 4.14 -38.39 -19.36
C GLY A 409 4.18 -36.90 -19.63
N ARG A 410 3.06 -36.25 -19.32
CA ARG A 410 2.93 -34.82 -19.52
C ARG A 410 3.45 -34.00 -18.35
N SER A 411 3.78 -34.65 -17.23
CA SER A 411 4.26 -33.95 -16.05
C SER A 411 5.78 -33.91 -16.02
N GLY A 412 6.31 -33.12 -15.09
CA GLY A 412 7.73 -32.91 -15.01
C GLY A 412 8.45 -34.00 -14.25
N ASN A 413 9.33 -33.61 -13.32
CA ASN A 413 10.00 -34.51 -12.38
C ASN A 413 10.85 -35.56 -13.09
N PHE A 414 12.00 -35.16 -13.63
CA PHE A 414 13.01 -36.04 -14.21
C PHE A 414 12.50 -36.76 -15.44
N LYS A 415 12.14 -36.01 -16.48
CA LYS A 415 11.62 -36.62 -17.68
C LYS A 415 12.74 -37.20 -18.52
N GLN A 416 12.43 -38.27 -19.25
CA GLN A 416 13.30 -38.80 -20.29
C GLN A 416 12.51 -38.88 -21.58
N PHE A 417 13.19 -38.66 -22.70
CA PHE A 417 12.55 -38.92 -23.97
C PHE A 417 13.44 -39.58 -25.02
N ASN A 418 14.76 -39.48 -24.94
CA ASN A 418 15.63 -40.24 -25.82
C ASN A 418 16.67 -41.07 -25.07
N CYS A 419 16.70 -41.01 -23.75
CA CYS A 419 17.66 -41.78 -22.98
C CYS A 419 17.20 -43.23 -22.88
N PRO A 420 18.13 -44.16 -22.66
CA PRO A 420 17.72 -45.54 -22.39
C PRO A 420 17.08 -45.70 -21.02
N ASN A 421 16.60 -46.90 -20.70
CA ASN A 421 15.88 -47.12 -19.46
C ASN A 421 16.85 -47.07 -18.28
N GLY A 422 16.53 -46.23 -17.31
CA GLY A 422 17.40 -46.00 -16.16
C GLY A 422 18.16 -44.69 -16.19
N TYR A 423 18.07 -43.94 -17.27
CA TYR A 423 18.69 -42.64 -17.41
C TYR A 423 17.59 -41.60 -17.58
N TYR A 424 17.98 -40.32 -17.62
CA TYR A 424 17.00 -39.27 -17.82
C TYR A 424 17.68 -38.09 -18.49
N ASN A 425 16.91 -37.37 -19.31
CA ASN A 425 17.41 -36.20 -20.01
C ASN A 425 17.17 -34.96 -19.15
N ASP A 426 18.25 -34.22 -18.88
CA ASP A 426 18.14 -33.05 -18.03
C ASP A 426 17.71 -31.80 -18.78
N LEU A 427 17.80 -31.79 -20.11
CA LEU A 427 17.20 -30.69 -20.87
C LEU A 427 15.71 -30.88 -21.07
N SER A 428 15.27 -32.09 -21.40
CA SER A 428 13.85 -32.32 -21.62
C SER A 428 13.04 -32.33 -20.34
N THR A 429 13.69 -32.24 -19.18
CA THR A 429 12.98 -31.90 -17.95
C THR A 429 12.42 -30.49 -18.03
N LEU A 430 13.14 -29.58 -18.71
CA LEU A 430 12.83 -28.16 -18.79
C LEU A 430 12.12 -27.78 -20.07
N LEU A 431 12.67 -28.17 -21.22
CA LEU A 431 11.97 -28.03 -22.47
C LEU A 431 11.00 -29.19 -22.63
N LEU A 432 10.25 -29.21 -23.74
CA LEU A 432 9.25 -30.24 -24.08
C LEU A 432 8.18 -30.41 -23.02
N THR A 433 7.93 -29.37 -22.24
CA THR A 433 6.94 -29.41 -21.18
C THR A 433 6.23 -28.08 -21.21
N THR A 434 5.01 -28.04 -20.68
CA THR A 434 4.34 -26.76 -20.46
C THR A 434 5.15 -25.96 -19.44
N ASN A 435 5.19 -24.64 -19.64
CA ASN A 435 6.06 -23.79 -18.83
C ASN A 435 5.60 -23.65 -17.39
N ASP A 436 4.38 -24.06 -17.08
CA ASP A 436 3.94 -24.13 -15.70
C ASP A 436 4.63 -25.26 -14.94
N ASP A 437 5.14 -26.27 -15.65
CA ASP A 437 5.85 -27.37 -15.03
C ASP A 437 7.36 -27.29 -15.17
N ALA A 438 7.85 -26.52 -16.14
CA ALA A 438 9.30 -26.30 -16.23
C ALA A 438 9.80 -25.54 -15.02
N VAL A 439 9.08 -24.51 -14.57
CA VAL A 439 9.50 -23.80 -13.39
C VAL A 439 9.24 -24.59 -12.11
N ARG A 440 8.36 -25.59 -12.14
CA ARG A 440 8.29 -26.49 -11.00
C ARG A 440 9.45 -27.46 -10.99
N ASN A 441 10.00 -27.76 -12.16
CA ASN A 441 11.19 -28.60 -12.20
C ASN A 441 12.44 -27.85 -11.80
N ILE A 442 12.53 -26.54 -12.06
CA ILE A 442 13.72 -25.82 -11.59
C ILE A 442 13.58 -25.41 -10.14
N PHE A 443 12.36 -25.27 -9.61
CA PHE A 443 12.16 -24.99 -8.20
C PHE A 443 12.10 -26.26 -7.37
N SER A 444 12.69 -27.35 -7.84
CA SER A 444 12.51 -28.66 -7.22
C SER A 444 13.31 -28.73 -5.93
N SER A 445 12.62 -28.83 -4.81
CA SER A 445 13.27 -29.03 -3.54
C SER A 445 13.85 -30.43 -3.45
N ASN A 446 15.04 -30.52 -2.81
CA ASN A 446 15.76 -31.77 -2.56
C ASN A 446 16.11 -32.50 -3.85
N THR A 447 16.77 -31.79 -4.76
CA THR A 447 17.33 -32.38 -5.98
C THR A 447 18.74 -31.83 -6.19
N PRO A 448 19.74 -32.36 -5.50
CA PRO A 448 21.10 -31.86 -5.71
C PRO A 448 21.68 -32.37 -7.02
N ASN A 449 22.14 -31.42 -7.85
CA ASN A 449 22.85 -31.67 -9.11
C ASN A 449 22.01 -32.46 -10.10
N GLU A 450 20.73 -32.11 -10.21
CA GLU A 450 19.87 -32.76 -11.20
C GLU A 450 20.23 -32.33 -12.61
N PHE A 451 20.38 -31.03 -12.83
CA PHE A 451 20.74 -30.47 -14.12
C PHE A 451 22.21 -30.09 -14.14
N GLY A 452 22.89 -30.40 -15.23
CA GLY A 452 24.29 -30.09 -15.34
C GLY A 452 24.53 -28.60 -15.54
N MET A 453 25.79 -28.28 -15.81
CA MET A 453 26.11 -26.89 -16.09
C MET A 453 25.86 -26.56 -17.55
N VAL A 454 26.20 -27.47 -18.46
CA VAL A 454 26.06 -27.19 -19.88
C VAL A 454 24.59 -27.22 -20.30
N SER A 455 23.80 -28.09 -19.69
CA SER A 455 22.37 -28.14 -20.02
C SER A 455 21.65 -26.91 -19.47
N LEU A 456 22.04 -26.43 -18.30
CA LEU A 456 21.46 -25.21 -17.79
C LEU A 456 21.92 -24.00 -18.59
N TRP A 457 23.16 -24.01 -19.09
CA TRP A 457 23.63 -22.94 -19.95
C TRP A 457 22.84 -22.91 -21.26
N ILE A 458 22.54 -24.09 -21.82
CA ILE A 458 21.80 -24.15 -23.07
C ILE A 458 20.37 -23.70 -22.86
N PHE A 459 19.75 -24.09 -21.75
CA PHE A 459 18.40 -23.62 -21.44
C PHE A 459 18.36 -22.12 -21.18
N PHE A 460 19.39 -21.58 -20.52
CA PHE A 460 19.46 -20.15 -20.26
C PHE A 460 19.66 -19.37 -21.54
N GLY A 461 20.60 -19.78 -22.37
CA GLY A 461 20.84 -19.13 -23.64
C GLY A 461 19.73 -19.29 -24.64
N LEU A 462 18.87 -20.29 -24.45
CA LEU A 462 17.68 -20.36 -25.28
C LEU A 462 16.59 -19.43 -24.78
N TYR A 463 16.34 -19.40 -23.47
CA TYR A 463 15.22 -18.60 -23.02
C TYR A 463 15.52 -17.12 -22.94
N CYS A 464 16.80 -16.73 -22.85
CA CYS A 464 17.08 -15.30 -22.99
C CYS A 464 16.96 -14.82 -24.42
N ILE A 465 16.93 -15.72 -25.40
CA ILE A 465 16.62 -15.36 -26.77
C ILE A 465 15.13 -15.35 -27.01
N LEU A 466 14.43 -16.35 -26.48
CA LEU A 466 12.99 -16.43 -26.67
C LEU A 466 12.25 -15.32 -25.92
N GLY A 467 12.79 -14.84 -24.80
CA GLY A 467 12.17 -13.72 -24.12
C GLY A 467 12.29 -12.43 -24.88
N LEU A 468 13.36 -12.25 -25.64
CA LEU A 468 13.48 -11.10 -26.52
C LEU A 468 12.53 -11.22 -27.70
N ILE A 469 12.60 -12.34 -28.43
CA ILE A 469 11.91 -12.38 -29.71
C ILE A 469 10.44 -12.77 -29.61
N THR A 470 9.97 -13.22 -28.45
CA THR A 470 8.56 -13.59 -28.34
C THR A 470 7.71 -12.44 -27.83
N PHE A 471 8.24 -11.65 -26.90
CA PHE A 471 7.52 -10.48 -26.44
C PHE A 471 7.50 -9.46 -27.54
N GLY A 472 6.32 -9.01 -27.90
CA GLY A 472 6.19 -8.02 -28.95
C GLY A 472 5.59 -8.54 -30.23
N ILE A 473 5.43 -9.86 -30.37
CA ILE A 473 4.75 -10.41 -31.53
C ILE A 473 3.26 -10.22 -31.33
N ALA A 474 2.47 -10.50 -32.36
CA ALA A 474 1.09 -10.06 -32.43
C ALA A 474 0.12 -11.04 -31.80
N THR A 475 0.54 -11.77 -30.77
CA THR A 475 -0.30 -12.66 -30.00
C THR A 475 -0.37 -12.10 -28.59
N PRO A 476 -1.36 -12.49 -27.76
CA PRO A 476 -1.39 -11.96 -26.39
C PRO A 476 -0.28 -12.53 -25.54
N SER A 477 0.78 -11.76 -25.34
CA SER A 477 1.97 -12.26 -24.68
C SER A 477 1.98 -11.79 -23.24
N GLY A 478 3.07 -12.08 -22.54
CA GLY A 478 3.22 -11.73 -21.15
C GLY A 478 4.68 -11.55 -20.86
N LEU A 479 5.04 -11.22 -19.63
CA LEU A 479 6.45 -10.95 -19.35
C LEU A 479 6.89 -11.42 -17.97
N PHE A 480 6.02 -12.10 -17.26
CA PHE A 480 6.39 -12.61 -15.96
C PHE A 480 7.05 -13.95 -16.16
N LEU A 481 6.40 -14.82 -16.90
CA LEU A 481 6.92 -16.17 -17.11
C LEU A 481 8.27 -16.26 -17.85
N PRO A 482 8.57 -15.47 -18.91
CA PRO A 482 9.93 -15.55 -19.47
C PRO A 482 11.00 -15.06 -18.52
N ILE A 483 10.70 -14.05 -17.71
CA ILE A 483 11.68 -13.59 -16.74
C ILE A 483 11.84 -14.60 -15.61
N ILE A 484 10.75 -15.29 -15.23
CA ILE A 484 10.83 -16.34 -14.22
C ILE A 484 11.71 -17.49 -14.70
N LEU A 485 11.53 -17.92 -15.95
CA LEU A 485 12.34 -19.01 -16.50
C LEU A 485 13.79 -18.60 -16.67
N MET A 486 14.03 -17.41 -17.23
CA MET A 486 15.39 -16.93 -17.45
C MET A 486 16.12 -16.64 -16.15
N GLY A 487 15.39 -16.35 -15.08
CA GLY A 487 16.00 -16.14 -13.79
C GLY A 487 16.25 -17.43 -13.04
N SER A 488 15.35 -18.40 -13.16
CA SER A 488 15.57 -19.70 -12.55
C SER A 488 16.76 -20.41 -13.16
N ALA A 489 17.02 -20.17 -14.44
CA ALA A 489 18.16 -20.79 -15.11
C ALA A 489 19.49 -20.39 -14.47
N TYR A 490 19.76 -19.10 -14.37
CA TYR A 490 21.03 -18.73 -13.76
C TYR A 490 21.01 -18.84 -12.24
N GLY A 491 19.83 -18.86 -11.62
CA GLY A 491 19.78 -19.15 -10.19
C GLY A 491 20.24 -20.56 -9.87
N ARG A 492 19.72 -21.55 -10.58
CA ARG A 492 20.23 -22.90 -10.39
C ARG A 492 21.60 -23.09 -11.00
N MET A 493 22.03 -22.24 -11.92
CA MET A 493 23.43 -22.29 -12.38
C MET A 493 24.37 -21.90 -11.26
N LEU A 494 24.05 -20.85 -10.52
CA LEU A 494 24.88 -20.50 -9.38
C LEU A 494 24.75 -21.51 -8.25
N GLY A 495 23.59 -22.16 -8.13
CA GLY A 495 23.43 -23.23 -7.16
C GLY A 495 24.29 -24.44 -7.44
N THR A 496 24.37 -24.84 -8.72
CA THR A 496 25.25 -25.93 -9.10
C THR A 496 26.71 -25.49 -9.06
N ALA A 497 26.98 -24.20 -9.28
CA ALA A 497 28.36 -23.73 -9.25
C ALA A 497 28.92 -23.69 -7.84
N MET A 498 28.10 -23.35 -6.84
CA MET A 498 28.57 -23.38 -5.47
C MET A 498 28.76 -24.82 -5.00
N GLY A 499 27.70 -25.59 -4.99
CA GLY A 499 27.81 -27.02 -4.69
C GLY A 499 27.75 -27.29 -3.18
N SER A 500 28.86 -27.75 -2.63
CA SER A 500 28.94 -28.13 -1.22
C SER A 500 29.32 -26.97 -0.31
N TYR A 501 29.68 -25.81 -0.86
CA TYR A 501 30.08 -24.66 -0.07
C TYR A 501 28.91 -23.77 0.29
N THR A 502 27.70 -24.32 0.33
CA THR A 502 26.51 -23.59 0.69
C THR A 502 25.57 -24.54 1.43
N ASN A 503 24.51 -23.99 1.99
CA ASN A 503 23.50 -24.79 2.66
C ASN A 503 22.08 -24.52 2.17
N ILE A 504 21.86 -23.50 1.36
CA ILE A 504 20.57 -23.29 0.75
C ILE A 504 20.43 -24.23 -0.43
N ASP A 505 19.24 -24.81 -0.59
CA ASP A 505 18.96 -25.72 -1.68
C ASP A 505 19.02 -24.99 -3.01
N GLN A 506 19.36 -25.72 -4.07
CA GLN A 506 19.48 -25.11 -5.38
C GLN A 506 18.13 -24.71 -5.96
N GLY A 507 17.04 -25.33 -5.51
CA GLY A 507 15.73 -24.85 -5.88
C GLY A 507 15.43 -23.49 -5.30
N LEU A 508 15.89 -23.24 -4.08
CA LEU A 508 15.72 -21.91 -3.52
C LEU A 508 16.66 -20.92 -4.18
N TYR A 509 17.82 -21.36 -4.67
CA TYR A 509 18.63 -20.47 -5.49
C TYR A 509 17.95 -20.15 -6.81
N ALA A 510 17.16 -21.08 -7.34
CA ALA A 510 16.38 -20.77 -8.53
C ALA A 510 15.26 -19.78 -8.23
N VAL A 511 14.67 -19.90 -7.04
CA VAL A 511 13.65 -18.91 -6.64
C VAL A 511 14.27 -17.53 -6.47
N LEU A 512 15.46 -17.48 -5.88
CA LEU A 512 16.16 -16.20 -5.73
C LEU A 512 16.59 -15.63 -7.07
N GLY A 513 16.97 -16.50 -8.02
CA GLY A 513 17.34 -16.02 -9.34
C GLY A 513 16.14 -15.49 -10.11
N ALA A 514 14.99 -16.13 -9.98
CA ALA A 514 13.78 -15.65 -10.63
C ALA A 514 13.34 -14.31 -10.05
N ALA A 515 13.34 -14.19 -8.72
CA ALA A 515 12.96 -12.93 -8.11
C ALA A 515 13.97 -11.83 -8.37
N SER A 516 15.24 -12.17 -8.49
CA SER A 516 16.25 -11.16 -8.71
C SER A 516 16.22 -10.65 -10.14
N LEU A 517 15.97 -11.53 -11.13
CA LEU A 517 15.81 -11.03 -12.49
C LEU A 517 14.50 -10.28 -12.66
N MET A 518 13.44 -10.69 -11.96
CA MET A 518 12.18 -9.97 -12.07
C MET A 518 12.27 -8.59 -11.43
N ALA A 519 13.06 -8.43 -10.37
CA ALA A 519 13.29 -7.10 -9.82
C ALA A 519 14.20 -6.28 -10.72
N GLY A 520 15.24 -6.89 -11.27
CA GLY A 520 16.14 -6.15 -12.14
C GLY A 520 15.53 -5.76 -13.47
N SER A 521 14.41 -6.38 -13.85
CA SER A 521 13.76 -6.01 -15.10
C SER A 521 12.39 -5.34 -14.93
N MET A 522 11.80 -5.29 -13.74
CA MET A 522 10.54 -4.56 -13.57
C MET A 522 10.59 -3.54 -12.43
N ARG A 523 11.64 -3.53 -11.64
CA ARG A 523 11.84 -2.56 -10.57
C ARG A 523 10.67 -2.52 -9.58
N MET A 524 10.30 -3.70 -9.07
CA MET A 524 9.29 -3.83 -8.06
C MET A 524 9.88 -4.52 -6.85
N THR A 525 9.42 -4.14 -5.66
CA THR A 525 9.95 -4.73 -4.44
C THR A 525 8.90 -5.45 -3.60
N VAL A 526 7.82 -4.78 -3.21
CA VAL A 526 6.91 -5.37 -2.24
C VAL A 526 6.02 -6.41 -2.92
N SER A 527 5.57 -6.11 -4.13
CA SER A 527 4.69 -7.01 -4.84
C SER A 527 5.41 -8.29 -5.23
N LEU A 528 6.70 -8.18 -5.54
CA LEU A 528 7.45 -9.37 -5.92
C LEU A 528 7.73 -10.26 -4.73
N CYS A 529 8.03 -9.68 -3.56
CA CYS A 529 8.29 -10.52 -2.40
C CYS A 529 7.02 -11.17 -1.89
N VAL A 530 5.89 -10.46 -1.93
CA VAL A 530 4.64 -11.07 -1.49
C VAL A 530 4.15 -12.09 -2.50
N ILE A 531 4.38 -11.85 -3.80
CA ILE A 531 3.98 -12.79 -4.83
C ILE A 531 4.86 -14.04 -4.78
N PHE A 532 6.15 -13.89 -4.48
CA PHE A 532 6.98 -15.08 -4.36
C PHE A 532 6.74 -15.83 -3.07
N LEU A 533 6.31 -15.13 -2.01
CA LEU A 533 5.80 -15.81 -0.82
C LEU A 533 4.60 -16.67 -1.16
N GLU A 534 3.60 -16.09 -1.80
CA GLU A 534 2.38 -16.83 -2.01
C GLU A 534 2.39 -17.70 -3.25
N LEU A 535 3.49 -17.70 -3.99
CA LEU A 535 3.76 -18.75 -4.96
C LEU A 535 4.51 -19.91 -4.32
N THR A 536 5.53 -19.61 -3.53
CA THR A 536 6.41 -20.64 -3.02
C THR A 536 6.02 -21.19 -1.66
N ASN A 537 5.12 -20.50 -0.93
CA ASN A 537 4.65 -20.87 0.42
C ASN A 537 5.78 -20.98 1.45
N ASN A 538 6.93 -20.39 1.19
CA ASN A 538 8.06 -20.46 2.10
C ASN A 538 8.14 -19.13 2.84
N LEU A 539 7.57 -19.09 4.04
CA LEU A 539 7.56 -17.85 4.81
C LEU A 539 8.93 -17.51 5.35
N LEU A 540 9.76 -18.50 5.61
CA LEU A 540 11.11 -18.23 6.12
C LEU A 540 12.08 -17.85 5.02
N LEU A 541 11.63 -17.80 3.77
CA LEU A 541 12.45 -17.29 2.68
C LEU A 541 12.23 -15.80 2.45
N LEU A 542 11.14 -15.25 2.99
CA LEU A 542 10.79 -13.85 2.78
C LEU A 542 11.85 -12.81 3.19
N PRO A 543 12.68 -12.98 4.23
CA PRO A 543 13.78 -12.03 4.40
C PRO A 543 14.83 -12.05 3.29
N ILE A 544 15.35 -13.23 2.96
CA ILE A 544 16.45 -13.27 2.01
C ILE A 544 15.96 -13.02 0.58
N THR A 545 14.70 -13.34 0.29
CA THR A 545 14.19 -13.13 -1.04
C THR A 545 13.88 -11.68 -1.33
N MET A 546 13.90 -10.80 -0.33
CA MET A 546 13.79 -9.37 -0.58
C MET A 546 15.08 -8.62 -0.31
N PHE A 547 15.98 -9.21 0.48
CA PHE A 547 17.37 -8.77 0.45
C PHE A 547 17.98 -8.97 -0.93
N VAL A 548 17.49 -9.94 -1.70
CA VAL A 548 18.00 -10.05 -3.07
C VAL A 548 17.25 -9.10 -4.03
N LEU A 549 15.98 -8.79 -3.77
CA LEU A 549 15.24 -7.88 -4.63
C LEU A 549 15.80 -6.47 -4.55
N LEU A 550 16.24 -6.05 -3.36
CA LEU A 550 16.74 -4.69 -3.22
C LEU A 550 18.08 -4.50 -3.93
N ILE A 551 18.97 -5.49 -3.86
CA ILE A 551 20.23 -5.38 -4.58
C ILE A 551 20.00 -5.43 -6.09
N ALA A 552 19.05 -6.27 -6.52
CA ALA A 552 18.72 -6.35 -7.94
C ALA A 552 18.16 -5.03 -8.45
N LYS A 553 17.26 -4.41 -7.69
CA LYS A 553 16.62 -3.18 -8.14
C LYS A 553 17.58 -2.00 -8.09
N THR A 554 18.37 -1.85 -7.02
CA THR A 554 19.29 -0.73 -6.95
C THR A 554 20.64 -1.01 -7.60
N VAL A 555 20.79 -2.12 -8.30
CA VAL A 555 21.81 -2.21 -9.35
C VAL A 555 21.21 -1.93 -10.71
N GLY A 556 19.99 -2.42 -10.98
CA GLY A 556 19.34 -2.18 -12.25
C GLY A 556 18.92 -0.74 -12.46
N ASP A 557 18.70 0.02 -11.39
CA ASP A 557 18.35 1.42 -11.53
C ASP A 557 19.53 2.28 -11.93
N SER A 558 20.75 1.80 -11.71
CA SER A 558 21.93 2.56 -12.07
C SER A 558 22.26 2.48 -13.54
N PHE A 559 21.56 1.67 -14.32
CA PHE A 559 21.81 1.54 -15.75
C PHE A 559 20.63 2.02 -16.59
N ASN A 560 19.44 1.50 -16.35
CA ASN A 560 18.31 1.74 -17.26
C ASN A 560 17.10 2.29 -16.53
N LEU A 561 15.98 2.33 -17.22
CA LEU A 561 14.69 2.58 -16.60
C LEU A 561 14.06 1.23 -16.22
N SER A 562 12.78 1.23 -15.90
CA SER A 562 12.04 0.00 -15.74
C SER A 562 11.68 -0.55 -17.12
N ILE A 563 10.83 -1.58 -17.17
CA ILE A 563 10.31 -2.00 -18.46
C ILE A 563 8.93 -1.45 -18.73
N TYR A 564 8.16 -1.11 -17.72
CA TYR A 564 6.89 -0.47 -18.02
C TYR A 564 7.13 0.94 -18.49
N GLU A 565 8.10 1.66 -17.91
CA GLU A 565 8.42 2.98 -18.42
C GLU A 565 8.98 2.91 -19.83
N ILE A 566 9.66 1.82 -20.19
CA ILE A 566 10.20 1.69 -21.53
C ILE A 566 9.09 1.41 -22.54
N ILE A 567 8.12 0.56 -22.18
CA ILE A 567 7.00 0.31 -23.09
C ILE A 567 6.06 1.51 -23.13
N LEU A 568 5.97 2.29 -22.05
CA LEU A 568 5.20 3.53 -22.11
C LEU A 568 5.90 4.57 -22.96
N HIS A 569 7.22 4.56 -22.98
CA HIS A 569 7.96 5.50 -23.81
C HIS A 569 7.93 5.11 -25.28
N LEU A 570 7.85 3.81 -25.58
CA LEU A 570 7.75 3.39 -26.96
C LEU A 570 6.37 3.68 -27.53
N LYS A 571 5.33 3.48 -26.75
CA LYS A 571 3.98 3.74 -27.23
C LYS A 571 3.62 5.21 -27.19
N GLY A 572 4.51 6.06 -26.69
CA GLY A 572 4.29 7.49 -26.69
C GLY A 572 3.19 7.96 -25.77
N LEU A 573 2.84 7.17 -24.78
CA LEU A 573 1.77 7.55 -23.86
C LEU A 573 2.29 8.60 -22.88
N PRO A 574 1.54 9.67 -22.62
CA PRO A 574 2.02 10.78 -21.77
C PRO A 574 1.86 10.55 -20.27
N PHE A 575 2.77 9.76 -19.72
CA PHE A 575 2.71 9.39 -18.31
C PHE A 575 3.32 10.49 -17.47
N LEU A 576 2.59 10.94 -16.44
CA LEU A 576 3.08 11.97 -15.54
C LEU A 576 3.84 11.36 -14.38
N GLU A 577 5.12 11.67 -14.28
CA GLU A 577 5.95 11.14 -13.20
C GLU A 577 5.55 11.76 -11.87
N ALA A 578 5.95 11.11 -10.79
CA ALA A 578 5.52 11.52 -9.46
C ALA A 578 6.26 12.77 -8.99
N ASN A 579 7.57 12.69 -8.89
CA ASN A 579 8.29 13.83 -8.35
C ASN A 579 8.86 14.69 -9.46
N PRO A 580 8.86 16.00 -9.29
CA PRO A 580 9.40 16.88 -10.33
C PRO A 580 10.92 16.85 -10.37
N GLU A 581 11.45 17.38 -11.47
CA GLU A 581 12.88 17.45 -11.67
C GLU A 581 13.48 18.55 -10.81
N PRO A 582 14.80 18.53 -10.57
CA PRO A 582 15.40 19.61 -9.78
C PRO A 582 15.47 20.94 -10.50
N TRP A 583 15.28 20.99 -11.82
CA TRP A 583 15.28 22.27 -12.53
C TRP A 583 13.89 22.84 -12.66
N MET A 584 12.85 22.07 -12.35
CA MET A 584 11.48 22.57 -12.44
C MET A 584 11.15 23.60 -11.38
N ARG A 585 11.96 23.68 -10.32
CA ARG A 585 11.70 24.66 -9.27
C ARG A 585 12.17 26.04 -9.67
N ASN A 586 13.15 26.14 -10.56
CA ASN A 586 13.67 27.43 -11.01
C ASN A 586 12.96 27.94 -12.25
N LEU A 587 11.75 27.47 -12.51
CA LEU A 587 10.96 27.92 -13.64
C LEU A 587 9.54 28.17 -13.14
N THR A 588 8.97 29.30 -13.50
CA THR A 588 7.65 29.65 -13.01
C THR A 588 6.59 29.39 -14.07
N VAL A 589 5.35 29.34 -13.62
CA VAL A 589 4.22 29.07 -14.51
C VAL A 589 3.99 30.23 -15.49
N GLY A 590 4.30 31.46 -15.07
CA GLY A 590 4.19 32.59 -15.97
C GLY A 590 5.17 32.53 -17.13
N GLU A 591 6.37 32.01 -16.88
CA GLU A 591 7.31 31.77 -17.98
C GLU A 591 6.84 30.63 -18.87
N LEU A 592 6.06 29.71 -18.33
CA LEU A 592 5.52 28.63 -19.15
C LEU A 592 4.43 29.14 -20.07
N ASN A 593 3.57 30.05 -19.58
CA ASN A 593 2.53 30.61 -20.41
C ASN A 593 3.00 31.77 -21.27
N ASP A 594 4.22 32.26 -21.06
CA ASP A 594 4.80 33.22 -21.99
C ASP A 594 5.40 32.58 -23.22
N ALA A 595 5.24 31.28 -23.40
CA ALA A 595 5.71 30.54 -24.58
C ALA A 595 4.61 29.60 -25.07
N LYS A 596 3.41 30.13 -25.20
CA LYS A 596 2.24 29.33 -25.57
C LYS A 596 1.27 30.21 -26.31
N PRO A 597 0.37 29.62 -27.11
CA PRO A 597 -0.73 30.41 -27.67
C PRO A 597 -1.67 30.87 -26.57
N PRO A 598 -2.36 31.99 -26.77
CA PRO A 598 -3.19 32.55 -25.69
C PRO A 598 -4.43 31.70 -25.46
N VAL A 599 -5.01 31.87 -24.28
CA VAL A 599 -6.17 31.10 -23.86
C VAL A 599 -7.39 31.60 -24.64
N VAL A 600 -8.21 30.68 -25.12
CA VAL A 600 -9.49 31.05 -25.72
C VAL A 600 -10.59 30.84 -24.68
N THR A 601 -11.49 31.80 -24.58
CA THR A 601 -12.50 31.82 -23.53
C THR A 601 -13.85 32.13 -24.11
N LEU A 602 -14.88 31.88 -23.31
CA LEU A 602 -16.25 32.22 -23.64
C LEU A 602 -16.78 33.12 -22.53
N ASN A 603 -17.76 33.95 -22.83
CA ASN A 603 -18.41 34.68 -21.75
C ASN A 603 -19.58 33.84 -21.24
N GLY A 604 -20.35 34.37 -20.30
CA GLY A 604 -21.33 33.57 -19.61
C GLY A 604 -22.60 33.28 -20.38
N VAL A 605 -23.06 34.23 -21.16
CA VAL A 605 -24.35 34.15 -21.85
C VAL A 605 -24.01 34.15 -23.33
N GLU A 606 -22.97 33.37 -23.67
CA GLU A 606 -22.31 33.40 -24.98
C GLU A 606 -23.25 33.15 -26.15
N LYS A 607 -23.06 33.93 -27.21
CA LYS A 607 -23.76 33.74 -28.47
C LYS A 607 -23.35 32.41 -29.10
N VAL A 608 -24.26 31.84 -29.91
CA VAL A 608 -24.06 30.51 -30.46
C VAL A 608 -22.94 30.50 -31.50
N ALA A 609 -22.72 31.65 -32.17
CA ALA A 609 -21.70 31.72 -33.21
C ALA A 609 -20.31 31.54 -32.63
N ASN A 610 -20.05 32.09 -31.45
CA ASN A 610 -18.74 31.91 -30.84
C ASN A 610 -18.56 30.50 -30.29
N ILE A 611 -19.64 29.86 -29.85
CA ILE A 611 -19.55 28.47 -29.41
C ILE A 611 -19.22 27.55 -30.58
N VAL A 612 -19.89 27.76 -31.72
CA VAL A 612 -19.63 26.96 -32.90
C VAL A 612 -18.23 27.23 -33.44
N ASP A 613 -17.77 28.49 -33.36
CA ASP A 613 -16.42 28.82 -33.84
C ASP A 613 -15.35 28.21 -32.96
N VAL A 614 -15.54 28.22 -31.64
CA VAL A 614 -14.52 27.66 -30.76
C VAL A 614 -14.61 26.13 -30.73
N LEU A 615 -15.73 25.55 -31.18
CA LEU A 615 -15.80 24.11 -31.30
C LEU A 615 -15.22 23.61 -32.61
N ARG A 616 -15.37 24.37 -33.70
CA ARG A 616 -14.81 23.95 -34.97
C ARG A 616 -13.32 24.23 -35.05
N ASN A 617 -12.91 25.45 -34.71
CA ASN A 617 -11.54 25.86 -34.99
C ASN A 617 -10.53 25.32 -33.98
N THR A 618 -10.95 25.04 -32.76
CA THR A 618 -10.03 24.62 -31.71
C THR A 618 -10.32 23.20 -31.28
N THR A 619 -9.27 22.53 -30.79
CA THR A 619 -9.37 21.17 -30.32
C THR A 619 -9.37 21.06 -28.81
N HIS A 620 -9.41 22.17 -28.10
CA HIS A 620 -9.35 22.17 -26.65
C HIS A 620 -10.65 21.63 -26.06
N ASN A 621 -10.55 21.03 -24.88
CA ASN A 621 -11.67 20.36 -24.26
C ASN A 621 -12.22 21.09 -23.06
N ALA A 622 -11.64 22.23 -22.66
CA ALA A 622 -12.17 23.02 -21.58
C ALA A 622 -11.81 24.47 -21.78
N PHE A 623 -12.80 25.34 -21.67
CA PHE A 623 -12.61 26.76 -21.87
C PHE A 623 -13.03 27.53 -20.63
N PRO A 624 -12.25 28.51 -20.19
CA PRO A 624 -12.68 29.32 -19.06
C PRO A 624 -13.82 30.25 -19.45
N VAL A 625 -14.67 30.54 -18.47
CA VAL A 625 -15.83 31.39 -18.66
C VAL A 625 -15.55 32.71 -17.96
N LEU A 626 -15.67 33.80 -18.69
CA LEU A 626 -15.48 35.14 -18.19
C LEU A 626 -16.81 35.88 -18.29
N ASP A 627 -16.78 37.19 -18.11
CA ASP A 627 -17.99 37.96 -18.36
C ASP A 627 -17.73 39.27 -19.07
N GLY A 628 -16.51 39.55 -19.50
CA GLY A 628 -16.23 40.73 -20.31
C GLY A 628 -16.36 42.07 -19.59
N GLY A 634 -15.07 45.31 -15.48
CA GLY A 634 -15.33 44.27 -14.52
C GLY A 634 -15.51 42.90 -15.15
N THR A 635 -14.46 42.09 -15.09
CA THR A 635 -14.46 40.74 -15.65
C THR A 635 -14.39 39.75 -14.49
N GLU A 636 -15.45 38.98 -14.29
CA GLU A 636 -15.56 38.04 -13.19
C GLU A 636 -15.39 36.63 -13.73
N LEU A 637 -14.33 35.95 -13.30
CA LEU A 637 -14.12 34.57 -13.69
C LEU A 637 -15.17 33.66 -13.05
N HIS A 638 -15.73 32.76 -13.85
CA HIS A 638 -16.65 31.76 -13.33
C HIS A 638 -15.99 30.40 -13.13
N GLY A 639 -15.18 29.95 -14.07
CA GLY A 639 -14.55 28.64 -13.96
C GLY A 639 -14.27 28.08 -15.34
N LEU A 640 -14.36 26.77 -15.46
CA LEU A 640 -14.17 26.06 -16.72
C LEU A 640 -15.48 25.45 -17.17
N ILE A 641 -15.67 25.38 -18.48
CA ILE A 641 -16.76 24.61 -19.07
C ILE A 641 -16.13 23.63 -20.04
N LEU A 642 -16.69 22.42 -20.10
CA LEU A 642 -16.11 21.39 -20.93
C LEU A 642 -16.72 21.39 -22.32
N ARG A 643 -16.00 20.80 -23.27
CA ARG A 643 -16.51 20.66 -24.62
C ARG A 643 -17.72 19.74 -24.67
N ALA A 644 -17.74 18.74 -23.79
CA ALA A 644 -18.82 17.76 -23.76
C ALA A 644 -20.16 18.35 -23.35
N HIS A 645 -20.16 19.50 -22.67
CA HIS A 645 -21.39 20.19 -22.35
C HIS A 645 -21.74 21.27 -23.37
N LEU A 646 -20.75 21.80 -24.07
CA LEU A 646 -21.02 22.69 -25.19
C LEU A 646 -21.74 21.95 -26.31
N VAL A 647 -21.29 20.73 -26.63
CA VAL A 647 -22.01 19.95 -27.63
C VAL A 647 -23.37 19.51 -27.13
N LYS A 648 -23.56 19.44 -25.80
CA LYS A 648 -24.87 19.06 -25.27
C LYS A 648 -25.87 20.20 -25.38
N VAL A 649 -25.46 21.43 -25.05
CA VAL A 649 -26.38 22.55 -25.22
C VAL A 649 -26.58 22.88 -26.68
N LEU A 650 -25.65 22.51 -27.56
CA LEU A 650 -25.93 22.68 -28.97
C LEU A 650 -26.88 21.61 -29.50
N LYS A 651 -26.81 20.39 -28.98
CA LYS A 651 -27.73 19.35 -29.44
C LYS A 651 -29.12 19.49 -28.85
N LYS A 652 -29.23 20.00 -27.61
CA LYS A 652 -30.51 20.05 -26.92
C LYS A 652 -31.43 21.15 -27.44
N ARG A 653 -30.91 22.05 -28.29
CA ARG A 653 -31.60 23.27 -28.73
C ARG A 653 -32.05 24.10 -27.54
N TRP A 654 -31.12 24.38 -26.63
CA TRP A 654 -31.38 25.25 -25.49
C TRP A 654 -30.91 26.66 -25.83
N PHE A 655 -31.67 27.31 -26.70
CA PHE A 655 -31.32 28.60 -27.26
C PHE A 655 -32.24 29.68 -26.70
N LEU A 656 -31.66 30.83 -26.40
CA LEU A 656 -32.40 31.96 -25.85
C LEU A 656 -32.40 33.11 -26.85
N ASN A 657 -33.42 33.97 -26.74
CA ASN A 657 -33.55 35.09 -27.66
C ASN A 657 -32.66 36.26 -27.25
N GLU A 658 -32.76 36.67 -25.99
CA GLU A 658 -32.00 37.80 -25.49
C GLU A 658 -30.82 37.32 -24.66
N LYS A 659 -30.13 38.25 -24.00
CA LYS A 659 -28.99 37.93 -23.16
C LYS A 659 -29.41 37.70 -21.71
N ARG A 660 -30.62 37.18 -21.50
CA ARG A 660 -31.10 36.90 -20.16
C ARG A 660 -30.32 35.75 -19.54
N ARG A 661 -29.89 35.93 -18.30
CA ARG A 661 -29.38 34.82 -17.52
C ARG A 661 -30.54 34.07 -16.90
N THR A 662 -30.61 32.76 -17.13
CA THR A 662 -31.77 31.98 -16.74
C THR A 662 -31.81 31.76 -15.23
N GLU A 663 -32.90 31.16 -14.78
CA GLU A 663 -33.04 30.75 -13.40
C GLU A 663 -32.52 29.31 -13.27
N GLU A 664 -32.83 28.66 -12.16
CA GLU A 664 -32.44 27.27 -11.99
C GLU A 664 -33.46 26.31 -12.58
N TRP A 665 -34.75 26.63 -12.49
CA TRP A 665 -35.79 25.68 -12.88
C TRP A 665 -35.84 25.44 -14.38
N GLU A 666 -35.34 26.38 -15.19
CA GLU A 666 -35.29 26.15 -16.63
C GLU A 666 -34.29 25.05 -16.98
N VAL A 667 -33.09 25.11 -16.38
CA VAL A 667 -32.12 24.07 -16.68
C VAL A 667 -32.46 22.78 -15.93
N ARG A 668 -33.27 22.84 -14.87
CA ARG A 668 -33.80 21.60 -14.31
C ARG A 668 -34.83 20.97 -15.24
N GLU A 669 -35.59 21.78 -15.96
CA GLU A 669 -36.57 21.25 -16.89
C GLU A 669 -35.93 20.70 -18.16
N LYS A 670 -34.86 21.34 -18.65
CA LYS A 670 -34.23 20.87 -19.87
C LYS A 670 -33.40 19.61 -19.63
N PHE A 671 -32.41 19.69 -18.74
CA PHE A 671 -31.45 18.63 -18.55
C PHE A 671 -31.82 17.78 -17.34
N THR A 672 -31.16 16.63 -17.23
CA THR A 672 -31.26 15.71 -16.12
C THR A 672 -29.84 15.35 -15.69
N PRO A 673 -29.64 14.90 -14.45
CA PRO A 673 -28.27 14.56 -14.03
C PRO A 673 -27.68 13.35 -14.72
N VAL A 674 -28.50 12.50 -15.33
CA VAL A 674 -27.96 11.37 -16.08
C VAL A 674 -27.55 11.78 -17.49
N GLU A 675 -28.28 12.72 -18.09
CA GLU A 675 -27.99 13.15 -19.46
C GLU A 675 -26.71 13.96 -19.55
N LEU A 676 -26.28 14.59 -18.45
CA LEU A 676 -25.08 15.41 -18.46
C LEU A 676 -23.81 14.57 -18.40
N ALA A 677 -23.90 13.28 -18.13
CA ALA A 677 -22.72 12.42 -18.09
C ALA A 677 -22.66 11.45 -19.24
N GLU A 678 -23.67 11.43 -20.12
CA GLU A 678 -23.61 10.62 -21.32
C GLU A 678 -22.65 11.25 -22.33
N ARG A 679 -21.54 10.58 -22.61
CA ARG A 679 -20.59 11.05 -23.60
C ARG A 679 -20.83 10.45 -24.98
N GLU A 680 -22.07 10.08 -25.27
CA GLU A 680 -22.42 9.47 -26.56
C GLU A 680 -22.87 10.56 -27.53
N ASP A 681 -21.90 11.38 -27.93
CA ASP A 681 -22.17 12.49 -28.83
C ASP A 681 -20.94 12.81 -29.65
N ASN A 682 -21.17 13.44 -30.80
CA ASN A 682 -20.12 14.01 -31.62
C ASN A 682 -20.66 15.30 -32.22
N PHE A 683 -19.75 16.10 -32.77
CA PHE A 683 -20.11 17.43 -33.24
C PHE A 683 -20.52 17.45 -34.71
N ASP A 684 -20.22 16.39 -35.46
CA ASP A 684 -20.45 16.44 -36.90
C ASP A 684 -21.91 16.25 -37.28
N ASP A 685 -22.69 15.56 -36.45
CA ASP A 685 -24.06 15.25 -36.85
C ASP A 685 -25.01 16.43 -36.70
N VAL A 686 -24.69 17.38 -35.82
CA VAL A 686 -25.56 18.50 -35.54
C VAL A 686 -25.24 19.64 -36.51
N ALA A 687 -26.27 20.18 -37.14
CA ALA A 687 -26.14 21.27 -38.11
C ALA A 687 -27.01 22.42 -37.63
N ILE A 688 -26.38 23.52 -37.22
CA ILE A 688 -27.10 24.68 -36.71
C ILE A 688 -27.54 25.54 -37.89
N THR A 689 -28.80 25.95 -37.87
CA THR A 689 -29.30 26.88 -38.86
C THR A 689 -28.64 28.23 -38.67
N SER A 690 -28.21 28.86 -39.77
CA SER A 690 -27.53 30.14 -39.69
C SER A 690 -28.42 31.28 -39.20
N SER A 691 -29.74 31.10 -39.18
CA SER A 691 -30.61 32.08 -38.55
C SER A 691 -30.59 31.95 -37.03
N GLU A 692 -30.42 30.73 -36.51
CA GLU A 692 -30.35 30.51 -35.07
C GLU A 692 -28.92 30.45 -34.57
N MET A 693 -27.95 30.89 -35.36
CA MET A 693 -26.61 31.11 -34.86
C MET A 693 -26.43 32.50 -34.27
N GLN A 694 -27.50 33.30 -34.21
CA GLN A 694 -27.50 34.57 -33.48
C GLN A 694 -28.34 34.50 -32.22
N LEU A 695 -28.64 33.31 -31.72
CA LEU A 695 -29.36 33.17 -30.47
C LEU A 695 -28.34 33.13 -29.34
N TYR A 696 -28.77 32.79 -28.13
CA TYR A 696 -27.88 32.81 -26.98
C TYR A 696 -28.03 31.54 -26.16
N VAL A 697 -26.91 31.09 -25.60
CA VAL A 697 -26.86 29.89 -24.78
C VAL A 697 -26.37 30.30 -23.40
N ASP A 698 -27.15 29.98 -22.37
CA ASP A 698 -26.76 30.30 -21.01
C ASP A 698 -25.78 29.25 -20.51
N LEU A 699 -24.49 29.59 -20.53
CA LEU A 699 -23.44 28.67 -20.08
C LEU A 699 -23.19 28.75 -18.59
N HIS A 700 -24.04 29.45 -17.85
CA HIS A 700 -23.84 29.53 -16.40
C HIS A 700 -24.08 28.20 -15.68
N PRO A 701 -25.24 27.55 -15.77
CA PRO A 701 -25.49 26.42 -14.86
C PRO A 701 -24.75 25.14 -15.21
N LEU A 702 -23.92 25.13 -16.25
CA LEU A 702 -23.12 23.97 -16.59
C LEU A 702 -21.65 24.18 -16.32
N THR A 703 -21.29 25.31 -15.72
CA THR A 703 -19.89 25.64 -15.53
C THR A 703 -19.34 24.94 -14.30
N ASN A 704 -18.13 24.40 -14.43
CA ASN A 704 -17.42 23.89 -13.27
C ASN A 704 -16.94 25.08 -12.47
N THR A 705 -17.78 25.60 -11.59
CA THR A 705 -17.58 26.94 -11.05
C THR A 705 -16.51 27.01 -9.97
N THR A 706 -15.91 25.90 -9.58
CA THR A 706 -14.82 25.89 -8.60
C THR A 706 -13.62 25.13 -9.15
N PRO A 707 -12.88 25.70 -10.09
CA PRO A 707 -11.69 25.02 -10.62
C PRO A 707 -10.48 25.27 -9.73
N TYR A 708 -9.45 24.47 -9.94
CA TYR A 708 -8.22 24.61 -9.18
C TYR A 708 -7.32 25.61 -9.89
N THR A 709 -6.94 26.66 -9.18
CA THR A 709 -6.16 27.75 -9.75
C THR A 709 -4.82 27.88 -9.06
N VAL A 710 -3.80 28.23 -9.83
CA VAL A 710 -2.53 28.66 -9.29
C VAL A 710 -2.28 30.09 -9.76
N VAL A 711 -1.31 30.73 -9.14
CA VAL A 711 -0.93 32.07 -9.54
C VAL A 711 0.28 31.97 -10.45
N GLN A 712 0.59 33.06 -11.14
CA GLN A 712 1.61 33.07 -12.19
C GLN A 712 3.02 33.22 -11.65
N SER A 713 3.27 32.92 -10.38
CA SER A 713 4.61 32.86 -9.86
C SER A 713 4.92 31.56 -9.15
N MET A 714 3.98 30.61 -9.15
CA MET A 714 4.26 29.28 -8.64
C MET A 714 5.26 28.59 -9.53
N SER A 715 6.11 27.77 -8.94
CA SER A 715 7.04 26.99 -9.73
C SER A 715 6.28 25.91 -10.49
N VAL A 716 6.93 25.39 -11.54
CA VAL A 716 6.32 24.31 -12.30
C VAL A 716 6.32 23.03 -11.47
N ALA A 717 7.28 22.92 -10.55
CA ALA A 717 7.38 21.76 -9.66
C ALA A 717 6.18 21.66 -8.74
N LYS A 718 5.80 22.77 -8.11
CA LYS A 718 4.65 22.75 -7.20
C LYS A 718 3.34 22.62 -7.96
N ALA A 719 3.25 23.19 -9.16
CA ALA A 719 2.05 23.03 -9.97
C ALA A 719 1.90 21.60 -10.43
N LEU A 720 3.00 20.93 -10.75
CA LEU A 720 2.95 19.52 -11.13
C LEU A 720 2.57 18.64 -9.93
N VAL A 721 3.05 19.00 -8.74
CA VAL A 721 2.71 18.23 -7.54
C VAL A 721 1.22 18.36 -7.24
N LEU A 722 0.66 19.57 -7.39
CA LEU A 722 -0.79 19.76 -7.21
C LEU A 722 -1.57 19.02 -8.29
N PHE A 723 -1.11 19.12 -9.54
CA PHE A 723 -1.76 18.51 -10.69
C PHE A 723 -1.85 17.00 -10.54
N ARG A 724 -0.76 16.37 -10.11
CA ARG A 724 -0.77 14.93 -9.97
C ARG A 724 -1.42 14.47 -8.68
N SER A 725 -1.39 15.29 -7.63
CA SER A 725 -1.93 14.82 -6.36
C SER A 725 -3.44 14.93 -6.31
N VAL A 726 -4.05 15.84 -7.07
CA VAL A 726 -5.50 16.01 -6.97
C VAL A 726 -6.26 15.26 -8.06
N GLY A 727 -5.65 14.98 -9.21
CA GLY A 727 -6.44 14.54 -10.34
C GLY A 727 -6.26 15.49 -11.50
N LEU A 728 -7.27 16.33 -11.74
CA LEU A 728 -7.10 17.57 -12.48
C LEU A 728 -6.69 17.46 -13.93
N ARG A 729 -7.64 17.16 -14.82
CA ARG A 729 -7.42 17.35 -16.26
C ARG A 729 -6.93 18.76 -16.59
N HIS A 730 -7.52 19.79 -15.98
CA HIS A 730 -7.20 21.18 -16.28
C HIS A 730 -6.89 21.97 -15.03
N LEU A 731 -6.00 22.96 -15.17
CA LEU A 731 -5.52 23.77 -14.06
C LEU A 731 -5.41 25.20 -14.53
N LEU A 732 -6.25 26.09 -14.01
CA LEU A 732 -6.24 27.48 -14.43
C LEU A 732 -5.02 28.19 -13.88
N VAL A 733 -4.75 29.38 -14.43
CA VAL A 733 -3.68 30.25 -13.95
C VAL A 733 -4.26 31.65 -13.82
N VAL A 734 -4.51 32.08 -12.58
CA VAL A 734 -5.05 33.42 -12.33
C VAL A 734 -3.87 34.35 -12.09
N PRO A 735 -3.99 35.66 -12.30
CA PRO A 735 -2.85 36.56 -12.05
C PRO A 735 -2.60 36.74 -10.57
N LYS A 736 -1.47 37.40 -10.27
CA LYS A 736 -1.04 37.59 -8.90
C LYS A 736 -1.94 38.56 -8.14
N ILE A 737 -2.00 39.81 -8.60
CA ILE A 737 -2.82 40.83 -7.97
C ILE A 737 -4.25 40.75 -8.46
N SER A 743 -8.47 40.80 -17.46
CA SER A 743 -7.95 39.49 -17.83
C SER A 743 -7.69 38.62 -16.60
N PRO A 744 -8.71 38.06 -15.97
CA PRO A 744 -8.50 37.26 -14.76
C PRO A 744 -8.01 35.84 -15.02
N VAL A 745 -7.80 35.44 -16.27
CA VAL A 745 -7.14 34.18 -16.60
C VAL A 745 -6.06 34.47 -17.63
N ILE A 746 -4.91 33.82 -17.46
CA ILE A 746 -3.80 34.05 -18.37
C ILE A 746 -3.21 32.72 -18.83
N GLY A 747 -4.00 31.66 -18.76
CA GLY A 747 -3.53 30.39 -19.29
C GLY A 747 -4.16 29.19 -18.63
N ILE A 748 -4.09 28.04 -19.30
CA ILE A 748 -4.49 26.77 -18.74
C ILE A 748 -3.34 25.80 -18.88
N LEU A 749 -2.96 25.16 -17.78
CA LEU A 749 -1.97 24.10 -17.82
C LEU A 749 -2.69 22.76 -17.88
N THR A 750 -2.18 21.86 -18.73
CA THR A 750 -2.71 20.52 -18.85
C THR A 750 -1.57 19.52 -18.72
N ARG A 751 -1.88 18.26 -18.99
CA ARG A 751 -0.88 17.19 -18.90
C ARG A 751 0.23 17.38 -19.93
N GLN A 752 -0.10 17.95 -21.09
CA GLN A 752 0.90 18.16 -22.13
C GLN A 752 1.91 19.24 -21.75
N ASP A 753 1.53 20.18 -20.89
CA ASP A 753 2.43 21.27 -20.53
C ASP A 753 3.34 20.94 -19.36
N LEU A 754 2.99 19.97 -18.52
CA LEU A 754 3.74 19.73 -17.30
C LEU A 754 4.68 18.54 -17.39
N ARG A 755 4.71 17.84 -18.51
CA ARG A 755 5.68 16.77 -18.68
C ARG A 755 7.04 17.38 -18.99
N ALA A 756 8.10 16.75 -18.47
CA ALA A 756 9.43 17.33 -18.58
C ALA A 756 9.96 17.29 -20.00
N TYR A 757 9.51 16.33 -20.80
CA TYR A 757 9.96 16.24 -22.17
C TYR A 757 9.44 17.37 -23.03
N ASN A 758 8.27 17.91 -22.72
CA ASN A 758 7.76 19.04 -23.47
C ASN A 758 8.36 20.35 -22.99
N ILE A 759 8.66 20.46 -21.69
CA ILE A 759 9.23 21.69 -21.15
C ILE A 759 10.68 21.83 -21.60
N LEU A 760 11.41 20.72 -21.67
CA LEU A 760 12.81 20.78 -22.09
C LEU A 760 12.98 21.12 -23.56
N GLN A 761 11.94 20.93 -24.38
CA GLN A 761 12.02 21.30 -25.78
C GLN A 761 11.77 22.79 -26.00
N ALA A 762 11.06 23.44 -25.09
CA ALA A 762 10.83 24.87 -25.20
C ALA A 762 11.98 25.68 -24.60
N PHE A 763 12.48 25.27 -23.44
CA PHE A 763 13.57 25.95 -22.74
C PHE A 763 14.73 24.98 -22.63
N PRO A 764 15.55 24.83 -23.68
CA PRO A 764 16.61 23.82 -23.67
C PRO A 764 17.83 24.18 -22.84
N HIS A 765 17.87 25.38 -22.25
CA HIS A 765 18.98 25.80 -21.42
C HIS A 765 18.80 25.41 -19.96
N LEU A 766 17.83 24.55 -19.64
CA LEU A 766 17.55 24.21 -18.25
C LEU A 766 18.44 23.08 -17.75
N ASP A 767 18.44 21.95 -18.43
CA ASP A 767 19.23 20.79 -18.02
C ASP A 767 20.72 21.02 -18.27
N ILE B 54 -1.52 23.20 20.19
CA ILE B 54 -0.54 22.25 19.67
C ILE B 54 -0.34 22.47 18.17
N GLU B 55 0.91 22.75 17.79
CA GLU B 55 1.20 23.29 16.46
C GLU B 55 1.24 22.17 15.43
N SER B 56 1.72 22.49 14.22
CA SER B 56 1.81 21.53 13.13
C SER B 56 3.24 21.54 12.61
N LEU B 57 3.49 20.76 11.56
CA LEU B 57 4.84 20.60 11.04
C LEU B 57 4.95 21.20 9.65
N ASP B 58 6.17 21.60 9.30
CA ASP B 58 6.45 22.30 8.04
C ASP B 58 6.88 21.28 7.00
N TYR B 59 5.91 20.76 6.25
CA TYR B 59 6.20 19.84 5.16
C TYR B 59 6.49 20.55 3.84
N GLU B 60 5.99 21.76 3.65
CA GLU B 60 6.06 22.42 2.36
C GLU B 60 7.47 22.88 2.05
N ILE B 61 7.96 22.51 0.88
CA ILE B 61 9.33 22.79 0.46
C ILE B 61 9.46 24.26 0.10
N ASN B 62 10.53 24.87 0.57
CA ASN B 62 10.91 26.20 0.12
C ASN B 62 11.82 26.06 -1.09
N GLU B 63 11.53 26.82 -2.14
CA GLU B 63 12.22 26.65 -3.40
C GLU B 63 13.34 27.65 -3.61
N ASN B 64 13.74 28.36 -2.57
CA ASN B 64 14.82 29.32 -2.69
C ASN B 64 16.16 28.59 -2.71
N ASP B 65 17.17 29.26 -3.27
CA ASP B 65 18.48 28.66 -3.39
C ASP B 65 19.20 28.67 -2.05
N LEU B 66 18.84 29.63 -1.18
CA LEU B 66 19.52 29.77 0.10
C LEU B 66 19.23 28.63 1.05
N PHE B 67 18.04 28.03 0.96
CA PHE B 67 17.66 27.02 1.92
C PHE B 67 18.20 25.64 1.58
N LYS B 68 18.32 25.33 0.28
CA LYS B 68 18.75 24.02 -0.23
C LYS B 68 17.89 22.89 0.31
N HIS B 69 16.57 23.05 0.17
CA HIS B 69 15.65 22.05 0.68
C HIS B 69 15.52 20.87 -0.26
N ASP B 70 15.45 21.10 -1.56
CA ASP B 70 15.44 20.01 -2.53
C ASP B 70 16.84 19.41 -2.60
N TRP B 71 16.95 18.15 -2.17
CA TRP B 71 18.25 17.51 -2.00
C TRP B 71 18.93 17.18 -3.33
N ARG B 72 18.17 17.10 -4.42
CA ARG B 72 18.76 16.86 -5.72
C ARG B 72 19.55 18.07 -6.23
N SER B 73 19.23 19.27 -5.75
CA SER B 73 19.87 20.49 -6.21
C SER B 73 21.15 20.81 -5.45
N ARG B 74 21.68 19.88 -4.68
CA ARG B 74 22.94 20.06 -4.00
C ARG B 74 24.08 19.70 -4.96
N SER B 75 25.29 19.58 -4.44
CA SER B 75 26.42 19.14 -5.26
C SER B 75 26.34 17.63 -5.50
N LYS B 76 27.33 17.10 -6.20
CA LYS B 76 27.32 15.65 -6.45
C LYS B 76 27.82 14.87 -5.24
N ALA B 77 28.83 15.42 -4.54
CA ALA B 77 29.29 14.79 -3.31
C ALA B 77 28.21 14.81 -2.23
N GLN B 78 27.46 15.91 -2.16
CA GLN B 78 26.42 16.00 -1.15
C GLN B 78 25.22 15.12 -1.48
N VAL B 79 24.90 14.93 -2.76
CA VAL B 79 23.80 14.02 -3.06
C VAL B 79 24.25 12.57 -2.91
N PHE B 80 25.55 12.29 -3.07
CA PHE B 80 26.07 10.96 -2.75
C PHE B 80 25.99 10.69 -1.26
N GLN B 81 26.39 11.66 -0.43
CA GLN B 81 26.33 11.49 1.01
C GLN B 81 24.91 11.38 1.51
N TYR B 82 23.97 12.12 0.91
CA TYR B 82 22.59 12.03 1.34
C TYR B 82 21.96 10.71 0.93
N ILE B 83 22.25 10.22 -0.28
CA ILE B 83 21.66 8.97 -0.71
C ILE B 83 22.33 7.78 -0.04
N PHE B 84 23.51 7.97 0.56
CA PHE B 84 24.09 6.91 1.38
C PHE B 84 23.55 6.93 2.80
N LEU B 85 23.38 8.12 3.38
CA LEU B 85 22.90 8.20 4.76
C LEU B 85 21.44 7.85 4.87
N LYS B 86 20.64 8.11 3.84
CA LYS B 86 19.23 7.77 3.87
C LYS B 86 18.99 6.26 3.93
N TRP B 87 19.93 5.47 3.44
CA TRP B 87 19.84 4.02 3.55
C TRP B 87 20.60 3.48 4.75
N THR B 88 21.67 4.16 5.19
CA THR B 88 22.35 3.74 6.40
C THR B 88 21.46 3.90 7.62
N LEU B 89 20.65 4.98 7.67
CA LEU B 89 19.73 5.13 8.77
C LEU B 89 18.58 4.15 8.70
N ALA B 90 18.14 3.78 7.50
CA ALA B 90 17.10 2.76 7.37
C ALA B 90 17.61 1.38 7.67
N CYS B 91 18.93 1.17 7.57
CA CYS B 91 19.54 -0.05 8.06
C CYS B 91 19.63 -0.05 9.58
N LEU B 92 20.08 1.06 10.16
CA LEU B 92 20.33 1.11 11.60
C LEU B 92 19.05 1.14 12.40
N VAL B 93 17.97 1.70 11.85
CA VAL B 93 16.67 1.64 12.50
C VAL B 93 16.22 0.20 12.64
N GLY B 94 16.39 -0.58 11.58
CA GLY B 94 16.02 -1.99 11.63
C GLY B 94 16.92 -2.80 12.53
N LEU B 95 18.22 -2.51 12.50
CA LEU B 95 19.17 -3.25 13.32
C LEU B 95 18.94 -2.99 14.80
N PHE B 96 18.73 -1.74 15.18
CA PHE B 96 18.52 -1.43 16.58
C PHE B 96 17.13 -1.79 17.07
N THR B 97 16.10 -1.75 16.21
CA THR B 97 14.80 -2.23 16.65
C THR B 97 14.79 -3.74 16.82
N GLY B 98 15.52 -4.46 15.99
CA GLY B 98 15.66 -5.90 16.19
C GLY B 98 16.41 -6.23 17.46
N LEU B 99 17.52 -5.53 17.72
CA LEU B 99 18.29 -5.77 18.94
C LEU B 99 17.51 -5.41 20.19
N ILE B 100 16.75 -4.32 20.16
CA ILE B 100 16.04 -3.91 21.36
C ILE B 100 14.79 -4.75 21.58
N ALA B 101 14.12 -5.20 20.51
CA ALA B 101 13.01 -6.13 20.70
C ALA B 101 13.47 -7.50 21.15
N THR B 102 14.66 -7.94 20.72
CA THR B 102 15.14 -9.21 21.26
C THR B 102 15.69 -9.06 22.67
N LEU B 103 16.11 -7.87 23.08
CA LEU B 103 16.45 -7.66 24.48
C LEU B 103 15.21 -7.66 25.36
N ILE B 104 14.13 -7.05 24.87
CA ILE B 104 12.84 -7.10 25.57
C ILE B 104 12.35 -8.53 25.69
N ASN B 105 12.46 -9.32 24.61
CA ASN B 105 12.00 -10.69 24.66
C ASN B 105 12.87 -11.56 25.57
N LEU B 106 14.19 -11.33 25.57
CA LEU B 106 15.07 -12.10 26.44
C LEU B 106 14.78 -11.79 27.91
N ALA B 107 14.65 -10.51 28.26
CA ALA B 107 14.41 -10.14 29.64
C ALA B 107 13.02 -10.55 30.11
N VAL B 108 12.02 -10.43 29.23
CA VAL B 108 10.65 -10.79 29.60
C VAL B 108 10.51 -12.29 29.78
N GLU B 109 11.12 -13.08 28.89
CA GLU B 109 11.02 -14.52 29.02
C GLU B 109 11.81 -15.02 30.23
N ASN B 110 12.96 -14.42 30.53
CA ASN B 110 13.69 -14.83 31.72
C ASN B 110 12.95 -14.47 33.00
N ILE B 111 12.39 -13.26 33.08
CA ILE B 111 11.72 -12.81 34.30
C ILE B 111 10.42 -13.59 34.52
N ALA B 112 9.61 -13.73 33.47
CA ALA B 112 8.37 -14.48 33.61
C ALA B 112 8.63 -15.98 33.79
N GLY B 113 9.71 -16.50 33.22
CA GLY B 113 10.02 -17.91 33.42
C GLY B 113 10.48 -18.21 34.82
N TYR B 114 11.39 -17.39 35.36
CA TYR B 114 11.81 -17.62 36.74
C TYR B 114 10.80 -17.14 37.76
N LYS B 115 9.74 -16.45 37.33
CA LYS B 115 8.62 -16.24 38.24
C LYS B 115 7.67 -17.41 38.22
N LEU B 116 7.38 -17.96 37.03
CA LEU B 116 6.45 -19.08 36.94
C LEU B 116 7.06 -20.38 37.44
N LEU B 117 8.38 -20.51 37.39
CA LEU B 117 9.03 -21.67 38.00
C LEU B 117 8.96 -21.58 39.52
N ALA B 118 9.13 -20.39 40.07
CA ALA B 118 9.00 -20.21 41.50
C ALA B 118 7.56 -20.36 41.96
N VAL B 119 6.60 -20.09 41.08
CA VAL B 119 5.21 -20.38 41.42
C VAL B 119 4.96 -21.89 41.36
N GLY B 120 5.45 -22.56 40.32
CA GLY B 120 5.20 -23.99 40.16
C GLY B 120 5.91 -24.85 41.17
N TYR B 121 7.01 -24.37 41.74
CA TYR B 121 7.68 -25.10 42.81
C TYR B 121 6.84 -25.17 44.07
N TYR B 122 6.04 -24.14 44.35
CA TYR B 122 5.11 -24.18 45.46
C TYR B 122 3.76 -24.76 45.09
N ILE B 123 3.43 -24.78 43.80
CA ILE B 123 2.26 -25.52 43.34
C ILE B 123 2.46 -27.02 43.52
N ALA B 124 3.65 -27.52 43.16
CA ALA B 124 3.92 -28.94 43.22
C ALA B 124 4.02 -29.47 44.65
N GLN B 125 4.27 -28.62 45.63
CA GLN B 125 4.32 -29.03 47.02
C GLN B 125 2.99 -28.84 47.73
N ASP B 126 1.90 -28.64 46.96
CA ASP B 126 0.54 -28.46 47.45
C ASP B 126 0.41 -27.29 48.42
N ARG B 127 1.15 -26.22 48.14
CA ARG B 127 1.09 -24.99 48.92
C ARG B 127 0.56 -23.91 47.99
N PHE B 128 -0.76 -23.74 47.99
CA PHE B 128 -1.40 -22.81 47.08
C PHE B 128 -1.29 -21.37 47.55
N TRP B 129 -1.37 -21.13 48.85
CA TRP B 129 -1.32 -19.77 49.37
C TRP B 129 0.07 -19.17 49.26
N THR B 130 1.11 -19.99 49.42
CA THR B 130 2.47 -19.49 49.24
C THR B 130 2.73 -19.13 47.79
N GLY B 131 2.21 -19.92 46.86
CA GLY B 131 2.31 -19.59 45.46
C GLY B 131 1.52 -18.35 45.09
N LEU B 132 0.37 -18.14 45.73
CA LEU B 132 -0.40 -16.92 45.51
C LEU B 132 0.33 -15.69 46.03
N MET B 133 0.97 -15.81 47.20
CA MET B 133 1.74 -14.68 47.73
C MET B 133 2.95 -14.36 46.85
N VAL B 134 3.63 -15.39 46.35
CA VAL B 134 4.78 -15.16 45.46
C VAL B 134 4.34 -14.54 44.14
N PHE B 135 3.21 -15.02 43.59
CA PHE B 135 2.69 -14.49 42.33
C PHE B 135 2.27 -13.03 42.47
N THR B 136 1.47 -12.72 43.49
CA THR B 136 0.99 -11.37 43.69
C THR B 136 2.12 -10.42 44.06
N GLY B 137 3.11 -10.90 44.84
CA GLY B 137 4.22 -10.05 45.19
C GLY B 137 5.14 -9.72 44.03
N ALA B 138 5.42 -10.71 43.18
CA ALA B 138 6.28 -10.45 42.03
C ALA B 138 5.57 -9.57 41.00
N ASN B 139 4.26 -9.80 40.80
CA ASN B 139 3.50 -8.94 39.90
C ASN B 139 3.42 -7.51 40.44
N LEU B 140 3.27 -7.36 41.75
CA LEU B 140 3.15 -6.04 42.33
C LEU B 140 4.47 -5.29 42.29
N GLY B 141 5.58 -6.00 42.47
CA GLY B 141 6.89 -5.36 42.37
C GLY B 141 7.21 -4.91 40.94
N LEU B 142 6.93 -5.78 39.96
CA LEU B 142 7.21 -5.42 38.58
C LEU B 142 6.29 -4.31 38.09
N THR B 143 5.01 -4.34 38.48
CA THR B 143 4.11 -3.27 38.09
C THR B 143 4.44 -1.97 38.82
N LEU B 144 4.94 -2.06 40.05
CA LEU B 144 5.33 -0.86 40.78
C LEU B 144 6.51 -0.17 40.12
N VAL B 145 7.52 -0.94 39.69
CA VAL B 145 8.64 -0.35 38.95
C VAL B 145 8.18 0.23 37.62
N ALA B 146 7.39 -0.54 36.88
CA ALA B 146 6.98 -0.14 35.54
C ALA B 146 5.98 1.02 35.54
N THR B 147 5.33 1.32 36.66
CA THR B 147 4.51 2.52 36.67
C THR B 147 5.15 3.68 37.42
N VAL B 148 6.11 3.43 38.32
CA VAL B 148 6.82 4.54 38.96
C VAL B 148 7.70 5.24 37.94
N LEU B 149 8.38 4.46 37.08
CA LEU B 149 9.22 5.06 36.04
C LEU B 149 8.40 5.91 35.09
N VAL B 150 7.19 5.46 34.76
CA VAL B 150 6.36 6.19 33.80
C VAL B 150 5.79 7.45 34.43
N VAL B 151 5.16 7.34 35.60
CA VAL B 151 4.53 8.53 36.15
C VAL B 151 5.51 9.53 36.74
N TYR B 152 6.78 9.16 36.95
CA TYR B 152 7.71 10.13 37.50
C TYR B 152 8.85 10.48 36.58
N PHE B 153 8.97 9.88 35.40
CA PHE B 153 10.11 10.23 34.57
C PHE B 153 9.73 10.55 33.13
N ALA B 154 8.67 9.95 32.62
CA ALA B 154 8.14 10.32 31.32
C ALA B 154 6.67 9.94 31.20
N PRO B 155 5.75 10.82 31.60
CA PRO B 155 4.33 10.45 31.63
C PRO B 155 3.67 10.31 30.28
N THR B 156 4.45 10.45 29.21
CA THR B 156 3.93 10.27 27.86
C THR B 156 4.17 8.87 27.37
N ALA B 157 4.87 8.06 28.17
CA ALA B 157 5.14 6.69 27.80
C ALA B 157 3.96 5.78 28.05
N ALA B 158 2.99 6.22 28.82
CA ALA B 158 1.82 5.41 29.05
C ALA B 158 1.12 5.15 27.76
N GLY B 159 0.23 4.18 27.76
CA GLY B 159 -0.55 3.90 26.59
C GLY B 159 0.30 3.29 25.49
N PRO B 160 -0.37 2.87 24.38
CA PRO B 160 0.38 2.18 23.34
C PRO B 160 1.45 3.03 22.73
N GLY B 161 1.09 3.95 21.86
CA GLY B 161 2.05 4.78 21.20
C GLY B 161 1.57 5.06 19.80
N ILE B 162 0.69 4.21 19.32
CA ILE B 162 0.23 4.38 17.95
C ILE B 162 -0.70 5.59 17.80
N PRO B 163 -1.73 5.68 18.66
CA PRO B 163 -2.64 6.81 18.42
C PRO B 163 -1.95 8.17 18.42
N GLU B 164 -0.65 8.23 18.68
CA GLU B 164 0.07 9.49 18.60
C GLU B 164 0.94 9.49 17.38
N ILE B 165 1.65 8.41 17.12
CA ILE B 165 2.41 8.33 15.89
C ILE B 165 1.47 8.41 14.70
N LYS B 166 0.20 8.02 14.88
CA LYS B 166 -0.79 8.23 13.84
C LYS B 166 -1.08 9.70 13.64
N ALA B 167 -0.88 10.51 14.67
CA ALA B 167 -1.08 11.94 14.58
C ALA B 167 0.20 12.71 14.30
N TYR B 168 1.37 12.16 14.64
CA TYR B 168 2.60 12.83 14.22
C TYR B 168 2.79 12.71 12.72
N LEU B 169 2.40 11.59 12.14
CA LEU B 169 2.56 11.43 10.71
C LEU B 169 1.47 12.12 9.92
N ASN B 170 0.45 12.65 10.58
CA ASN B 170 -0.54 13.51 9.97
C ASN B 170 -0.16 14.98 10.10
N GLY B 171 1.03 15.29 10.61
CA GLY B 171 1.50 16.64 10.67
C GLY B 171 1.41 17.30 12.04
N ILE B 172 0.69 16.72 12.98
CA ILE B 172 0.51 17.35 14.29
C ILE B 172 1.77 17.15 15.12
N ASP B 173 2.40 18.25 15.51
CA ASP B 173 3.64 18.20 16.28
C ASP B 173 3.29 17.86 17.73
N THR B 174 3.17 16.57 17.99
CA THR B 174 2.97 16.09 19.36
C THR B 174 4.25 16.25 20.14
N PRO B 175 4.24 16.92 21.28
CA PRO B 175 5.49 17.27 21.96
C PRO B 175 5.99 16.20 22.92
N ASN B 176 7.32 16.15 23.02
CA ASN B 176 8.04 15.26 23.95
C ASN B 176 7.71 13.79 23.72
N MET B 177 7.55 13.39 22.47
CA MET B 177 7.08 12.06 22.16
C MET B 177 8.19 11.10 21.78
N PHE B 178 9.25 11.59 21.13
CA PHE B 178 10.29 10.70 20.65
C PHE B 178 11.62 11.07 21.29
N GLY B 179 11.62 11.29 22.59
CA GLY B 179 12.84 11.63 23.31
C GLY B 179 13.72 10.43 23.52
N PHE B 180 14.67 10.58 24.45
CA PHE B 180 15.49 9.45 24.82
C PHE B 180 15.04 8.81 26.12
N THR B 181 14.62 9.60 27.11
CA THR B 181 14.11 9.01 28.34
C THR B 181 12.75 8.37 28.14
N THR B 182 11.96 8.87 27.19
CA THR B 182 10.69 8.21 26.88
C THR B 182 10.92 6.85 26.26
N MET B 183 11.96 6.71 25.44
CA MET B 183 12.30 5.40 24.89
C MET B 183 12.79 4.44 25.98
N MET B 184 13.65 4.90 26.87
CA MET B 184 14.21 4.02 27.89
C MET B 184 13.16 3.60 28.91
N VAL B 185 12.32 4.53 29.35
CA VAL B 185 11.26 4.08 30.26
C VAL B 185 10.16 3.35 29.53
N LYS B 186 10.04 3.49 28.20
CA LYS B 186 9.11 2.64 27.47
C LYS B 186 9.63 1.20 27.42
N ILE B 187 10.94 1.03 27.25
CA ILE B 187 11.55 -0.29 27.25
C ILE B 187 11.39 -0.95 28.61
N VAL B 188 11.83 -0.27 29.67
CA VAL B 188 11.81 -0.89 30.99
C VAL B 188 10.39 -1.03 31.52
N GLY B 189 9.50 -0.09 31.20
CA GLY B 189 8.11 -0.25 31.56
C GLY B 189 7.43 -1.36 30.81
N SER B 190 7.81 -1.59 29.55
CA SER B 190 7.22 -2.69 28.80
C SER B 190 7.67 -4.03 29.35
N ILE B 191 8.96 -4.14 29.71
CA ILE B 191 9.48 -5.35 30.35
C ILE B 191 8.75 -5.62 31.66
N GLY B 192 8.77 -4.64 32.56
CA GLY B 192 8.15 -4.82 33.85
C GLY B 192 6.64 -4.84 33.85
N ALA B 193 5.99 -4.48 32.74
CA ALA B 193 4.55 -4.52 32.68
C ALA B 193 4.01 -5.77 32.02
N VAL B 194 4.71 -6.32 31.03
CA VAL B 194 4.21 -7.56 30.44
C VAL B 194 4.81 -8.77 31.15
N ALA B 195 5.89 -8.61 31.91
CA ALA B 195 6.38 -9.69 32.74
C ALA B 195 5.66 -9.78 34.08
N ALA B 196 4.68 -8.92 34.32
CA ALA B 196 3.87 -8.98 35.52
C ALA B 196 2.51 -9.59 35.25
N GLY B 197 2.32 -10.21 34.09
CA GLY B 197 1.09 -10.91 33.80
C GLY B 197 -0.10 -10.03 33.55
N LEU B 198 0.12 -8.75 33.26
CA LEU B 198 -0.99 -7.85 32.98
C LEU B 198 -1.53 -8.11 31.59
N ASP B 199 -2.77 -7.69 31.35
CA ASP B 199 -3.40 -7.90 30.04
C ASP B 199 -2.95 -6.85 29.05
N LEU B 200 -1.64 -6.67 28.92
CA LEU B 200 -1.13 -5.73 27.94
C LEU B 200 -0.33 -6.50 26.94
N GLY B 201 0.63 -5.85 26.31
CA GLY B 201 1.46 -6.53 25.34
C GLY B 201 2.58 -5.68 24.80
N LYS B 202 3.70 -6.31 24.45
CA LYS B 202 4.81 -5.58 23.87
C LYS B 202 4.52 -5.37 22.40
N GLU B 203 3.28 -5.59 22.00
CA GLU B 203 2.91 -5.41 20.61
C GLU B 203 2.86 -3.95 20.30
N GLY B 204 2.15 -3.19 21.12
CA GLY B 204 2.06 -1.76 20.93
C GLY B 204 3.34 -1.02 21.23
N PRO B 205 3.81 -1.10 22.48
CA PRO B 205 5.00 -0.27 22.74
C PRO B 205 6.16 -0.46 21.78
N LEU B 206 6.22 -1.55 21.01
CA LEU B 206 7.33 -1.68 20.08
C LEU B 206 7.24 -0.71 18.91
N VAL B 207 6.04 -0.24 18.57
CA VAL B 207 5.89 0.79 17.55
C VAL B 207 6.50 2.10 18.03
N HIS B 208 6.22 2.47 19.28
CA HIS B 208 6.78 3.70 19.84
C HIS B 208 8.28 3.57 20.07
N ILE B 209 8.78 2.38 20.42
CA ILE B 209 10.22 2.22 20.58
C ILE B 209 10.92 2.30 19.23
N GLY B 210 10.29 1.76 18.18
CA GLY B 210 10.86 1.90 16.85
C GLY B 210 10.90 3.34 16.36
N SER B 211 9.85 4.10 16.66
CA SER B 211 9.83 5.52 16.27
C SER B 211 10.86 6.32 17.05
N CYS B 212 11.03 6.05 18.34
CA CYS B 212 12.06 6.76 19.10
C CYS B 212 13.46 6.40 18.65
N ILE B 213 13.70 5.14 18.28
CA ILE B 213 15.00 4.76 17.73
C ILE B 213 15.26 5.49 16.43
N ALA B 214 14.22 5.64 15.61
CA ALA B 214 14.36 6.35 14.34
C ALA B 214 14.65 7.82 14.54
N SER B 215 13.94 8.49 15.45
CA SER B 215 14.20 9.91 15.66
C SER B 215 15.52 10.18 16.37
N LEU B 216 15.96 9.32 17.29
CA LEU B 216 17.26 9.50 17.90
C LEU B 216 18.39 9.21 16.92
N LEU B 217 18.15 8.37 15.92
CA LEU B 217 19.14 8.24 14.86
C LEU B 217 19.10 9.41 13.91
N GLY B 218 17.92 10.02 13.73
CA GLY B 218 17.80 11.14 12.81
C GLY B 218 18.48 12.39 13.32
N GLN B 219 18.23 12.76 14.56
CA GLN B 219 18.87 13.95 15.11
C GLN B 219 20.26 13.67 15.69
N GLY B 220 20.75 12.44 15.57
CA GLY B 220 22.12 12.15 15.95
C GLY B 220 22.36 12.02 17.43
N GLY B 221 21.47 11.35 18.14
CA GLY B 221 21.62 11.15 19.56
C GLY B 221 20.47 11.74 20.35
N PRO B 222 20.63 11.87 21.66
CA PRO B 222 19.58 12.45 22.50
C PRO B 222 19.43 13.95 22.25
N ASP B 223 18.39 14.52 22.86
CA ASP B 223 17.99 15.89 22.56
C ASP B 223 18.97 16.94 23.08
N ASN B 224 19.88 16.58 23.98
CA ASN B 224 20.91 17.52 24.43
C ASN B 224 22.30 16.93 24.35
N HIS B 225 22.46 15.76 23.75
CA HIS B 225 23.76 15.13 23.57
C HIS B 225 23.96 14.71 22.12
N ARG B 226 23.62 15.61 21.20
CA ARG B 226 23.76 15.33 19.78
C ARG B 226 25.23 15.31 19.40
N ILE B 227 25.60 14.39 18.52
CA ILE B 227 26.94 14.42 17.96
C ILE B 227 26.99 15.48 16.87
N LYS B 228 28.13 16.14 16.73
CA LYS B 228 28.26 17.25 15.79
C LYS B 228 28.85 16.76 14.47
N TRP B 229 28.19 15.75 13.91
CA TRP B 229 28.52 15.26 12.58
C TRP B 229 27.79 16.09 11.54
N ARG B 230 28.53 16.64 10.58
CA ARG B 230 27.91 17.55 9.62
C ARG B 230 27.02 16.81 8.63
N TRP B 231 27.30 15.54 8.36
CA TRP B 231 26.55 14.79 7.37
C TRP B 231 25.14 14.45 7.82
N LEU B 232 24.80 14.71 9.08
CA LEU B 232 23.44 14.60 9.58
C LEU B 232 22.69 15.91 9.48
N ARG B 233 23.24 16.90 8.79
CA ARG B 233 22.52 18.14 8.59
C ARG B 233 21.44 18.04 7.55
N TYR B 234 21.44 16.98 6.74
CA TYR B 234 20.44 16.85 5.70
C TYR B 234 19.11 16.31 6.23
N PHE B 235 19.11 15.75 7.43
CA PHE B 235 17.92 15.14 8.01
C PHE B 235 17.29 16.02 9.06
N ASN B 236 17.61 17.30 9.06
CA ASN B 236 17.03 18.27 9.97
C ASN B 236 15.66 18.77 9.54
N ASN B 237 15.18 18.32 8.38
CA ASN B 237 13.92 18.79 7.84
C ASN B 237 12.77 18.11 8.56
N ASP B 238 11.55 18.37 8.09
CA ASP B 238 10.37 17.73 8.65
C ASP B 238 9.78 16.69 7.71
N ARG B 239 10.35 16.53 6.51
CA ARG B 239 9.97 15.46 5.63
C ARG B 239 10.83 14.23 5.87
N ASP B 240 12.11 14.42 6.14
CA ASP B 240 12.98 13.31 6.49
C ASP B 240 12.62 12.72 7.85
N ARG B 241 12.13 13.54 8.78
CA ARG B 241 11.65 13.00 10.04
C ARG B 241 10.41 12.14 9.85
N ARG B 242 9.51 12.57 8.97
CA ARG B 242 8.31 11.77 8.71
C ARG B 242 8.67 10.46 8.02
N ASP B 243 9.65 10.50 7.11
CA ASP B 243 10.10 9.27 6.48
C ASP B 243 10.78 8.33 7.47
N LEU B 244 11.65 8.87 8.33
CA LEU B 244 12.34 8.05 9.32
C LEU B 244 11.37 7.46 10.33
N ILE B 245 10.38 8.23 10.75
CA ILE B 245 9.43 7.73 11.74
C ILE B 245 8.49 6.70 11.11
N THR B 246 8.23 6.80 9.80
CA THR B 246 7.47 5.74 9.15
C THR B 246 8.28 4.45 9.06
N CYS B 247 9.58 4.57 8.75
CA CYS B 247 10.46 3.40 8.79
C CYS B 247 10.53 2.80 10.18
N GLY B 248 10.59 3.64 11.21
CA GLY B 248 10.65 3.14 12.57
C GLY B 248 9.37 2.52 13.05
N SER B 249 8.23 3.03 12.59
CA SER B 249 6.94 2.46 12.99
C SER B 249 6.71 1.10 12.33
N ALA B 250 7.03 0.98 11.05
CA ALA B 250 6.92 -0.34 10.42
C ALA B 250 7.97 -1.30 10.95
N SER B 251 9.16 -0.78 11.28
CA SER B 251 10.19 -1.54 11.99
C SER B 251 9.66 -2.08 13.31
N GLY B 252 8.88 -1.28 14.03
CA GLY B 252 8.35 -1.73 15.30
C GLY B 252 7.27 -2.78 15.16
N VAL B 253 6.38 -2.62 14.16
CA VAL B 253 5.33 -3.62 13.97
C VAL B 253 5.92 -4.94 13.51
N CYS B 254 6.94 -4.89 12.66
CA CYS B 254 7.63 -6.11 12.26
C CYS B 254 8.43 -6.72 13.40
N ALA B 255 8.97 -5.92 14.32
CA ALA B 255 9.63 -6.49 15.48
C ALA B 255 8.63 -7.08 16.46
N ALA B 256 7.41 -6.55 16.48
CA ALA B 256 6.42 -7.07 17.40
C ALA B 256 5.86 -8.39 16.93
N PHE B 257 5.45 -8.48 15.67
CA PHE B 257 4.73 -9.66 15.19
C PHE B 257 5.59 -10.63 14.40
N ARG B 258 6.88 -10.33 14.20
CA ARG B 258 7.79 -11.08 13.33
C ARG B 258 7.21 -11.26 11.92
N SER B 259 6.70 -10.17 11.37
CA SER B 259 6.04 -10.17 10.07
C SER B 259 6.48 -8.93 9.30
N PRO B 260 7.33 -9.08 8.27
CA PRO B 260 7.83 -7.91 7.55
C PRO B 260 6.80 -7.11 6.77
N VAL B 261 6.12 -7.72 5.81
CA VAL B 261 5.20 -6.93 5.00
C VAL B 261 3.89 -6.69 5.71
N GLY B 262 3.61 -7.40 6.79
CA GLY B 262 2.53 -6.99 7.68
C GLY B 262 2.84 -5.66 8.34
N GLY B 263 4.09 -5.44 8.72
CA GLY B 263 4.47 -4.15 9.28
C GLY B 263 4.53 -3.06 8.23
N VAL B 264 4.96 -3.40 7.01
CA VAL B 264 4.95 -2.45 5.90
C VAL B 264 3.53 -2.01 5.59
N LEU B 265 2.60 -2.95 5.52
CA LEU B 265 1.22 -2.60 5.26
C LEU B 265 0.57 -1.91 6.45
N PHE B 266 1.07 -2.14 7.68
CA PHE B 266 0.54 -1.42 8.82
C PHE B 266 0.94 0.04 8.76
N ALA B 267 2.20 0.32 8.41
CA ALA B 267 2.59 1.71 8.22
C ALA B 267 1.96 2.32 6.97
N LEU B 268 1.57 1.49 6.00
CA LEU B 268 0.94 2.01 4.80
C LEU B 268 -0.52 2.38 5.03
N GLU B 269 -1.28 1.50 5.69
CA GLU B 269 -2.72 1.67 5.75
C GLU B 269 -3.16 2.55 6.91
N GLU B 270 -2.65 2.30 8.11
CA GLU B 270 -3.17 2.96 9.30
C GLU B 270 -2.32 4.14 9.76
N VAL B 271 -1.03 3.93 9.98
CA VAL B 271 -0.22 4.91 10.69
C VAL B 271 0.11 6.10 9.78
N ALA B 272 0.82 5.86 8.68
CA ALA B 272 1.17 7.00 7.85
C ALA B 272 0.00 7.40 6.96
N THR B 273 0.10 8.60 6.39
CA THR B 273 -0.95 9.11 5.52
C THR B 273 -0.44 9.73 4.24
N TRP B 274 0.86 10.03 4.12
CA TRP B 274 1.44 10.49 2.87
C TRP B 274 2.45 9.43 2.45
N TRP B 275 1.99 8.48 1.66
CA TRP B 275 2.82 7.38 1.21
C TRP B 275 3.51 7.74 -0.10
N ARG B 276 4.78 7.34 -0.21
CA ARG B 276 5.60 7.60 -1.36
C ARG B 276 6.23 6.29 -1.79
N SER B 277 6.39 6.11 -3.11
CA SER B 277 6.97 4.85 -3.57
C SER B 277 8.45 4.74 -3.30
N ALA B 278 9.14 5.86 -3.09
CA ALA B 278 10.52 5.79 -2.64
C ALA B 278 10.63 5.53 -1.15
N LEU B 279 9.54 5.68 -0.41
CA LEU B 279 9.49 5.32 1.00
C LEU B 279 9.14 3.85 1.19
N LEU B 280 8.42 3.27 0.24
CA LEU B 280 8.07 1.86 0.27
C LEU B 280 9.27 0.94 0.09
N TRP B 281 10.42 1.47 -0.32
CA TRP B 281 11.63 0.67 -0.49
C TRP B 281 12.57 0.76 0.69
N ARG B 282 12.41 1.72 1.59
CA ARG B 282 13.22 1.81 2.79
C ARG B 282 12.56 1.19 4.00
N THR B 283 11.24 1.36 4.11
CA THR B 283 10.42 0.60 5.05
C THR B 283 10.61 -0.89 4.84
N PHE B 284 10.64 -1.31 3.58
CA PHE B 284 10.97 -2.66 3.15
C PHE B 284 12.30 -3.15 3.71
N PHE B 285 13.35 -2.36 3.50
CA PHE B 285 14.69 -2.71 3.97
C PHE B 285 14.74 -2.78 5.49
N SER B 286 14.05 -1.87 6.18
CA SER B 286 14.13 -1.85 7.63
C SER B 286 13.39 -3.02 8.26
N THR B 287 12.21 -3.38 7.73
CA THR B 287 11.56 -4.58 8.26
C THR B 287 12.31 -5.84 7.89
N ALA B 288 13.03 -5.84 6.76
CA ALA B 288 13.89 -6.97 6.41
C ALA B 288 14.99 -7.17 7.43
N VAL B 289 15.71 -6.10 7.77
CA VAL B 289 16.80 -6.23 8.74
C VAL B 289 16.26 -6.56 10.14
N VAL B 290 15.04 -6.09 10.45
CA VAL B 290 14.42 -6.43 11.73
C VAL B 290 14.18 -7.92 11.85
N VAL B 291 13.55 -8.51 10.84
CA VAL B 291 13.18 -9.92 11.01
C VAL B 291 14.40 -10.82 10.83
N VAL B 292 15.43 -10.36 10.10
CA VAL B 292 16.69 -11.10 10.06
C VAL B 292 17.38 -11.09 11.42
N VAL B 293 17.44 -9.94 12.08
CA VAL B 293 18.11 -9.84 13.37
C VAL B 293 17.33 -10.60 14.45
N LEU B 294 16.00 -10.56 14.38
CA LEU B 294 15.18 -11.29 15.34
C LEU B 294 15.32 -12.79 15.18
N ARG B 295 15.30 -13.30 13.94
CA ARG B 295 15.43 -14.74 13.76
C ARG B 295 16.86 -15.21 14.01
N ALA B 296 17.86 -14.37 13.75
CA ALA B 296 19.23 -14.76 14.07
C ALA B 296 19.48 -14.79 15.56
N PHE B 297 18.86 -13.89 16.33
CA PHE B 297 19.05 -13.94 17.77
C PHE B 297 18.10 -14.90 18.45
N ILE B 298 17.10 -15.44 17.74
CA ILE B 298 16.44 -16.64 18.22
C ILE B 298 17.35 -17.85 18.00
N GLU B 299 17.98 -17.94 16.83
CA GLU B 299 18.80 -19.10 16.50
C GLU B 299 20.10 -19.15 17.29
N ILE B 300 20.65 -17.99 17.68
CA ILE B 300 21.87 -18.00 18.48
C ILE B 300 21.55 -18.47 19.90
N CYS B 301 20.40 -18.07 20.43
CA CYS B 301 19.96 -18.45 21.76
C CYS B 301 19.22 -19.78 21.78
N ASN B 302 19.45 -20.66 20.81
CA ASN B 302 18.99 -22.02 20.94
C ASN B 302 19.87 -22.80 21.92
N SER B 303 19.34 -23.96 22.34
CA SER B 303 19.99 -24.89 23.26
C SER B 303 20.29 -24.27 24.62
N GLY B 304 19.52 -23.26 25.02
CA GLY B 304 19.64 -22.69 26.34
C GLY B 304 20.91 -21.95 26.64
N LYS B 305 21.56 -21.38 25.62
CA LYS B 305 22.75 -20.57 25.86
C LYS B 305 22.43 -19.23 26.49
N CYS B 306 21.18 -18.78 26.37
CA CYS B 306 20.70 -17.54 26.98
C CYS B 306 19.65 -17.83 28.04
N GLY B 307 19.81 -18.93 28.76
CA GLY B 307 18.84 -19.34 29.75
C GLY B 307 17.58 -19.88 29.10
N LEU B 308 16.50 -19.13 29.21
CA LEU B 308 15.29 -19.36 28.45
C LEU B 308 15.39 -18.57 27.15
N PHE B 309 14.26 -18.31 26.46
CA PHE B 309 14.23 -17.57 25.19
C PHE B 309 15.01 -18.27 24.09
N GLY B 310 14.39 -19.26 23.46
CA GLY B 310 15.07 -20.07 22.47
C GLY B 310 14.49 -21.46 22.40
N SER B 311 13.46 -21.71 23.20
CA SER B 311 12.62 -22.90 23.07
C SER B 311 11.28 -22.57 22.42
N GLY B 312 11.23 -21.59 21.53
CA GLY B 312 9.96 -21.13 21.00
C GLY B 312 9.78 -21.23 19.50
N GLY B 313 10.87 -21.18 18.74
CA GLY B 313 10.78 -21.26 17.30
C GLY B 313 10.90 -19.91 16.63
N LEU B 314 10.69 -19.92 15.32
CA LEU B 314 10.85 -18.71 14.51
C LEU B 314 9.52 -17.98 14.32
N ILE B 315 8.55 -18.64 13.72
CA ILE B 315 7.20 -18.08 13.61
C ILE B 315 6.49 -18.28 14.93
N MET B 316 5.69 -17.29 15.34
CA MET B 316 5.20 -17.28 16.72
C MET B 316 4.08 -18.30 16.95
N PHE B 317 2.92 -18.08 16.35
CA PHE B 317 1.76 -18.92 16.64
C PHE B 317 1.52 -19.86 15.46
N ASP B 318 2.48 -20.76 15.25
CA ASP B 318 2.49 -21.64 14.09
C ASP B 318 1.34 -22.64 14.18
N VAL B 319 0.40 -22.56 13.24
CA VAL B 319 -0.70 -23.51 13.16
C VAL B 319 -0.77 -23.99 11.70
N SER B 320 0.39 -24.08 11.06
CA SER B 320 0.42 -24.46 9.66
C SER B 320 0.39 -25.96 9.41
N HIS B 321 -0.54 -26.68 10.03
CA HIS B 321 -0.63 -28.12 9.85
C HIS B 321 -2.06 -28.62 9.84
N VAL B 322 -3.01 -27.79 9.42
CA VAL B 322 -4.42 -28.08 9.62
C VAL B 322 -5.12 -28.44 8.32
N GLU B 323 -4.67 -27.87 7.19
CA GLU B 323 -5.26 -28.01 5.83
C GLU B 323 -6.77 -27.77 5.86
N VAL B 324 -7.11 -26.49 6.08
CA VAL B 324 -8.49 -26.03 6.09
C VAL B 324 -9.18 -26.29 4.75
N ARG B 325 -10.41 -26.80 4.81
CA ARG B 325 -11.22 -27.08 3.64
C ARG B 325 -12.38 -26.09 3.55
N TYR B 326 -13.14 -26.20 2.46
CA TYR B 326 -14.14 -25.20 2.09
C TYR B 326 -15.54 -25.79 2.01
N HIS B 327 -15.96 -26.51 3.05
CA HIS B 327 -17.29 -27.10 3.07
C HIS B 327 -18.37 -26.03 3.03
N ALA B 328 -19.52 -26.39 2.48
CA ALA B 328 -20.62 -25.44 2.28
C ALA B 328 -21.53 -25.32 3.48
N ALA B 329 -21.37 -26.16 4.49
CA ALA B 329 -22.08 -25.98 5.75
C ALA B 329 -21.29 -25.15 6.74
N ASP B 330 -20.16 -24.60 6.32
CA ASP B 330 -19.34 -23.73 7.13
C ASP B 330 -19.28 -22.34 6.53
N ILE B 331 -20.43 -21.89 6.04
CA ILE B 331 -20.64 -20.49 5.70
C ILE B 331 -21.41 -19.78 6.80
N ILE B 332 -22.38 -20.45 7.41
CA ILE B 332 -23.14 -19.91 8.53
C ILE B 332 -22.25 -19.64 9.75
N PRO B 333 -21.38 -20.54 10.24
CA PRO B 333 -20.57 -20.15 11.41
C PRO B 333 -19.46 -19.16 11.11
N VAL B 334 -18.96 -19.07 9.88
CA VAL B 334 -17.93 -18.07 9.62
C VAL B 334 -18.53 -16.68 9.57
N THR B 335 -19.72 -16.52 8.98
CA THR B 335 -20.40 -15.25 9.09
C THR B 335 -20.92 -14.98 10.50
N LEU B 336 -21.16 -16.01 11.31
CA LEU B 336 -21.49 -15.73 12.71
C LEU B 336 -20.28 -15.23 13.48
N ILE B 337 -19.09 -15.76 13.16
CA ILE B 337 -17.85 -15.24 13.74
C ILE B 337 -17.64 -13.79 13.33
N GLY B 338 -17.94 -13.46 12.07
CA GLY B 338 -17.81 -12.09 11.62
C GLY B 338 -18.82 -11.14 12.25
N VAL B 339 -20.09 -11.56 12.33
CA VAL B 339 -21.14 -10.72 12.88
C VAL B 339 -20.91 -10.48 14.38
N PHE B 340 -20.57 -11.54 15.11
CA PHE B 340 -20.32 -11.37 16.53
C PHE B 340 -19.03 -10.63 16.79
N GLY B 341 -18.05 -10.71 15.90
CA GLY B 341 -16.85 -9.90 16.08
C GLY B 341 -17.10 -8.44 15.83
N GLY B 342 -17.97 -8.13 14.86
CA GLY B 342 -18.37 -6.74 14.66
C GLY B 342 -19.14 -6.17 15.83
N ILE B 343 -20.08 -6.95 16.37
CA ILE B 343 -20.88 -6.47 17.49
C ILE B 343 -20.03 -6.34 18.75
N LEU B 344 -19.14 -7.30 19.01
CA LEU B 344 -18.32 -7.21 20.21
C LEU B 344 -17.22 -6.17 20.07
N GLY B 345 -16.73 -5.91 18.86
CA GLY B 345 -15.78 -4.83 18.70
C GLY B 345 -16.42 -3.46 18.86
N SER B 346 -17.67 -3.33 18.38
CA SER B 346 -18.42 -2.09 18.59
C SER B 346 -18.69 -1.85 20.06
N LEU B 347 -19.15 -2.89 20.77
CA LEU B 347 -19.43 -2.76 22.19
C LEU B 347 -18.17 -2.56 23.01
N TYR B 348 -17.05 -3.15 22.58
CA TYR B 348 -15.80 -2.98 23.30
C TYR B 348 -15.25 -1.57 23.11
N ASN B 349 -15.40 -1.00 21.92
CA ASN B 349 -15.01 0.40 21.72
C ASN B 349 -15.89 1.33 22.53
N HIS B 350 -17.20 1.06 22.55
CA HIS B 350 -18.13 1.90 23.28
C HIS B 350 -17.91 1.84 24.78
N LEU B 351 -17.43 0.71 25.30
CA LEU B 351 -17.14 0.65 26.72
C LEU B 351 -15.74 1.14 27.07
N LEU B 352 -14.75 0.93 26.19
CA LEU B 352 -13.42 1.46 26.46
C LEU B 352 -13.38 2.97 26.36
N HIS B 353 -14.28 3.56 25.59
CA HIS B 353 -14.43 5.02 25.57
C HIS B 353 -14.87 5.54 26.92
N LYS B 354 -15.86 4.89 27.54
CA LYS B 354 -16.32 5.30 28.86
C LYS B 354 -15.28 5.05 29.94
N VAL B 355 -14.52 3.95 29.80
CA VAL B 355 -13.50 3.64 30.79
C VAL B 355 -12.35 4.64 30.73
N LEU B 356 -11.95 5.05 29.52
CA LEU B 356 -10.91 6.06 29.41
C LEU B 356 -11.40 7.45 29.83
N ARG B 357 -12.69 7.73 29.62
CA ARG B 357 -13.28 8.96 30.16
C ARG B 357 -13.24 8.96 31.68
N LEU B 358 -13.46 7.80 32.30
CA LEU B 358 -13.34 7.72 33.75
C LEU B 358 -11.90 7.86 34.20
N TYR B 359 -10.96 7.24 33.48
CA TYR B 359 -9.56 7.29 33.88
C TYR B 359 -8.94 8.66 33.68
N ASN B 360 -9.54 9.51 32.84
CA ASN B 360 -9.06 10.89 32.75
C ASN B 360 -9.34 11.68 34.02
N LEU B 361 -10.31 11.27 34.83
CA LEU B 361 -10.53 11.94 36.10
C LEU B 361 -9.49 11.53 37.13
N ILE B 362 -9.12 10.24 37.15
CA ILE B 362 -8.19 9.77 38.16
C ILE B 362 -6.77 10.21 37.83
N ASN B 363 -6.46 10.45 36.55
CA ASN B 363 -5.11 10.86 36.17
C ASN B 363 -4.80 12.29 36.57
N GLN B 364 -5.81 13.10 36.84
CA GLN B 364 -5.60 14.51 37.19
C GLN B 364 -5.61 14.76 38.68
N LYS B 365 -5.86 13.73 39.49
CA LYS B 365 -5.89 13.87 40.93
C LYS B 365 -4.53 13.71 41.58
N GLY B 366 -3.46 13.64 40.79
CA GLY B 366 -2.11 13.60 41.31
C GLY B 366 -1.29 12.49 40.67
N LYS B 367 -0.02 12.49 41.03
CA LYS B 367 0.91 11.47 40.57
C LYS B 367 0.92 10.23 41.45
N ILE B 368 0.11 10.20 42.51
CA ILE B 368 0.01 9.00 43.34
C ILE B 368 -1.28 8.23 43.09
N HIS B 369 -2.30 8.87 42.52
CA HIS B 369 -3.51 8.14 42.15
C HIS B 369 -3.27 7.28 40.93
N LYS B 370 -2.34 7.70 40.06
CA LYS B 370 -1.92 6.85 38.95
C LYS B 370 -1.24 5.58 39.44
N VAL B 371 -0.35 5.70 40.43
CA VAL B 371 0.35 4.53 40.96
C VAL B 371 -0.60 3.63 41.72
N LEU B 372 -1.55 4.21 42.44
CA LEU B 372 -2.54 3.38 43.14
C LEU B 372 -3.46 2.67 42.15
N LEU B 373 -3.80 3.32 41.03
CA LEU B 373 -4.62 2.68 40.03
C LEU B 373 -3.89 1.54 39.35
N SER B 374 -2.61 1.75 39.04
CA SER B 374 -1.80 0.70 38.40
C SER B 374 -1.60 -0.49 39.34
N LEU B 375 -1.31 -0.23 40.62
CA LEU B 375 -1.15 -1.33 41.55
C LEU B 375 -2.46 -2.04 41.85
N GLY B 376 -3.59 -1.31 41.85
CA GLY B 376 -4.87 -1.97 42.04
C GLY B 376 -5.27 -2.84 40.87
N VAL B 377 -4.94 -2.39 39.66
CA VAL B 377 -5.20 -3.21 38.47
C VAL B 377 -4.33 -4.45 38.47
N SER B 378 -3.05 -4.32 38.85
CA SER B 378 -2.18 -5.49 38.90
C SER B 378 -2.59 -6.46 40.01
N LEU B 379 -3.09 -5.95 41.13
CA LEU B 379 -3.56 -6.80 42.21
C LEU B 379 -4.80 -7.57 41.80
N PHE B 380 -5.76 -6.89 41.17
CA PHE B 380 -6.97 -7.57 40.71
C PHE B 380 -6.67 -8.59 39.63
N THR B 381 -5.72 -8.27 38.74
CA THR B 381 -5.31 -9.20 37.71
C THR B 381 -4.70 -10.45 38.30
N SER B 382 -3.78 -10.31 39.27
CA SER B 382 -3.11 -11.48 39.81
C SER B 382 -4.04 -12.32 40.69
N VAL B 383 -4.93 -11.67 41.44
CA VAL B 383 -5.90 -12.40 42.26
C VAL B 383 -6.87 -13.19 41.38
N CYS B 384 -7.30 -12.61 40.25
CA CYS B 384 -8.16 -13.36 39.35
C CYS B 384 -7.42 -14.48 38.65
N LEU B 385 -6.22 -14.21 38.12
CA LEU B 385 -5.45 -15.22 37.39
C LEU B 385 -4.97 -16.36 38.28
N PHE B 386 -4.95 -16.20 39.60
CA PHE B 386 -4.69 -17.35 40.43
C PHE B 386 -5.94 -17.98 41.05
N GLY B 387 -7.00 -17.21 41.29
CA GLY B 387 -8.13 -17.75 42.00
C GLY B 387 -9.24 -18.30 41.14
N LEU B 388 -9.33 -17.82 39.91
CA LEU B 388 -10.32 -18.32 38.97
C LEU B 388 -10.17 -19.79 38.53
N PRO B 389 -8.98 -20.37 38.32
CA PRO B 389 -8.94 -21.78 37.91
C PRO B 389 -9.37 -22.77 38.99
N PHE B 390 -9.64 -22.33 40.21
CA PHE B 390 -10.19 -23.23 41.22
C PHE B 390 -11.69 -23.41 41.10
N LEU B 391 -12.32 -22.82 40.09
CA LEU B 391 -13.74 -23.00 39.85
C LEU B 391 -14.03 -24.05 38.79
N ALA B 392 -13.15 -24.22 37.81
CA ALA B 392 -13.38 -25.20 36.76
C ALA B 392 -12.97 -26.58 37.24
N GLU B 393 -13.86 -27.55 37.06
CA GLU B 393 -13.56 -28.92 37.45
C GLU B 393 -12.55 -29.54 36.49
N CYS B 394 -11.87 -30.57 36.97
CA CYS B 394 -10.84 -31.22 36.19
C CYS B 394 -11.45 -32.23 35.23
N LYS B 395 -11.05 -32.18 33.97
CA LYS B 395 -11.50 -33.16 33.01
C LYS B 395 -10.37 -34.11 32.65
N PRO B 396 -10.65 -35.40 32.43
CA PRO B 396 -9.57 -36.36 32.20
C PRO B 396 -8.96 -36.24 30.82
N CYS B 397 -7.80 -36.85 30.67
CA CYS B 397 -7.06 -36.82 29.42
C CYS B 397 -7.74 -37.69 28.36
N ASP B 398 -7.43 -37.39 27.11
CA ASP B 398 -7.88 -38.18 25.98
C ASP B 398 -6.67 -38.61 25.15
N PRO B 399 -6.55 -39.89 24.81
CA PRO B 399 -5.39 -40.34 24.03
C PRO B 399 -5.49 -40.03 22.55
N SER B 400 -6.62 -39.52 22.07
CA SER B 400 -6.77 -39.19 20.65
C SER B 400 -6.18 -37.83 20.30
N ILE B 401 -5.67 -37.09 21.27
CA ILE B 401 -5.17 -35.75 21.01
C ILE B 401 -3.69 -35.80 20.62
N ASP B 402 -2.95 -36.80 21.13
CA ASP B 402 -1.58 -37.21 20.85
C ASP B 402 -0.56 -36.28 21.52
N GLU B 403 -0.97 -35.12 22.03
CA GLU B 403 -0.04 -34.29 22.79
C GLU B 403 0.04 -34.76 24.23
N ILE B 404 1.14 -34.40 24.89
CA ILE B 404 1.42 -34.90 26.24
C ILE B 404 0.54 -34.17 27.23
N CYS B 405 -0.39 -34.88 27.86
CA CYS B 405 -1.21 -34.28 28.89
C CYS B 405 -1.15 -35.14 30.15
N PRO B 406 -1.10 -34.51 31.34
CA PRO B 406 -0.91 -33.08 31.57
C PRO B 406 0.55 -32.68 31.50
N THR B 407 0.85 -31.39 31.65
CA THR B 407 2.20 -30.89 31.59
C THR B 407 2.45 -29.96 32.76
N ASN B 408 3.64 -30.07 33.36
CA ASN B 408 4.04 -29.23 34.47
C ASN B 408 5.26 -28.41 34.04
N GLY B 409 5.13 -27.09 34.12
CA GLY B 409 6.25 -26.23 33.77
C GLY B 409 5.74 -24.84 33.41
N ARG B 410 6.63 -24.09 32.78
CA ARG B 410 6.32 -22.73 32.35
C ARG B 410 5.66 -22.67 30.99
N SER B 411 5.60 -23.79 30.27
CA SER B 411 5.03 -23.83 28.93
C SER B 411 3.56 -24.26 28.99
N GLY B 412 2.89 -24.12 27.85
CA GLY B 412 1.47 -24.39 27.78
C GLY B 412 1.17 -25.86 27.60
N ASN B 413 0.28 -26.17 26.65
CA ASN B 413 -0.04 -27.54 26.22
C ASN B 413 -0.57 -28.42 27.36
N PHE B 414 -1.82 -28.17 27.75
CA PHE B 414 -2.57 -28.99 28.72
C PHE B 414 -1.94 -28.95 30.09
N LYS B 415 -1.89 -27.77 30.70
CA LYS B 415 -1.29 -27.64 32.02
C LYS B 415 -2.24 -28.12 33.09
N GLN B 416 -1.68 -28.65 34.17
CA GLN B 416 -2.42 -28.93 35.39
C GLN B 416 -1.73 -28.22 36.55
N PHE B 417 -2.52 -27.78 37.52
CA PHE B 417 -1.91 -27.28 38.75
C PHE B 417 -2.63 -27.68 40.02
N ASN B 418 -3.91 -28.03 39.99
CA ASN B 418 -4.57 -28.59 41.17
C ASN B 418 -5.27 -29.91 40.91
N CYS B 419 -5.23 -30.41 39.69
CA CYS B 419 -5.86 -31.68 39.36
C CYS B 419 -4.98 -32.82 39.85
N PRO B 420 -5.57 -34.00 40.10
CA PRO B 420 -4.75 -35.18 40.40
C PRO B 420 -4.00 -35.69 39.18
N ASN B 421 -3.17 -36.71 39.37
CA ASN B 421 -2.34 -37.20 38.27
C ASN B 421 -3.19 -37.94 37.25
N GLY B 422 -3.08 -37.53 35.99
CA GLY B 422 -3.89 -38.06 34.91
C GLY B 422 -5.01 -37.15 34.45
N TYR B 423 -5.22 -36.03 35.12
CA TYR B 423 -6.22 -35.03 34.74
C TYR B 423 -5.49 -33.74 34.39
N TYR B 424 -6.24 -32.75 33.91
CA TYR B 424 -5.63 -31.47 33.60
C TYR B 424 -6.68 -30.38 33.76
N ASN B 425 -6.22 -29.19 34.16
CA ASN B 425 -7.09 -28.04 34.34
C ASN B 425 -7.18 -27.27 33.03
N ASP B 426 -8.40 -27.07 32.55
CA ASP B 426 -8.59 -26.37 31.29
C ASP B 426 -8.61 -24.86 31.43
N LEU B 427 -8.78 -24.32 32.63
CA LEU B 427 -8.60 -22.89 32.82
C LEU B 427 -7.13 -22.52 32.99
N SER B 428 -6.38 -23.30 33.75
CA SER B 428 -4.97 -22.98 33.96
C SER B 428 -4.11 -23.27 32.74
N THR B 429 -4.67 -23.88 31.70
CA THR B 429 -4.02 -23.87 30.40
C THR B 429 -3.91 -22.47 29.84
N LEU B 430 -4.91 -21.62 30.13
CA LEU B 430 -5.05 -20.27 29.59
C LEU B 430 -4.57 -19.20 30.56
N LEU B 431 -5.06 -19.22 31.79
CA LEU B 431 -4.51 -18.37 32.83
C LEU B 431 -3.25 -19.02 33.39
N LEU B 432 -2.60 -18.34 34.34
CA LEU B 432 -1.38 -18.80 35.02
C LEU B 432 -0.23 -19.06 34.05
N THR B 433 -0.25 -18.41 32.90
CA THR B 433 0.77 -18.60 31.88
C THR B 433 1.05 -17.22 31.31
N THR B 434 2.24 -17.05 30.73
CA THR B 434 2.50 -15.84 29.96
C THR B 434 1.57 -15.81 28.76
N ASN B 435 1.12 -14.61 28.39
CA ASN B 435 0.09 -14.47 27.37
C ASN B 435 0.58 -14.81 25.97
N ASP B 436 1.90 -14.93 25.77
CA ASP B 436 2.41 -15.43 24.52
C ASP B 436 2.13 -16.92 24.35
N ASP B 437 1.92 -17.65 25.45
CA ASP B 437 1.61 -19.08 25.39
C ASP B 437 0.14 -19.38 25.58
N ALA B 438 -0.63 -18.47 26.17
CA ALA B 438 -2.07 -18.67 26.26
C ALA B 438 -2.70 -18.69 24.88
N VAL B 439 -2.29 -17.77 24.01
CA VAL B 439 -2.83 -17.76 22.66
C VAL B 439 -2.27 -18.91 21.81
N ARG B 440 -1.12 -19.48 22.19
CA ARG B 440 -0.71 -20.71 21.52
C ARG B 440 -1.52 -21.90 22.01
N ASN B 441 -2.04 -21.84 23.22
CA ASN B 441 -2.92 -22.89 23.68
C ASN B 441 -4.32 -22.79 23.09
N ILE B 442 -4.80 -21.57 22.80
CA ILE B 442 -6.11 -21.50 22.15
C ILE B 442 -6.01 -21.71 20.65
N PHE B 443 -4.86 -21.45 20.04
CA PHE B 443 -4.66 -21.74 18.62
C PHE B 443 -4.17 -23.16 18.39
N SER B 444 -4.43 -24.08 19.31
CA SER B 444 -3.83 -25.40 19.29
C SER B 444 -4.49 -26.24 18.20
N SER B 445 -3.71 -26.58 17.18
CA SER B 445 -4.20 -27.47 16.14
C SER B 445 -4.34 -28.89 16.68
N ASN B 446 -5.39 -29.57 16.22
CA ASN B 446 -5.69 -30.98 16.56
C ASN B 446 -5.89 -31.17 18.06
N THR B 447 -6.79 -30.39 18.63
CA THR B 447 -7.23 -30.56 20.02
C THR B 447 -8.75 -30.41 20.09
N PRO B 448 -9.50 -31.45 19.74
CA PRO B 448 -10.96 -31.35 19.81
C PRO B 448 -11.44 -31.42 21.25
N ASN B 449 -12.21 -30.39 21.65
CA ASN B 449 -12.90 -30.30 22.94
C ASN B 449 -11.92 -30.31 24.11
N GLU B 450 -10.82 -29.58 23.98
CA GLU B 450 -9.87 -29.48 25.09
C GLU B 450 -10.44 -28.63 26.21
N PHE B 451 -10.98 -27.46 25.88
CA PHE B 451 -11.58 -26.55 26.85
C PHE B 451 -13.09 -26.67 26.80
N GLY B 452 -13.72 -26.67 27.97
CA GLY B 452 -15.16 -26.78 28.03
C GLY B 452 -15.84 -25.49 27.62
N MET B 453 -17.16 -25.48 27.81
CA MET B 453 -17.89 -24.26 27.51
C MET B 453 -17.85 -23.29 28.69
N VAL B 454 -17.96 -23.80 29.91
CA VAL B 454 -18.00 -22.93 31.07
C VAL B 454 -16.63 -22.35 31.36
N SER B 455 -15.57 -23.11 31.12
CA SER B 455 -14.22 -22.60 31.34
C SER B 455 -13.86 -21.55 30.29
N LEU B 456 -14.30 -21.74 29.05
CA LEU B 456 -14.08 -20.73 28.04
C LEU B 456 -14.93 -19.49 28.29
N TRP B 457 -16.13 -19.67 28.84
CA TRP B 457 -16.96 -18.52 29.21
C TRP B 457 -16.31 -17.72 30.33
N ILE B 458 -15.72 -18.41 31.30
CA ILE B 458 -15.07 -17.73 32.42
C ILE B 458 -13.83 -17.00 31.95
N PHE B 459 -13.05 -17.61 31.06
CA PHE B 459 -11.88 -16.93 30.50
C PHE B 459 -12.28 -15.74 29.63
N PHE B 460 -13.38 -15.85 28.88
CA PHE B 460 -13.85 -14.75 28.05
C PHE B 460 -14.36 -13.60 28.91
N GLY B 461 -15.19 -13.91 29.90
CA GLY B 461 -15.70 -12.88 30.78
C GLY B 461 -14.65 -12.28 31.70
N LEU B 462 -13.53 -12.95 31.87
CA LEU B 462 -12.43 -12.33 32.58
C LEU B 462 -11.64 -11.40 31.67
N TYR B 463 -11.32 -11.84 30.46
CA TYR B 463 -10.45 -11.02 29.63
C TYR B 463 -11.19 -9.86 28.97
N CYS B 464 -12.51 -9.93 28.80
CA CYS B 464 -13.22 -8.75 28.36
C CYS B 464 -13.35 -7.71 29.45
N ILE B 465 -13.11 -8.06 30.71
CA ILE B 465 -13.02 -7.08 31.78
C ILE B 465 -11.60 -6.54 31.90
N LEU B 466 -10.61 -7.41 31.78
CA LEU B 466 -9.22 -6.96 31.89
C LEU B 466 -8.81 -6.10 30.71
N GLY B 467 -9.39 -6.32 29.53
CA GLY B 467 -9.09 -5.45 28.40
C GLY B 467 -9.64 -4.05 28.56
N LEU B 468 -10.77 -3.91 29.25
CA LEU B 468 -11.27 -2.59 29.58
C LEU B 468 -10.42 -1.93 30.63
N ILE B 469 -10.20 -2.60 31.76
CA ILE B 469 -9.61 -1.90 32.90
C ILE B 469 -8.09 -1.85 32.88
N THR B 470 -7.43 -2.56 31.97
CA THR B 470 -5.98 -2.50 31.94
C THR B 470 -5.47 -1.47 30.94
N PHE B 471 -6.15 -1.35 29.81
CA PHE B 471 -5.78 -0.32 28.85
C PHE B 471 -6.14 1.02 29.42
N GLY B 472 -5.18 1.91 29.49
CA GLY B 472 -5.41 3.24 30.02
C GLY B 472 -4.77 3.50 31.35
N ILE B 473 -4.25 2.48 32.02
CA ILE B 473 -3.50 2.68 33.25
C ILE B 473 -2.13 3.21 32.89
N ALA B 474 -1.37 3.64 33.89
CA ALA B 474 -0.19 4.45 33.68
C ALA B 474 1.07 3.64 33.44
N THR B 475 0.96 2.46 32.85
CA THR B 475 2.08 1.63 32.46
C THR B 475 2.07 1.53 30.94
N PRO B 476 3.19 1.15 30.29
CA PRO B 476 3.14 1.05 28.82
C PRO B 476 2.32 -0.12 28.36
N SER B 477 1.10 0.14 27.93
CA SER B 477 0.16 -0.91 27.62
C SER B 477 0.09 -1.11 26.11
N GLY B 478 -0.81 -1.98 25.68
CA GLY B 478 -0.96 -2.29 24.28
C GLY B 478 -2.39 -2.70 24.05
N LEU B 479 -2.75 -3.02 22.81
CA LEU B 479 -4.16 -3.32 22.54
C LEU B 479 -4.36 -4.44 21.54
N PHE B 480 -3.27 -5.05 21.09
CA PHE B 480 -3.39 -6.14 20.16
C PHE B 480 -3.63 -7.41 20.93
N LEU B 481 -2.79 -7.67 21.92
CA LEU B 481 -2.89 -8.90 22.71
C LEU B 481 -4.20 -9.06 23.51
N PRO B 482 -4.80 -8.04 24.15
CA PRO B 482 -6.10 -8.28 24.79
C PRO B 482 -7.20 -8.57 23.80
N ILE B 483 -7.16 -7.96 22.62
CA ILE B 483 -8.17 -8.27 21.62
C ILE B 483 -7.94 -9.64 21.02
N ILE B 484 -6.68 -10.06 20.88
CA ILE B 484 -6.38 -11.41 20.41
C ILE B 484 -6.90 -12.46 21.38
N LEU B 485 -6.68 -12.25 22.69
CA LEU B 485 -7.16 -13.20 23.68
C LEU B 485 -8.68 -13.22 23.77
N MET B 486 -9.30 -12.04 23.81
CA MET B 486 -10.75 -11.95 23.91
C MET B 486 -11.45 -12.44 22.65
N GLY B 487 -10.76 -12.43 21.51
CA GLY B 487 -11.33 -12.96 20.28
C GLY B 487 -11.14 -14.46 20.17
N SER B 488 -9.99 -14.96 20.62
CA SER B 488 -9.77 -16.40 20.60
C SER B 488 -10.73 -17.13 21.53
N ALA B 489 -11.14 -16.45 22.62
CA ALA B 489 -12.08 -17.05 23.56
C ALA B 489 -13.42 -17.38 22.90
N TYR B 490 -14.06 -16.38 22.28
CA TYR B 490 -15.35 -16.70 21.67
C TYR B 490 -15.19 -17.41 20.33
N GLY B 491 -14.01 -17.35 19.70
CA GLY B 491 -13.78 -18.17 18.52
C GLY B 491 -13.79 -19.65 18.84
N ARG B 492 -13.03 -20.05 19.87
CA ARG B 492 -13.10 -21.44 20.29
C ARG B 492 -14.41 -21.77 21.01
N MET B 493 -15.13 -20.78 21.53
CA MET B 493 -16.46 -21.04 22.05
C MET B 493 -17.41 -21.45 20.94
N LEU B 494 -17.36 -20.76 19.81
CA LEU B 494 -18.19 -21.19 18.69
C LEU B 494 -17.68 -22.49 18.07
N GLY B 495 -16.37 -22.74 18.15
CA GLY B 495 -15.84 -24.02 17.70
C GLY B 495 -16.33 -25.20 18.53
N THR B 496 -16.36 -25.03 19.84
CA THR B 496 -16.90 -26.08 20.70
C THR B 496 -18.41 -26.16 20.59
N ALA B 497 -19.08 -25.04 20.27
CA ALA B 497 -20.53 -25.06 20.14
C ALA B 497 -20.98 -25.76 18.87
N MET B 498 -20.24 -25.64 17.78
CA MET B 498 -20.58 -26.39 16.57
C MET B 498 -20.30 -27.88 16.76
N GLY B 499 -19.06 -28.23 16.99
CA GLY B 499 -18.72 -29.61 17.33
C GLY B 499 -18.47 -30.44 16.07
N SER B 500 -19.37 -31.41 15.83
CA SER B 500 -19.24 -32.34 14.72
C SER B 500 -19.88 -31.84 13.44
N TYR B 501 -20.61 -30.72 13.48
CA TYR B 501 -21.28 -30.17 12.32
C TYR B 501 -20.40 -29.21 11.53
N THR B 502 -19.08 -29.34 11.66
CA THR B 502 -18.15 -28.51 10.94
C THR B 502 -16.93 -29.35 10.60
N ASN B 503 -16.05 -28.79 9.78
CA ASN B 503 -14.79 -29.45 9.44
C ASN B 503 -13.57 -28.61 9.70
N ILE B 504 -13.71 -27.31 9.98
CA ILE B 504 -12.58 -26.49 10.36
C ILE B 504 -12.24 -26.77 11.82
N ASP B 505 -10.94 -26.86 12.12
CA ASP B 505 -10.48 -27.10 13.47
C ASP B 505 -10.84 -25.93 14.38
N GLN B 506 -11.02 -26.23 15.66
CA GLN B 506 -11.41 -25.19 16.61
C GLN B 506 -10.28 -24.21 16.88
N GLY B 507 -9.03 -24.61 16.65
CA GLY B 507 -7.95 -23.64 16.70
C GLY B 507 -8.03 -22.63 15.59
N LEU B 508 -8.45 -23.05 14.41
CA LEU B 508 -8.66 -22.09 13.34
C LEU B 508 -9.90 -21.25 13.59
N TYR B 509 -10.89 -21.77 14.29
CA TYR B 509 -11.99 -20.91 14.73
C TYR B 509 -11.53 -19.88 15.75
N ALA B 510 -10.53 -20.22 16.56
CA ALA B 510 -9.96 -19.23 17.46
C ALA B 510 -9.16 -18.18 16.70
N VAL B 511 -8.48 -18.59 15.63
CA VAL B 511 -7.79 -17.61 14.79
C VAL B 511 -8.78 -16.67 14.10
N LEU B 512 -9.90 -17.23 13.62
CA LEU B 512 -10.92 -16.40 13.00
C LEU B 512 -11.60 -15.48 14.02
N GLY B 513 -11.77 -15.95 15.26
CA GLY B 513 -12.34 -15.10 16.29
C GLY B 513 -11.42 -13.96 16.68
N ALA B 514 -10.11 -14.23 16.75
CA ALA B 514 -9.15 -13.18 17.07
C ALA B 514 -9.09 -12.14 15.96
N ALA B 515 -9.04 -12.59 14.70
CA ALA B 515 -9.01 -11.64 13.59
C ALA B 515 -10.32 -10.90 13.45
N SER B 516 -11.44 -11.52 13.78
CA SER B 516 -12.71 -10.86 13.63
C SER B 516 -12.93 -9.82 14.72
N LEU B 517 -12.51 -10.10 15.96
CA LEU B 517 -12.59 -9.06 16.97
C LEU B 517 -11.58 -7.94 16.73
N MET B 518 -10.40 -8.27 16.20
CA MET B 518 -9.43 -7.22 15.91
C MET B 518 -9.88 -6.33 14.76
N ALA B 519 -10.60 -6.88 13.78
CA ALA B 519 -11.19 -6.03 12.76
C ALA B 519 -12.35 -5.21 13.29
N GLY B 520 -13.20 -5.83 14.12
CA GLY B 520 -14.33 -5.10 14.67
C GLY B 520 -13.96 -4.03 15.67
N SER B 521 -12.73 -4.07 16.19
CA SER B 521 -12.30 -3.05 17.12
C SER B 521 -11.20 -2.13 16.60
N MET B 522 -10.58 -2.39 15.46
CA MET B 522 -9.58 -1.47 14.92
C MET B 522 -9.85 -1.07 13.48
N ARG B 523 -10.80 -1.71 12.81
CA ARG B 523 -11.21 -1.37 11.45
C ARG B 523 -10.05 -1.41 10.46
N MET B 524 -9.31 -2.52 10.48
CA MET B 524 -8.23 -2.74 9.53
C MET B 524 -8.51 -4.02 8.75
N THR B 525 -8.10 -4.05 7.49
CA THR B 525 -8.35 -5.22 6.66
C THR B 525 -7.09 -5.87 6.13
N VAL B 526 -6.24 -5.13 5.43
CA VAL B 526 -5.12 -5.77 4.74
C VAL B 526 -4.02 -6.12 5.71
N SER B 527 -3.76 -5.22 6.66
CA SER B 527 -2.69 -5.44 7.62
C SER B 527 -3.03 -6.60 8.55
N LEU B 528 -4.30 -6.76 8.89
CA LEU B 528 -4.69 -7.84 9.77
C LEU B 528 -4.61 -9.19 9.07
N CYS B 529 -4.99 -9.27 7.79
CA CYS B 529 -4.91 -10.55 7.11
C CYS B 529 -3.47 -10.95 6.82
N VAL B 530 -2.62 -9.97 6.49
CA VAL B 530 -1.22 -10.32 6.26
C VAL B 530 -0.50 -10.63 7.58
N ILE B 531 -0.89 -9.94 8.66
CA ILE B 531 -0.30 -10.21 9.97
C ILE B 531 -0.76 -11.56 10.49
N PHE B 532 -2.00 -11.94 10.25
CA PHE B 532 -2.44 -13.26 10.69
C PHE B 532 -1.89 -14.38 9.80
N LEU B 533 -1.63 -14.08 8.53
CA LEU B 533 -0.86 -15.00 7.70
C LEU B 533 0.52 -15.24 8.28
N GLU B 534 1.25 -14.18 8.56
CA GLU B 534 2.64 -14.37 8.96
C GLU B 534 2.80 -14.61 10.45
N LEU B 535 1.70 -14.63 11.21
CA LEU B 535 1.70 -15.20 12.53
C LEU B 535 1.37 -16.69 12.48
N THR B 536 0.36 -17.07 11.71
CA THR B 536 -0.14 -18.43 11.73
C THR B 536 0.50 -19.34 10.70
N ASN B 537 1.18 -18.80 9.69
CA ASN B 537 1.83 -19.53 8.60
C ASN B 537 0.86 -20.38 7.78
N ASN B 538 -0.43 -20.11 7.84
CA ASN B 538 -1.43 -20.88 7.12
C ASN B 538 -1.85 -20.08 5.90
N LEU B 539 -1.24 -20.37 4.76
CA LEU B 539 -1.54 -19.62 3.55
C LEU B 539 -2.92 -19.97 3.01
N LEU B 540 -3.40 -21.17 3.25
CA LEU B 540 -4.72 -21.55 2.77
C LEU B 540 -5.84 -21.06 3.66
N LEU B 541 -5.52 -20.37 4.75
CA LEU B 541 -6.51 -19.71 5.58
C LEU B 541 -6.77 -18.28 5.15
N LEU B 542 -5.86 -17.71 4.36
CA LEU B 542 -5.96 -16.31 3.95
C LEU B 542 -7.25 -15.90 3.22
N PRO B 543 -7.91 -16.72 2.40
CA PRO B 543 -9.24 -16.31 1.93
C PRO B 543 -10.30 -16.18 3.01
N ILE B 544 -10.47 -17.21 3.84
CA ILE B 544 -11.57 -17.17 4.79
C ILE B 544 -11.27 -16.23 5.95
N THR B 545 -9.99 -16.01 6.26
CA THR B 545 -9.66 -15.12 7.35
C THR B 545 -9.82 -13.66 6.99
N MET B 546 -10.02 -13.32 5.72
CA MET B 546 -10.37 -11.96 5.34
C MET B 546 -11.81 -11.82 4.87
N PHE B 547 -12.44 -12.92 4.46
CA PHE B 547 -13.89 -12.93 4.40
C PHE B 547 -14.50 -12.73 5.78
N VAL B 548 -13.80 -13.08 6.84
CA VAL B 548 -14.34 -12.76 8.16
C VAL B 548 -13.98 -11.33 8.59
N LEU B 549 -12.83 -10.79 8.14
CA LEU B 549 -12.47 -9.43 8.50
C LEU B 549 -13.41 -8.42 7.88
N LEU B 550 -13.87 -8.69 6.65
CA LEU B 550 -14.76 -7.72 5.99
C LEU B 550 -16.13 -7.66 6.66
N ILE B 551 -16.68 -8.81 7.06
CA ILE B 551 -17.97 -8.79 7.75
C ILE B 551 -17.82 -8.15 9.12
N ALA B 552 -16.69 -8.41 9.80
CA ALA B 552 -16.45 -7.78 11.09
C ALA B 552 -16.34 -6.26 10.98
N LYS B 553 -15.63 -5.78 9.97
CA LYS B 553 -15.42 -4.35 9.83
C LYS B 553 -16.68 -3.64 9.35
N THR B 554 -17.40 -4.19 8.38
CA THR B 554 -18.61 -3.52 7.92
C THR B 554 -19.86 -3.90 8.71
N VAL B 555 -19.71 -4.62 9.82
CA VAL B 555 -20.72 -4.56 10.87
C VAL B 555 -20.32 -3.57 11.95
N GLY B 556 -19.04 -3.53 12.31
CA GLY B 556 -18.58 -2.60 13.32
C GLY B 556 -18.63 -1.14 12.90
N ASP B 557 -18.56 -0.87 11.60
CA ASP B 557 -18.66 0.50 11.12
C ASP B 557 -20.07 1.05 11.21
N SER B 558 -21.07 0.18 11.28
CA SER B 558 -22.44 0.63 11.36
C SER B 558 -22.84 1.08 12.76
N PHE B 559 -21.98 0.90 13.76
CA PHE B 559 -22.27 1.32 15.13
C PHE B 559 -21.35 2.43 15.60
N ASN B 560 -20.04 2.25 15.54
CA ASN B 560 -19.11 3.15 16.18
C ASN B 560 -18.07 3.68 15.20
N LEU B 561 -17.06 4.35 15.74
CA LEU B 561 -15.86 4.69 14.98
C LEU B 561 -14.84 3.57 15.16
N SER B 562 -13.59 3.82 14.78
CA SER B 562 -12.51 2.90 15.10
C SER B 562 -12.09 3.12 16.56
N ILE B 563 -10.98 2.51 16.97
CA ILE B 563 -10.45 2.82 18.29
C ILE B 563 -9.31 3.84 18.20
N TYR B 564 -8.62 3.94 17.08
CA TYR B 564 -7.61 4.98 17.02
C TYR B 564 -8.31 6.33 16.88
N GLU B 565 -9.39 6.41 16.12
CA GLU B 565 -10.13 7.67 16.06
C GLU B 565 -10.74 8.02 17.40
N ILE B 566 -11.08 7.03 18.21
CA ILE B 566 -11.64 7.31 19.53
C ILE B 566 -10.56 7.82 20.48
N ILE B 567 -9.37 7.23 20.44
CA ILE B 567 -8.29 7.73 21.29
C ILE B 567 -7.75 9.06 20.78
N LEU B 568 -7.83 9.30 19.47
CA LEU B 568 -7.47 10.62 18.96
C LEU B 568 -8.50 11.66 19.34
N HIS B 569 -9.76 11.27 19.45
CA HIS B 569 -10.81 12.20 19.86
C HIS B 569 -10.75 12.48 21.35
N LEU B 570 -10.31 11.51 22.16
CA LEU B 570 -10.18 11.75 23.59
C LEU B 570 -9.00 12.65 23.90
N LYS B 571 -7.88 12.47 23.20
CA LYS B 571 -6.71 13.29 23.45
C LYS B 571 -6.81 14.65 22.77
N GLY B 572 -7.87 14.90 22.02
CA GLY B 572 -8.08 16.21 21.41
C GLY B 572 -7.12 16.55 20.31
N LEU B 573 -6.48 15.57 19.71
CA LEU B 573 -5.53 15.84 18.65
C LEU B 573 -6.27 16.18 17.36
N PRO B 574 -5.85 17.21 16.62
CA PRO B 574 -6.59 17.67 15.43
C PRO B 574 -6.26 16.90 14.16
N PHE B 575 -6.86 15.71 14.04
CA PHE B 575 -6.61 14.83 12.91
C PHE B 575 -7.46 15.24 11.72
N LEU B 576 -6.83 15.42 10.57
CA LEU B 576 -7.54 15.79 9.35
C LEU B 576 -8.00 14.55 8.61
N GLU B 577 -9.32 14.39 8.47
CA GLU B 577 -9.88 13.25 7.77
C GLU B 577 -9.60 13.35 6.28
N ALA B 578 -9.71 12.22 5.59
CA ALA B 578 -9.33 12.15 4.18
C ALA B 578 -10.37 12.81 3.29
N ASN B 579 -11.59 12.30 3.32
CA ASN B 579 -12.58 12.85 2.40
C ASN B 579 -13.45 13.88 3.10
N PRO B 580 -13.83 14.94 2.39
CA PRO B 580 -14.68 15.96 3.00
C PRO B 580 -16.12 15.50 3.16
N GLU B 581 -16.85 16.25 3.98
CA GLU B 581 -18.25 15.97 4.23
C GLU B 581 -19.09 16.38 3.02
N PRO B 582 -20.32 15.87 2.91
CA PRO B 582 -21.17 16.29 1.79
C PRO B 582 -21.68 17.71 1.89
N TRP B 583 -21.62 18.36 3.05
CA TRP B 583 -22.03 19.74 3.16
C TRP B 583 -20.89 20.71 2.96
N MET B 584 -19.65 20.23 2.92
CA MET B 584 -18.50 21.10 2.72
C MET B 584 -18.43 21.64 1.30
N ARG B 585 -19.14 21.04 0.36
CA ARG B 585 -19.12 21.51 -1.01
C ARG B 585 -20.02 22.73 -1.20
N ASN B 586 -21.04 22.89 -0.36
CA ASN B 586 -21.94 24.02 -0.46
C ASN B 586 -21.51 25.20 0.41
N LEU B 587 -20.23 25.26 0.76
CA LEU B 587 -19.68 26.36 1.54
C LEU B 587 -18.37 26.77 0.89
N THR B 588 -18.18 28.08 0.71
CA THR B 588 -17.00 28.57 0.02
C THR B 588 -15.99 29.11 1.03
N VAL B 589 -14.76 29.25 0.56
CA VAL B 589 -13.67 29.72 1.41
C VAL B 589 -13.86 31.18 1.79
N GLY B 590 -14.49 31.97 0.93
CA GLY B 590 -14.78 33.36 1.27
C GLY B 590 -15.77 33.49 2.41
N GLU B 591 -16.74 32.59 2.48
CA GLU B 591 -17.64 32.55 3.64
C GLU B 591 -16.91 32.09 4.89
N LEU B 592 -15.86 31.30 4.73
CA LEU B 592 -15.07 30.87 5.89
C LEU B 592 -14.26 32.03 6.43
N ASN B 593 -13.68 32.85 5.55
CA ASN B 593 -12.90 33.99 6.01
C ASN B 593 -13.75 35.20 6.34
N ASP B 594 -15.05 35.17 6.03
CA ASP B 594 -15.96 36.21 6.50
C ASP B 594 -16.41 36.00 7.94
N ALA B 595 -15.89 34.99 8.63
CA ALA B 595 -16.18 34.72 10.03
C ALA B 595 -14.90 34.44 10.80
N LYS B 596 -13.91 35.31 10.62
CA LYS B 596 -12.60 35.11 11.21
C LYS B 596 -11.97 36.48 11.45
N PRO B 597 -10.99 36.57 12.35
CA PRO B 597 -10.22 37.81 12.46
C PRO B 597 -9.40 38.03 11.21
N PRO B 598 -9.08 39.27 10.87
CA PRO B 598 -8.39 39.55 9.61
C PRO B 598 -6.93 39.10 9.67
N VAL B 599 -6.36 38.94 8.48
CA VAL B 599 -4.99 38.45 8.35
C VAL B 599 -4.04 39.56 8.77
N VAL B 600 -3.00 39.21 9.53
CA VAL B 600 -1.94 40.16 9.83
C VAL B 600 -0.76 39.87 8.91
N THR B 601 -0.20 40.94 8.35
CA THR B 601 0.82 40.82 7.32
C THR B 601 2.00 41.72 7.65
N LEU B 602 3.10 41.48 6.94
CA LEU B 602 4.29 42.32 7.00
C LEU B 602 4.58 42.80 5.60
N ASN B 603 5.25 43.93 5.45
CA ASN B 603 5.73 44.30 4.13
C ASN B 603 7.13 43.71 3.94
N GLY B 604 7.76 44.01 2.82
CA GLY B 604 8.97 43.33 2.45
C GLY B 604 10.22 43.77 3.19
N VAL B 605 10.33 45.07 3.47
CA VAL B 605 11.53 45.66 4.04
C VAL B 605 11.10 46.16 5.41
N GLU B 606 10.33 45.33 6.11
CA GLU B 606 9.60 45.70 7.33
C GLU B 606 10.50 46.25 8.43
N LYS B 607 10.02 47.31 9.08
CA LYS B 607 10.65 47.86 10.26
C LYS B 607 10.63 46.86 11.41
N VAL B 608 11.61 46.98 12.32
CA VAL B 608 11.77 46.01 13.39
C VAL B 608 10.64 46.11 14.41
N ALA B 609 10.05 47.30 14.55
CA ALA B 609 8.98 47.49 15.54
C ALA B 609 7.75 46.68 15.18
N ASN B 610 7.42 46.59 13.90
CA ASN B 610 6.27 45.79 13.50
C ASN B 610 6.55 44.30 13.61
N ILE B 611 7.80 43.87 13.40
CA ILE B 611 8.16 42.48 13.58
C ILE B 611 8.04 42.08 15.05
N VAL B 612 8.54 42.93 15.94
CA VAL B 612 8.46 42.65 17.37
C VAL B 612 7.00 42.69 17.84
N ASP B 613 6.20 43.60 17.29
CA ASP B 613 4.78 43.68 17.66
C ASP B 613 4.00 42.47 17.20
N VAL B 614 4.27 41.99 15.97
CA VAL B 614 3.53 40.84 15.48
C VAL B 614 4.07 39.55 16.08
N LEU B 615 5.28 39.57 16.65
CA LEU B 615 5.77 38.39 17.35
C LEU B 615 5.28 38.33 18.80
N ARG B 616 5.13 39.48 19.45
CA ARG B 616 4.63 39.49 20.82
C ARG B 616 3.13 39.31 20.87
N ASN B 617 2.38 40.10 20.09
CA ASN B 617 0.94 40.15 20.27
C ASN B 617 0.21 38.97 19.64
N THR B 618 0.78 38.36 18.62
CA THR B 618 0.08 37.28 17.91
C THR B 618 0.82 35.97 18.08
N THR B 619 0.06 34.88 17.99
CA THR B 619 0.59 33.53 18.12
C THR B 619 0.72 32.81 16.80
N HIS B 620 0.47 33.50 15.69
CA HIS B 620 0.51 32.87 14.37
C HIS B 620 1.95 32.56 13.98
N ASN B 621 2.11 31.51 13.17
CA ASN B 621 3.43 31.02 12.80
C ASN B 621 3.81 31.32 11.36
N ALA B 622 2.93 31.95 10.58
CA ALA B 622 3.28 32.34 9.23
C ALA B 622 2.49 33.57 8.84
N PHE B 623 3.18 34.56 8.31
CA PHE B 623 2.56 35.82 7.92
C PHE B 623 2.81 36.08 6.44
N PRO B 624 1.81 36.51 5.69
CA PRO B 624 2.04 36.87 4.29
C PRO B 624 2.83 38.16 4.19
N VAL B 625 3.61 38.25 3.13
CA VAL B 625 4.45 39.41 2.86
C VAL B 625 3.85 40.18 1.70
N LEU B 626 3.59 41.46 1.90
CA LEU B 626 3.03 42.35 0.91
C LEU B 626 4.07 43.42 0.61
N ASP B 627 3.66 44.46 -0.10
CA ASP B 627 4.57 45.59 -0.28
C ASP B 627 3.89 46.94 -0.16
N GLY B 628 2.61 46.99 0.20
CA GLY B 628 1.94 48.25 0.46
C GLY B 628 1.71 49.13 -0.75
N GLY B 634 -0.22 49.85 -5.74
CA GLY B 634 0.41 48.62 -6.20
C GLY B 634 0.95 47.75 -5.07
N THR B 635 0.19 46.73 -4.72
CA THR B 635 0.57 45.79 -3.65
C THR B 635 0.86 44.45 -4.30
N GLU B 636 2.11 44.02 -4.23
CA GLU B 636 2.56 42.78 -4.84
C GLU B 636 2.80 41.75 -3.75
N LEU B 637 2.02 40.68 -3.78
CA LEU B 637 2.21 39.57 -2.86
C LEU B 637 3.52 38.84 -3.12
N HIS B 638 4.27 38.57 -2.06
CA HIS B 638 5.48 37.76 -2.18
C HIS B 638 5.27 36.32 -1.76
N GLY B 639 4.56 36.08 -0.66
CA GLY B 639 4.37 34.72 -0.17
C GLY B 639 4.18 34.74 1.33
N LEU B 640 4.65 33.67 1.98
CA LEU B 640 4.59 33.54 3.42
C LEU B 640 6.00 33.59 4.00
N ILE B 641 6.11 34.12 5.20
CA ILE B 641 7.33 34.04 5.98
C ILE B 641 6.96 33.41 7.32
N LEU B 642 7.85 32.56 7.83
CA LEU B 642 7.56 31.85 9.05
C LEU B 642 8.05 32.62 10.27
N ARG B 643 7.47 32.29 11.43
CA ARG B 643 7.90 32.87 12.68
C ARG B 643 9.33 32.46 13.02
N ALA B 644 9.72 31.25 12.64
CA ALA B 644 11.03 30.72 12.94
C ALA B 644 12.15 31.46 12.23
N HIS B 645 11.86 32.15 11.13
CA HIS B 645 12.85 32.99 10.48
C HIS B 645 12.80 34.43 10.94
N LEU B 646 11.64 34.89 11.41
CA LEU B 646 11.57 36.20 12.05
C LEU B 646 12.40 36.24 13.32
N VAL B 647 12.31 35.19 14.15
CA VAL B 647 13.16 35.15 15.34
C VAL B 647 14.63 34.97 14.96
N LYS B 648 14.92 34.41 13.79
CA LYS B 648 16.31 34.26 13.38
C LYS B 648 16.91 35.58 12.93
N VAL B 649 16.17 36.37 12.14
CA VAL B 649 16.70 37.69 11.78
C VAL B 649 16.70 38.64 12.95
N LEU B 650 15.87 38.41 13.96
CA LEU B 650 15.99 39.23 15.16
C LEU B 650 17.18 38.81 16.02
N LYS B 651 17.52 37.52 16.05
CA LYS B 651 18.67 37.09 16.84
C LYS B 651 19.99 37.38 16.15
N LYS B 652 20.02 37.35 14.82
CA LYS B 652 21.27 37.49 14.07
C LYS B 652 21.79 38.92 14.04
N ARG B 653 20.97 39.89 14.46
CA ARG B 653 21.22 41.33 14.31
C ARG B 653 21.49 41.68 12.85
N TRP B 654 20.58 41.25 11.98
CA TRP B 654 20.64 41.63 10.57
C TRP B 654 19.75 42.84 10.32
N PHE B 655 20.23 43.97 10.80
CA PHE B 655 19.47 45.21 10.79
C PHE B 655 20.07 46.18 9.78
N LEU B 656 19.19 46.87 9.05
CA LEU B 656 19.58 47.84 8.05
C LEU B 656 19.18 49.24 8.47
N ASN B 657 19.90 50.24 7.95
CA ASN B 657 19.62 51.62 8.31
C ASN B 657 18.46 52.19 7.51
N GLU B 658 18.50 52.05 6.19
CA GLU B 658 17.48 52.59 5.32
C GLU B 658 16.55 51.47 4.85
N LYS B 659 15.66 51.80 3.92
CA LYS B 659 14.74 50.83 3.35
C LYS B 659 15.30 50.16 2.10
N ARG B 660 16.61 49.98 2.05
CA ARG B 660 17.26 49.34 0.91
C ARG B 660 16.89 47.86 0.88
N ARG B 661 16.51 47.37 -0.28
CA ARG B 661 16.40 45.93 -0.51
C ARG B 661 17.78 45.39 -0.83
N THR B 662 18.21 44.37 -0.09
CA THR B 662 19.58 43.89 -0.19
C THR B 662 19.78 43.09 -1.48
N GLU B 663 21.03 42.71 -1.70
CA GLU B 663 21.38 41.82 -2.79
C GLU B 663 21.32 40.39 -2.29
N GLU B 664 21.89 39.45 -3.04
CA GLU B 664 21.94 38.07 -2.59
C GLU B 664 23.16 37.79 -1.72
N TRP B 665 24.30 38.42 -2.03
CA TRP B 665 25.54 38.08 -1.36
C TRP B 665 25.56 38.51 0.10
N GLU B 666 24.77 39.50 0.49
CA GLU B 666 24.69 39.88 1.90
C GLU B 666 24.03 38.79 2.73
N VAL B 667 22.92 38.23 2.24
CA VAL B 667 22.29 37.17 3.01
C VAL B 667 23.04 35.85 2.84
N ARG B 668 23.87 35.71 1.80
CA ARG B 668 24.78 34.56 1.77
C ARG B 668 25.88 34.71 2.81
N GLU B 669 26.32 35.94 3.08
CA GLU B 669 27.36 36.16 4.08
C GLU B 669 26.82 36.02 5.49
N LYS B 670 25.58 36.46 5.74
CA LYS B 670 25.03 36.37 7.10
C LYS B 670 24.64 34.94 7.45
N PHE B 671 23.74 34.35 6.69
CA PHE B 671 23.14 33.06 7.01
C PHE B 671 23.84 31.95 6.24
N THR B 672 23.55 30.72 6.66
CA THR B 672 23.99 29.50 6.02
C THR B 672 22.79 28.59 5.88
N PRO B 673 22.81 27.63 4.95
CA PRO B 673 21.64 26.74 4.80
C PRO B 673 21.38 25.82 5.97
N VAL B 674 22.38 25.59 6.83
CA VAL B 674 22.16 24.76 8.01
C VAL B 674 21.55 25.58 9.15
N GLU B 675 21.92 26.85 9.26
CA GLU B 675 21.42 27.70 10.34
C GLU B 675 19.96 28.05 10.17
N LEU B 676 19.45 28.01 8.94
CA LEU B 676 18.05 28.36 8.69
C LEU B 676 17.09 27.24 9.07
N ALA B 677 17.58 26.04 9.35
CA ALA B 677 16.73 24.94 9.74
C ALA B 677 16.87 24.56 11.20
N GLU B 678 17.78 25.21 11.94
CA GLU B 678 17.89 24.99 13.37
C GLU B 678 16.73 25.67 14.08
N ARG B 679 15.86 24.87 14.70
CA ARG B 679 14.73 25.41 15.47
C ARG B 679 15.06 25.54 16.95
N GLU B 680 16.33 25.70 17.29
CA GLU B 680 16.76 25.82 18.68
C GLU B 680 16.79 27.29 19.08
N ASP B 681 15.60 27.87 19.17
CA ASP B 681 15.47 29.28 19.51
C ASP B 681 14.13 29.53 20.20
N ASN B 682 14.10 30.62 20.96
CA ASN B 682 12.88 31.13 21.54
C ASN B 682 12.96 32.66 21.52
N PHE B 683 11.82 33.30 21.74
CA PHE B 683 11.74 34.75 21.60
C PHE B 683 12.03 35.49 22.90
N ASP B 684 12.00 34.81 24.03
CA ASP B 684 12.11 35.51 25.31
C ASP B 684 13.53 35.95 25.63
N ASP B 685 14.54 35.24 25.11
CA ASP B 685 15.91 35.54 25.52
C ASP B 685 16.47 36.79 24.82
N VAL B 686 15.94 37.14 23.66
CA VAL B 686 16.45 38.25 22.88
C VAL B 686 15.75 39.54 23.31
N ALA B 687 16.52 40.58 23.59
CA ALA B 687 16.01 41.86 24.01
C ALA B 687 16.52 42.92 23.04
N ILE B 688 15.62 43.49 22.26
CA ILE B 688 15.99 44.50 21.27
C ILE B 688 16.08 45.85 21.96
N THR B 689 17.16 46.58 21.68
CA THR B 689 17.29 47.95 22.16
C THR B 689 16.26 48.83 21.47
N SER B 690 15.61 49.70 22.24
CA SER B 690 14.57 50.57 21.69
C SER B 690 15.12 51.60 20.71
N SER B 691 16.43 51.84 20.68
CA SER B 691 17.00 52.67 19.64
C SER B 691 17.14 51.92 18.32
N GLU B 692 17.36 50.61 18.36
CA GLU B 692 17.46 49.81 17.15
C GLU B 692 16.15 49.12 16.81
N MET B 693 15.04 49.54 17.41
CA MET B 693 13.73 49.11 16.96
C MET B 693 13.18 50.01 15.86
N GLN B 694 13.96 50.98 15.40
CA GLN B 694 13.64 51.78 14.22
C GLN B 694 14.54 51.45 13.04
N LEU B 695 15.22 50.31 13.07
CA LEU B 695 16.02 49.88 11.93
C LEU B 695 15.14 49.07 10.99
N TYR B 696 15.73 48.41 10.00
CA TYR B 696 14.95 47.69 9.02
C TYR B 696 15.53 46.31 8.78
N VAL B 697 14.64 45.34 8.55
CA VAL B 697 14.99 43.96 8.30
C VAL B 697 14.50 43.59 6.92
N ASP B 698 15.40 43.13 6.06
CA ASP B 698 15.03 42.72 4.71
C ASP B 698 14.44 41.32 4.77
N LEU B 699 13.11 41.23 4.73
CA LEU B 699 12.42 39.95 4.78
C LEU B 699 12.26 39.32 3.40
N HIS B 700 12.90 39.87 2.38
CA HIS B 700 12.78 39.27 1.04
C HIS B 700 13.46 37.91 0.93
N PRO B 701 14.75 37.73 1.20
CA PRO B 701 15.39 36.46 0.84
C PRO B 701 15.04 35.28 1.72
N LEU B 702 14.20 35.46 2.73
CA LEU B 702 13.76 34.35 3.58
C LEU B 702 12.30 33.99 3.34
N THR B 703 11.66 34.60 2.35
CA THR B 703 10.25 34.40 2.14
C THR B 703 10.01 33.12 1.35
N ASN B 704 9.01 32.34 1.77
CA ASN B 704 8.56 31.21 0.97
C ASN B 704 7.79 31.76 -0.21
N THR B 705 8.50 32.10 -1.28
CA THR B 705 7.96 32.95 -2.31
C THR B 705 6.99 32.26 -3.25
N THR B 706 6.78 30.95 -3.11
CA THR B 706 5.80 30.21 -3.92
C THR B 706 4.85 29.43 -3.02
N PRO B 707 3.91 30.09 -2.35
CA PRO B 707 2.95 29.36 -1.51
C PRO B 707 1.78 28.86 -2.33
N TYR B 708 1.03 27.95 -1.74
CA TYR B 708 -0.14 27.38 -2.41
C TYR B 708 -1.34 28.28 -2.13
N THR B 709 -1.98 28.76 -3.18
CA THR B 709 -3.07 29.71 -3.06
C THR B 709 -4.34 29.13 -3.65
N VAL B 710 -5.47 29.45 -3.04
CA VAL B 710 -6.78 29.22 -3.63
C VAL B 710 -7.47 30.56 -3.77
N VAL B 711 -8.55 30.58 -4.53
CA VAL B 711 -9.34 31.77 -4.70
C VAL B 711 -10.52 31.71 -3.74
N GLN B 712 -11.18 32.84 -3.55
CA GLN B 712 -12.21 32.96 -2.54
C GLN B 712 -13.58 32.45 -2.99
N SER B 713 -13.63 31.60 -4.01
CA SER B 713 -14.86 30.93 -4.37
C SER B 713 -14.71 29.42 -4.44
N MET B 714 -13.54 28.89 -4.12
CA MET B 714 -13.37 27.45 -4.01
C MET B 714 -14.18 26.93 -2.84
N SER B 715 -14.70 25.72 -2.99
CA SER B 715 -15.41 25.11 -1.88
C SER B 715 -14.43 24.71 -0.80
N VAL B 716 -14.95 24.52 0.42
CA VAL B 716 -14.10 24.08 1.51
C VAL B 716 -13.66 22.64 1.28
N ALA B 717 -14.49 21.87 0.56
CA ALA B 717 -14.16 20.49 0.26
C ALA B 717 -12.93 20.37 -0.62
N LYS B 718 -12.87 21.18 -1.68
CA LYS B 718 -11.71 21.13 -2.58
C LYS B 718 -10.46 21.72 -1.93
N ALA B 719 -10.63 22.74 -1.08
CA ALA B 719 -9.50 23.29 -0.36
C ALA B 719 -8.95 22.30 0.65
N LEU B 720 -9.82 21.53 1.29
CA LEU B 720 -9.37 20.49 2.21
C LEU B 720 -8.68 19.35 1.47
N VAL B 721 -9.17 19.01 0.27
CA VAL B 721 -8.54 17.97 -0.52
C VAL B 721 -7.14 18.39 -0.96
N LEU B 722 -6.97 19.65 -1.36
CA LEU B 722 -5.64 20.18 -1.69
C LEU B 722 -4.74 20.23 -0.46
N PHE B 723 -5.29 20.70 0.66
CA PHE B 723 -4.57 20.83 1.92
C PHE B 723 -4.03 19.50 2.40
N ARG B 724 -4.84 18.46 2.34
CA ARG B 724 -4.39 17.17 2.81
C ARG B 724 -3.55 16.43 1.79
N SER B 725 -3.75 16.69 0.49
CA SER B 725 -3.01 15.93 -0.49
C SER B 725 -1.61 16.45 -0.68
N VAL B 726 -1.35 17.73 -0.42
CA VAL B 726 -0.02 18.27 -0.68
C VAL B 726 0.87 18.29 0.57
N GLY B 727 0.29 18.34 1.77
CA GLY B 727 1.09 18.68 2.93
C GLY B 727 0.57 19.93 3.60
N LEU B 728 1.27 21.05 3.40
CA LEU B 728 0.68 22.38 3.57
C LEU B 728 0.23 22.76 4.97
N ARG B 729 1.16 23.16 5.83
CA ARG B 729 0.80 23.84 7.06
C ARG B 729 -0.11 25.06 6.82
N HIS B 730 0.19 25.86 5.79
CA HIS B 730 -0.56 27.09 5.52
C HIS B 730 -1.00 27.15 4.07
N LEU B 731 -2.15 27.79 3.85
CA LEU B 731 -2.78 27.88 2.53
C LEU B 731 -3.35 29.28 2.38
N LEU B 732 -2.77 30.08 1.49
CA LEU B 732 -3.22 31.45 1.30
C LEU B 732 -4.56 31.46 0.58
N VAL B 733 -5.21 32.63 0.60
CA VAL B 733 -6.46 32.86 -0.12
C VAL B 733 -6.31 34.18 -0.86
N VAL B 734 -6.13 34.11 -2.18
CA VAL B 734 -6.00 35.31 -3.00
C VAL B 734 -7.38 35.67 -3.53
N PRO B 735 -7.67 36.92 -3.88
CA PRO B 735 -9.00 37.24 -4.40
C PRO B 735 -9.20 36.71 -5.81
N LYS B 736 -10.45 36.83 -6.28
CA LYS B 736 -10.84 36.28 -7.58
C LYS B 736 -10.21 37.07 -8.73
N ILE B 737 -10.56 38.35 -8.84
CA ILE B 737 -10.05 39.21 -9.89
C ILE B 737 -8.68 39.78 -9.49
N SER B 743 -5.27 44.82 -1.62
CA SER B 743 -5.41 43.69 -0.71
C SER B 743 -5.32 42.35 -1.45
N PRO B 744 -4.14 41.92 -1.87
CA PRO B 744 -4.02 40.66 -2.61
C PRO B 744 -4.08 39.40 -1.77
N VAL B 745 -4.24 39.51 -0.45
CA VAL B 745 -4.51 38.37 0.43
C VAL B 745 -5.70 38.71 1.31
N ILE B 746 -6.59 37.75 1.50
CA ILE B 746 -7.77 37.99 2.31
C ILE B 746 -7.97 36.87 3.31
N GLY B 747 -6.90 36.16 3.63
CA GLY B 747 -7.00 35.15 4.67
C GLY B 747 -6.00 34.03 4.54
N ILE B 748 -5.77 33.31 5.62
CA ILE B 748 -4.95 32.09 5.60
C ILE B 748 -5.79 30.99 6.22
N LEU B 749 -5.88 29.86 5.52
CA LEU B 749 -6.50 28.67 6.05
C LEU B 749 -5.43 27.75 6.62
N THR B 750 -5.69 27.19 7.79
CA THR B 750 -4.80 26.24 8.42
C THR B 750 -5.57 24.99 8.80
N ARG B 751 -4.93 24.10 9.55
CA ARG B 751 -5.55 22.85 9.97
C ARG B 751 -6.74 23.11 10.90
N GLN B 752 -6.67 24.17 11.69
CA GLN B 752 -7.75 24.50 12.62
C GLN B 752 -9.01 24.95 11.90
N ASP B 753 -8.87 25.53 10.70
CA ASP B 753 -10.03 26.04 9.98
C ASP B 753 -10.72 25.00 9.13
N LEU B 754 -10.05 23.93 8.74
CA LEU B 754 -10.60 22.99 7.78
C LEU B 754 -11.15 21.73 8.42
N ARG B 755 -11.04 21.57 9.72
CA ARG B 755 -11.66 20.44 10.39
C ARG B 755 -13.15 20.68 10.51
N ALA B 756 -13.94 19.61 10.37
CA ALA B 756 -15.40 19.76 10.31
C ALA B 756 -15.98 20.15 11.66
N TYR B 757 -15.30 19.80 12.75
CA TYR B 757 -15.81 20.14 14.07
C TYR B 757 -15.71 21.64 14.34
N ASN B 758 -14.72 22.31 13.76
CA ASN B 758 -14.64 23.75 13.93
C ASN B 758 -15.57 24.51 12.99
N ILE B 759 -15.79 23.97 11.80
CA ILE B 759 -16.67 24.63 10.84
C ILE B 759 -18.12 24.50 11.27
N LEU B 760 -18.49 23.36 11.85
CA LEU B 760 -19.86 23.16 12.30
C LEU B 760 -20.23 24.03 13.50
N GLN B 761 -19.23 24.51 14.25
CA GLN B 761 -19.51 25.39 15.38
C GLN B 761 -19.74 26.82 14.95
N ALA B 762 -19.19 27.22 13.80
CA ALA B 762 -19.42 28.57 13.29
C ALA B 762 -20.71 28.68 12.49
N PHE B 763 -20.99 27.69 11.64
CA PHE B 763 -22.18 27.66 10.80
C PHE B 763 -22.99 26.43 11.18
N PRO B 764 -23.79 26.50 12.24
CA PRO B 764 -24.50 25.30 12.73
C PRO B 764 -25.71 24.92 11.90
N HIS B 765 -26.07 25.69 10.87
CA HIS B 765 -27.20 25.36 10.02
C HIS B 765 -26.82 24.47 8.84
N LEU B 766 -25.61 23.91 8.85
CA LEU B 766 -25.15 23.11 7.72
C LEU B 766 -25.63 21.67 7.79
N ASP B 767 -25.33 20.98 8.88
CA ASP B 767 -25.72 19.58 9.03
C ASP B 767 -27.21 19.43 9.26
#